data_3BPV
# 
_entry.id   3BPV 
# 
_audit_conform.dict_name       mmcif_pdbx.dic 
_audit_conform.dict_version    5.387 
_audit_conform.dict_location   http://mmcif.pdb.org/dictionaries/ascii/mmcif_pdbx.dic 
# 
loop_
_database_2.database_id 
_database_2.database_code 
_database_2.pdbx_database_accession 
_database_2.pdbx_DOI 
PDB   3BPV         pdb_00003bpv 10.2210/pdb3bpv/pdb 
RCSB  RCSB045818   ?            ?                   
WWPDB D_1000045818 ?            ?                   
# 
loop_
_pdbx_audit_revision_history.ordinal 
_pdbx_audit_revision_history.data_content_type 
_pdbx_audit_revision_history.major_revision 
_pdbx_audit_revision_history.minor_revision 
_pdbx_audit_revision_history.revision_date 
1 'Structure model' 1 0 2008-05-20 
2 'Structure model' 1 1 2011-07-13 
3 'Structure model' 1 2 2024-02-21 
# 
_pdbx_audit_revision_details.ordinal             1 
_pdbx_audit_revision_details.revision_ordinal    1 
_pdbx_audit_revision_details.data_content_type   'Structure model' 
_pdbx_audit_revision_details.provider            repository 
_pdbx_audit_revision_details.type                'Initial release' 
_pdbx_audit_revision_details.description         ? 
_pdbx_audit_revision_details.details             ? 
# 
loop_
_pdbx_audit_revision_group.ordinal 
_pdbx_audit_revision_group.revision_ordinal 
_pdbx_audit_revision_group.data_content_type 
_pdbx_audit_revision_group.group 
1 2 'Structure model' 'Version format compliance' 
2 3 'Structure model' 'Data collection'           
3 3 'Structure model' 'Database references'       
# 
loop_
_pdbx_audit_revision_category.ordinal 
_pdbx_audit_revision_category.revision_ordinal 
_pdbx_audit_revision_category.data_content_type 
_pdbx_audit_revision_category.category 
1 3 'Structure model' chem_comp_atom 
2 3 'Structure model' chem_comp_bond 
3 3 'Structure model' database_2     
# 
loop_
_pdbx_audit_revision_item.ordinal 
_pdbx_audit_revision_item.revision_ordinal 
_pdbx_audit_revision_item.data_content_type 
_pdbx_audit_revision_item.item 
1 3 'Structure model' '_database_2.pdbx_DOI'                
2 3 'Structure model' '_database_2.pdbx_database_accession' 
# 
_pdbx_database_status.status_code                     REL 
_pdbx_database_status.entry_id                        3BPV 
_pdbx_database_status.recvd_initial_deposition_date   2007-12-19 
_pdbx_database_status.deposit_site                    RCSB 
_pdbx_database_status.process_site                    RCSB 
_pdbx_database_status.status_code_sf                  REL 
_pdbx_database_status.status_code_mr                  ? 
_pdbx_database_status.SG_entry                        ? 
_pdbx_database_status.pdb_format_compatible           Y 
_pdbx_database_status.status_code_cs                  ? 
_pdbx_database_status.status_code_nmr_data            ? 
_pdbx_database_status.methods_development_category    ? 
# 
_pdbx_database_related.db_name        PDB 
_pdbx_database_related.db_id          3BPX 
_pdbx_database_related.details        'Crystal Structure of MarR' 
_pdbx_database_related.content_type   unspecified 
# 
loop_
_audit_author.name 
_audit_author.pdbx_ordinal 
'Saridakis, V.'   1 
'Shahinas, D.'    2 
'Xu, X.'          3 
'Christendat, D.' 4 
# 
_citation.id                        primary 
_citation.title                     
;Structural insight on the mechanism of regulation of the MarR family of proteins: high-resolution crystal structure of a transcriptional repressor from Methanobacterium thermoautotrophicum.
;
_citation.journal_abbrev            J.Mol.Biol. 
_citation.journal_volume            377 
_citation.page_first                655 
_citation.page_last                 667 
_citation.year                      2008 
_citation.journal_id_ASTM           JMOBAK 
_citation.country                   UK 
_citation.journal_id_ISSN           0022-2836 
_citation.journal_id_CSD            0070 
_citation.book_publisher            ? 
_citation.pdbx_database_id_PubMed   18272181 
_citation.pdbx_database_id_DOI      10.1016/j.jmb.2008.01.001 
# 
loop_
_citation_author.citation_id 
_citation_author.name 
_citation_author.ordinal 
_citation_author.identifier_ORCID 
primary 'Saridakis, V.'   1 ? 
primary 'Shahinas, D.'    2 ? 
primary 'Xu, X.'          3 ? 
primary 'Christendat, D.' 4 ? 
# 
loop_
_entity.id 
_entity.type 
_entity.src_method 
_entity.pdbx_description 
_entity.formula_weight 
_entity.pdbx_number_of_molecules 
_entity.pdbx_ec 
_entity.pdbx_mutation 
_entity.pdbx_fragment 
_entity.details 
1 polymer man 'Transcriptional regulator' 16579.301 1   ? ? ? ? 
2 water   nat water                       18.015    150 ? ? ? ? 
# 
_entity_poly.entity_id                      1 
_entity_poly.type                           'polypeptide(L)' 
_entity_poly.nstd_linkage                   no 
_entity_poly.nstd_monomer                   no 
_entity_poly.pdbx_seq_one_letter_code       
;IPLKGLLSIILRSHRVFIGRELGHLNLTDAQVACLLRIHREPGIKQDELATFFHVDKGTIARTLRRLEESGFIEREQDPE
NRRRYILEVTRRGEEIIPLILKVEERWEDLLFRDFTEDERKLFRKMCRRLAEEAVRMR
;
_entity_poly.pdbx_seq_one_letter_code_can   
;IPLKGLLSIILRSHRVFIGRELGHLNLTDAQVACLLRIHREPGIKQDELATFFHVDKGTIARTLRRLEESGFIEREQDPE
NRRRYILEVTRRGEEIIPLILKVEERWEDLLFRDFTEDERKLFRKMCRRLAEEAVRMR
;
_entity_poly.pdbx_strand_id                 A 
_entity_poly.pdbx_target_identifier         ? 
# 
_pdbx_entity_nonpoly.entity_id   2 
_pdbx_entity_nonpoly.name        water 
_pdbx_entity_nonpoly.comp_id     HOH 
# 
loop_
_entity_poly_seq.entity_id 
_entity_poly_seq.num 
_entity_poly_seq.mon_id 
_entity_poly_seq.hetero 
1 1   ILE n 
1 2   PRO n 
1 3   LEU n 
1 4   LYS n 
1 5   GLY n 
1 6   LEU n 
1 7   LEU n 
1 8   SER n 
1 9   ILE n 
1 10  ILE n 
1 11  LEU n 
1 12  ARG n 
1 13  SER n 
1 14  HIS n 
1 15  ARG n 
1 16  VAL n 
1 17  PHE n 
1 18  ILE n 
1 19  GLY n 
1 20  ARG n 
1 21  GLU n 
1 22  LEU n 
1 23  GLY n 
1 24  HIS n 
1 25  LEU n 
1 26  ASN n 
1 27  LEU n 
1 28  THR n 
1 29  ASP n 
1 30  ALA n 
1 31  GLN n 
1 32  VAL n 
1 33  ALA n 
1 34  CYS n 
1 35  LEU n 
1 36  LEU n 
1 37  ARG n 
1 38  ILE n 
1 39  HIS n 
1 40  ARG n 
1 41  GLU n 
1 42  PRO n 
1 43  GLY n 
1 44  ILE n 
1 45  LYS n 
1 46  GLN n 
1 47  ASP n 
1 48  GLU n 
1 49  LEU n 
1 50  ALA n 
1 51  THR n 
1 52  PHE n 
1 53  PHE n 
1 54  HIS n 
1 55  VAL n 
1 56  ASP n 
1 57  LYS n 
1 58  GLY n 
1 59  THR n 
1 60  ILE n 
1 61  ALA n 
1 62  ARG n 
1 63  THR n 
1 64  LEU n 
1 65  ARG n 
1 66  ARG n 
1 67  LEU n 
1 68  GLU n 
1 69  GLU n 
1 70  SER n 
1 71  GLY n 
1 72  PHE n 
1 73  ILE n 
1 74  GLU n 
1 75  ARG n 
1 76  GLU n 
1 77  GLN n 
1 78  ASP n 
1 79  PRO n 
1 80  GLU n 
1 81  ASN n 
1 82  ARG n 
1 83  ARG n 
1 84  ARG n 
1 85  TYR n 
1 86  ILE n 
1 87  LEU n 
1 88  GLU n 
1 89  VAL n 
1 90  THR n 
1 91  ARG n 
1 92  ARG n 
1 93  GLY n 
1 94  GLU n 
1 95  GLU n 
1 96  ILE n 
1 97  ILE n 
1 98  PRO n 
1 99  LEU n 
1 100 ILE n 
1 101 LEU n 
1 102 LYS n 
1 103 VAL n 
1 104 GLU n 
1 105 GLU n 
1 106 ARG n 
1 107 TRP n 
1 108 GLU n 
1 109 ASP n 
1 110 LEU n 
1 111 LEU n 
1 112 PHE n 
1 113 ARG n 
1 114 ASP n 
1 115 PHE n 
1 116 THR n 
1 117 GLU n 
1 118 ASP n 
1 119 GLU n 
1 120 ARG n 
1 121 LYS n 
1 122 LEU n 
1 123 PHE n 
1 124 ARG n 
1 125 LYS n 
1 126 MET n 
1 127 CYS n 
1 128 ARG n 
1 129 ARG n 
1 130 LEU n 
1 131 ALA n 
1 132 GLU n 
1 133 GLU n 
1 134 ALA n 
1 135 VAL n 
1 136 ARG n 
1 137 MET n 
1 138 ARG n 
# 
_entity_src_gen.entity_id                          1 
_entity_src_gen.pdbx_src_id                        1 
_entity_src_gen.pdbx_alt_source_flag               sample 
_entity_src_gen.pdbx_seq_type                      ? 
_entity_src_gen.pdbx_beg_seq_num                   ? 
_entity_src_gen.pdbx_end_seq_num                   ? 
_entity_src_gen.gene_src_common_name               ? 
_entity_src_gen.gene_src_genus                     ? 
_entity_src_gen.pdbx_gene_src_gene                 MTH313,MTH_313 
_entity_src_gen.gene_src_species                   ? 
_entity_src_gen.gene_src_strain                    ? 
_entity_src_gen.gene_src_tissue                    ? 
_entity_src_gen.gene_src_tissue_fraction           ? 
_entity_src_gen.gene_src_details                   ? 
_entity_src_gen.pdbx_gene_src_fragment             ? 
_entity_src_gen.pdbx_gene_src_scientific_name      'Methanobacterium thermoautotrophicum' 
_entity_src_gen.pdbx_gene_src_ncbi_taxonomy_id     ? 
_entity_src_gen.pdbx_gene_src_variant              ? 
_entity_src_gen.pdbx_gene_src_cell_line            ? 
_entity_src_gen.pdbx_gene_src_atcc                 ? 
_entity_src_gen.pdbx_gene_src_organ                ? 
_entity_src_gen.pdbx_gene_src_organelle            ? 
_entity_src_gen.pdbx_gene_src_cell                 ? 
_entity_src_gen.pdbx_gene_src_cellular_location    ? 
_entity_src_gen.host_org_common_name               ? 
_entity_src_gen.pdbx_host_org_scientific_name      'Escherichia coli' 
_entity_src_gen.pdbx_host_org_ncbi_taxonomy_id     ? 
_entity_src_gen.host_org_genus                     ? 
_entity_src_gen.pdbx_host_org_gene                 ? 
_entity_src_gen.pdbx_host_org_organ                ? 
_entity_src_gen.host_org_species                   ? 
_entity_src_gen.pdbx_host_org_tissue               ? 
_entity_src_gen.pdbx_host_org_tissue_fraction      ? 
_entity_src_gen.pdbx_host_org_strain               'BL21(DE3)' 
_entity_src_gen.pdbx_host_org_variant              ? 
_entity_src_gen.pdbx_host_org_cell_line            ? 
_entity_src_gen.pdbx_host_org_atcc                 ? 
_entity_src_gen.pdbx_host_org_culture_collection   ? 
_entity_src_gen.pdbx_host_org_cell                 ? 
_entity_src_gen.pdbx_host_org_organelle            ? 
_entity_src_gen.pdbx_host_org_cellular_location    ? 
_entity_src_gen.pdbx_host_org_vector_type          ? 
_entity_src_gen.pdbx_host_org_vector               pET15B 
_entity_src_gen.host_org_details                   ? 
_entity_src_gen.expression_system_id               ? 
_entity_src_gen.plasmid_name                       ? 
_entity_src_gen.plasmid_details                    ? 
_entity_src_gen.pdbx_description                   ? 
# 
loop_
_chem_comp.id 
_chem_comp.type 
_chem_comp.mon_nstd_flag 
_chem_comp.name 
_chem_comp.pdbx_synonyms 
_chem_comp.formula 
_chem_comp.formula_weight 
ALA 'L-peptide linking' y ALANINE         ? 'C3 H7 N O2'     89.093  
ARG 'L-peptide linking' y ARGININE        ? 'C6 H15 N4 O2 1' 175.209 
ASN 'L-peptide linking' y ASPARAGINE      ? 'C4 H8 N2 O3'    132.118 
ASP 'L-peptide linking' y 'ASPARTIC ACID' ? 'C4 H7 N O4'     133.103 
CYS 'L-peptide linking' y CYSTEINE        ? 'C3 H7 N O2 S'   121.158 
GLN 'L-peptide linking' y GLUTAMINE       ? 'C5 H10 N2 O3'   146.144 
GLU 'L-peptide linking' y 'GLUTAMIC ACID' ? 'C5 H9 N O4'     147.129 
GLY 'peptide linking'   y GLYCINE         ? 'C2 H5 N O2'     75.067  
HIS 'L-peptide linking' y HISTIDINE       ? 'C6 H10 N3 O2 1' 156.162 
HOH non-polymer         . WATER           ? 'H2 O'           18.015  
ILE 'L-peptide linking' y ISOLEUCINE      ? 'C6 H13 N O2'    131.173 
LEU 'L-peptide linking' y LEUCINE         ? 'C6 H13 N O2'    131.173 
LYS 'L-peptide linking' y LYSINE          ? 'C6 H15 N2 O2 1' 147.195 
MET 'L-peptide linking' y METHIONINE      ? 'C5 H11 N O2 S'  149.211 
PHE 'L-peptide linking' y PHENYLALANINE   ? 'C9 H11 N O2'    165.189 
PRO 'L-peptide linking' y PROLINE         ? 'C5 H9 N O2'     115.130 
SER 'L-peptide linking' y SERINE          ? 'C3 H7 N O3'     105.093 
THR 'L-peptide linking' y THREONINE       ? 'C4 H9 N O3'     119.119 
TRP 'L-peptide linking' y TRYPTOPHAN      ? 'C11 H12 N2 O2'  204.225 
TYR 'L-peptide linking' y TYROSINE        ? 'C9 H11 N O3'    181.189 
VAL 'L-peptide linking' y VALINE          ? 'C5 H11 N O2'    117.146 
# 
loop_
_pdbx_poly_seq_scheme.asym_id 
_pdbx_poly_seq_scheme.entity_id 
_pdbx_poly_seq_scheme.seq_id 
_pdbx_poly_seq_scheme.mon_id 
_pdbx_poly_seq_scheme.ndb_seq_num 
_pdbx_poly_seq_scheme.pdb_seq_num 
_pdbx_poly_seq_scheme.auth_seq_num 
_pdbx_poly_seq_scheme.pdb_mon_id 
_pdbx_poly_seq_scheme.auth_mon_id 
_pdbx_poly_seq_scheme.pdb_strand_id 
_pdbx_poly_seq_scheme.pdb_ins_code 
_pdbx_poly_seq_scheme.hetero 
A 1 1   ILE 1   5   5   ILE ILE A . n 
A 1 2   PRO 2   6   6   PRO PRO A . n 
A 1 3   LEU 3   7   7   LEU LEU A . n 
A 1 4   LYS 4   8   8   LYS LYS A . n 
A 1 5   GLY 5   9   9   GLY GLY A . n 
A 1 6   LEU 6   10  10  LEU LEU A . n 
A 1 7   LEU 7   11  11  LEU LEU A . n 
A 1 8   SER 8   12  12  SER SER A . n 
A 1 9   ILE 9   13  13  ILE ILE A . n 
A 1 10  ILE 10  14  14  ILE ILE A . n 
A 1 11  LEU 11  15  15  LEU LEU A . n 
A 1 12  ARG 12  16  16  ARG ARG A . n 
A 1 13  SER 13  17  17  SER SER A . n 
A 1 14  HIS 14  18  18  HIS HIS A . n 
A 1 15  ARG 15  19  19  ARG ARG A . n 
A 1 16  VAL 16  20  20  VAL VAL A . n 
A 1 17  PHE 17  21  21  PHE PHE A . n 
A 1 18  ILE 18  22  22  ILE ILE A . n 
A 1 19  GLY 19  23  23  GLY GLY A . n 
A 1 20  ARG 20  24  24  ARG ARG A . n 
A 1 21  GLU 21  25  25  GLU GLU A . n 
A 1 22  LEU 22  26  26  LEU LEU A . n 
A 1 23  GLY 23  27  27  GLY GLY A . n 
A 1 24  HIS 24  28  28  HIS HIS A . n 
A 1 25  LEU 25  29  29  LEU LEU A . n 
A 1 26  ASN 26  30  30  ASN ASN A . n 
A 1 27  LEU 27  31  31  LEU LEU A . n 
A 1 28  THR 28  32  32  THR THR A . n 
A 1 29  ASP 29  33  33  ASP ASP A . n 
A 1 30  ALA 30  34  34  ALA ALA A . n 
A 1 31  GLN 31  35  35  GLN GLN A . n 
A 1 32  VAL 32  36  36  VAL VAL A . n 
A 1 33  ALA 33  37  37  ALA ALA A . n 
A 1 34  CYS 34  38  38  CYS CYS A . n 
A 1 35  LEU 35  39  39  LEU LEU A . n 
A 1 36  LEU 36  40  40  LEU LEU A . n 
A 1 37  ARG 37  41  41  ARG ARG A . n 
A 1 38  ILE 38  42  42  ILE ILE A . n 
A 1 39  HIS 39  43  43  HIS HIS A . n 
A 1 40  ARG 40  44  44  ARG ARG A . n 
A 1 41  GLU 41  45  45  GLU GLU A . n 
A 1 42  PRO 42  46  46  PRO PRO A . n 
A 1 43  GLY 43  47  47  GLY GLY A . n 
A 1 44  ILE 44  48  48  ILE ILE A . n 
A 1 45  LYS 45  49  49  LYS LYS A . n 
A 1 46  GLN 46  50  50  GLN GLN A . n 
A 1 47  ASP 47  51  51  ASP ASP A . n 
A 1 48  GLU 48  52  52  GLU GLU A . n 
A 1 49  LEU 49  53  53  LEU LEU A . n 
A 1 50  ALA 50  54  54  ALA ALA A . n 
A 1 51  THR 51  55  55  THR THR A . n 
A 1 52  PHE 52  56  56  PHE PHE A . n 
A 1 53  PHE 53  57  57  PHE PHE A . n 
A 1 54  HIS 54  58  58  HIS HIS A . n 
A 1 55  VAL 55  59  59  VAL VAL A . n 
A 1 56  ASP 56  60  60  ASP ASP A . n 
A 1 57  LYS 57  61  61  LYS LYS A . n 
A 1 58  GLY 58  62  62  GLY GLY A . n 
A 1 59  THR 59  63  63  THR THR A . n 
A 1 60  ILE 60  64  64  ILE ILE A . n 
A 1 61  ALA 61  65  65  ALA ALA A . n 
A 1 62  ARG 62  66  66  ARG ARG A . n 
A 1 63  THR 63  67  67  THR THR A . n 
A 1 64  LEU 64  68  68  LEU LEU A . n 
A 1 65  ARG 65  69  69  ARG ARG A . n 
A 1 66  ARG 66  70  70  ARG ARG A . n 
A 1 67  LEU 67  71  71  LEU LEU A . n 
A 1 68  GLU 68  72  72  GLU GLU A . n 
A 1 69  GLU 69  73  73  GLU GLU A . n 
A 1 70  SER 70  74  74  SER SER A . n 
A 1 71  GLY 71  75  75  GLY GLY A . n 
A 1 72  PHE 72  76  76  PHE PHE A . n 
A 1 73  ILE 73  77  77  ILE ILE A . n 
A 1 74  GLU 74  78  78  GLU GLU A . n 
A 1 75  ARG 75  79  79  ARG ARG A . n 
A 1 76  GLU 76  80  80  GLU GLU A . n 
A 1 77  GLN 77  81  81  GLN GLN A . n 
A 1 78  ASP 78  82  82  ASP ASP A . n 
A 1 79  PRO 79  83  83  PRO PRO A . n 
A 1 80  GLU 80  84  84  GLU GLU A . n 
A 1 81  ASN 81  85  85  ASN ASN A . n 
A 1 82  ARG 82  86  86  ARG ARG A . n 
A 1 83  ARG 83  87  87  ARG ARG A . n 
A 1 84  ARG 84  88  88  ARG ARG A . n 
A 1 85  TYR 85  89  89  TYR TYR A . n 
A 1 86  ILE 86  90  90  ILE ILE A . n 
A 1 87  LEU 87  91  91  LEU LEU A . n 
A 1 88  GLU 88  92  92  GLU GLU A . n 
A 1 89  VAL 89  93  93  VAL VAL A . n 
A 1 90  THR 90  94  94  THR THR A . n 
A 1 91  ARG 91  95  95  ARG ARG A . n 
A 1 92  ARG 92  96  96  ARG ARG A . n 
A 1 93  GLY 93  97  97  GLY GLY A . n 
A 1 94  GLU 94  98  98  GLU GLU A . n 
A 1 95  GLU 95  99  99  GLU GLU A . n 
A 1 96  ILE 96  100 100 ILE ILE A . n 
A 1 97  ILE 97  101 101 ILE ILE A . n 
A 1 98  PRO 98  102 102 PRO PRO A . n 
A 1 99  LEU 99  103 103 LEU LEU A . n 
A 1 100 ILE 100 104 104 ILE ILE A . n 
A 1 101 LEU 101 105 105 LEU LEU A . n 
A 1 102 LYS 102 106 106 LYS LYS A . n 
A 1 103 VAL 103 107 107 VAL VAL A . n 
A 1 104 GLU 104 108 108 GLU GLU A . n 
A 1 105 GLU 105 109 109 GLU GLU A . n 
A 1 106 ARG 106 110 110 ARG ARG A . n 
A 1 107 TRP 107 111 111 TRP TRP A . n 
A 1 108 GLU 108 112 112 GLU GLU A . n 
A 1 109 ASP 109 113 113 ASP ASP A . n 
A 1 110 LEU 110 114 114 LEU LEU A . n 
A 1 111 LEU 111 115 115 LEU LEU A . n 
A 1 112 PHE 112 116 116 PHE PHE A . n 
A 1 113 ARG 113 117 117 ARG ARG A . n 
A 1 114 ASP 114 118 118 ASP ASP A . n 
A 1 115 PHE 115 119 119 PHE PHE A . n 
A 1 116 THR 116 120 120 THR THR A . n 
A 1 117 GLU 117 121 121 GLU GLU A . n 
A 1 118 ASP 118 122 122 ASP ASP A . n 
A 1 119 GLU 119 123 123 GLU GLU A . n 
A 1 120 ARG 120 124 124 ARG ARG A . n 
A 1 121 LYS 121 125 125 LYS LYS A . n 
A 1 122 LEU 122 126 126 LEU LEU A . n 
A 1 123 PHE 123 127 127 PHE PHE A . n 
A 1 124 ARG 124 128 128 ARG ARG A . n 
A 1 125 LYS 125 129 129 LYS LYS A . n 
A 1 126 MET 126 130 130 MET MET A . n 
A 1 127 CYS 127 131 131 CYS CYS A . n 
A 1 128 ARG 128 132 132 ARG ARG A . n 
A 1 129 ARG 129 133 133 ARG ARG A . n 
A 1 130 LEU 130 134 134 LEU LEU A . n 
A 1 131 ALA 131 135 135 ALA ALA A . n 
A 1 132 GLU 132 136 136 GLU GLU A . n 
A 1 133 GLU 133 137 137 GLU GLU A . n 
A 1 134 ALA 134 138 138 ALA ALA A . n 
A 1 135 VAL 135 139 139 VAL VAL A . n 
A 1 136 ARG 136 140 140 ARG ARG A . n 
A 1 137 MET 137 141 141 MET MET A . n 
A 1 138 ARG 138 142 ?   ?   ?   A . n 
# 
loop_
_pdbx_nonpoly_scheme.asym_id 
_pdbx_nonpoly_scheme.entity_id 
_pdbx_nonpoly_scheme.mon_id 
_pdbx_nonpoly_scheme.ndb_seq_num 
_pdbx_nonpoly_scheme.pdb_seq_num 
_pdbx_nonpoly_scheme.auth_seq_num 
_pdbx_nonpoly_scheme.pdb_mon_id 
_pdbx_nonpoly_scheme.auth_mon_id 
_pdbx_nonpoly_scheme.pdb_strand_id 
_pdbx_nonpoly_scheme.pdb_ins_code 
B 2 HOH 1   143 1   HOH TIP A . 
B 2 HOH 2   144 2   HOH TIP A . 
B 2 HOH 3   145 3   HOH TIP A . 
B 2 HOH 4   146 4   HOH TIP A . 
B 2 HOH 5   147 5   HOH TIP A . 
B 2 HOH 6   148 6   HOH TIP A . 
B 2 HOH 7   149 7   HOH TIP A . 
B 2 HOH 8   150 8   HOH TIP A . 
B 2 HOH 9   151 9   HOH TIP A . 
B 2 HOH 10  152 10  HOH TIP A . 
B 2 HOH 11  153 11  HOH TIP A . 
B 2 HOH 12  154 12  HOH TIP A . 
B 2 HOH 13  155 13  HOH TIP A . 
B 2 HOH 14  156 14  HOH TIP A . 
B 2 HOH 15  157 15  HOH TIP A . 
B 2 HOH 16  158 16  HOH TIP A . 
B 2 HOH 17  159 17  HOH TIP A . 
B 2 HOH 18  160 18  HOH TIP A . 
B 2 HOH 19  161 19  HOH TIP A . 
B 2 HOH 20  162 20  HOH TIP A . 
B 2 HOH 21  163 21  HOH TIP A . 
B 2 HOH 22  164 22  HOH TIP A . 
B 2 HOH 23  165 23  HOH TIP A . 
B 2 HOH 24  166 24  HOH TIP A . 
B 2 HOH 25  167 25  HOH TIP A . 
B 2 HOH 26  168 26  HOH TIP A . 
B 2 HOH 27  169 27  HOH TIP A . 
B 2 HOH 28  170 28  HOH TIP A . 
B 2 HOH 29  171 29  HOH TIP A . 
B 2 HOH 30  172 30  HOH TIP A . 
B 2 HOH 31  173 31  HOH TIP A . 
B 2 HOH 32  174 32  HOH TIP A . 
B 2 HOH 33  175 33  HOH TIP A . 
B 2 HOH 34  176 34  HOH TIP A . 
B 2 HOH 35  177 35  HOH TIP A . 
B 2 HOH 36  178 36  HOH TIP A . 
B 2 HOH 37  179 37  HOH TIP A . 
B 2 HOH 38  180 38  HOH TIP A . 
B 2 HOH 39  181 39  HOH TIP A . 
B 2 HOH 40  182 40  HOH TIP A . 
B 2 HOH 41  183 41  HOH TIP A . 
B 2 HOH 42  184 42  HOH TIP A . 
B 2 HOH 43  185 43  HOH TIP A . 
B 2 HOH 44  186 44  HOH TIP A . 
B 2 HOH 45  187 46  HOH TIP A . 
B 2 HOH 46  188 47  HOH TIP A . 
B 2 HOH 47  189 48  HOH TIP A . 
B 2 HOH 48  190 49  HOH TIP A . 
B 2 HOH 49  191 50  HOH TIP A . 
B 2 HOH 50  192 51  HOH TIP A . 
B 2 HOH 51  193 52  HOH TIP A . 
B 2 HOH 52  194 53  HOH TIP A . 
B 2 HOH 53  195 55  HOH TIP A . 
B 2 HOH 54  196 56  HOH TIP A . 
B 2 HOH 55  197 57  HOH TIP A . 
B 2 HOH 56  198 58  HOH TIP A . 
B 2 HOH 57  199 59  HOH TIP A . 
B 2 HOH 58  200 60  HOH TIP A . 
B 2 HOH 59  201 61  HOH TIP A . 
B 2 HOH 60  202 62  HOH TIP A . 
B 2 HOH 61  203 63  HOH TIP A . 
B 2 HOH 62  204 64  HOH TIP A . 
B 2 HOH 63  205 65  HOH TIP A . 
B 2 HOH 64  206 66  HOH TIP A . 
B 2 HOH 65  207 67  HOH TIP A . 
B 2 HOH 66  208 68  HOH TIP A . 
B 2 HOH 67  209 69  HOH TIP A . 
B 2 HOH 68  210 70  HOH TIP A . 
B 2 HOH 69  211 72  HOH TIP A . 
B 2 HOH 70  212 73  HOH TIP A . 
B 2 HOH 71  213 74  HOH TIP A . 
B 2 HOH 72  214 75  HOH TIP A . 
B 2 HOH 73  215 76  HOH TIP A . 
B 2 HOH 74  216 77  HOH TIP A . 
B 2 HOH 75  217 78  HOH TIP A . 
B 2 HOH 76  218 79  HOH TIP A . 
B 2 HOH 77  219 80  HOH TIP A . 
B 2 HOH 78  220 81  HOH TIP A . 
B 2 HOH 79  221 82  HOH TIP A . 
B 2 HOH 80  222 84  HOH TIP A . 
B 2 HOH 81  223 85  HOH TIP A . 
B 2 HOH 82  224 86  HOH TIP A . 
B 2 HOH 83  225 87  HOH TIP A . 
B 2 HOH 84  226 88  HOH TIP A . 
B 2 HOH 85  227 90  HOH TIP A . 
B 2 HOH 86  228 91  HOH TIP A . 
B 2 HOH 87  229 92  HOH TIP A . 
B 2 HOH 88  230 93  HOH TIP A . 
B 2 HOH 89  231 94  HOH TIP A . 
B 2 HOH 90  232 95  HOH TIP A . 
B 2 HOH 91  233 100 HOH TIP A . 
B 2 HOH 92  234 101 HOH TIP A . 
B 2 HOH 93  235 102 HOH TIP A . 
B 2 HOH 94  236 103 HOH TIP A . 
B 2 HOH 95  237 104 HOH TIP A . 
B 2 HOH 96  238 105 HOH TIP A . 
B 2 HOH 97  239 107 HOH TIP A . 
B 2 HOH 98  240 108 HOH TIP A . 
B 2 HOH 99  241 109 HOH TIP A . 
B 2 HOH 100 242 110 HOH TIP A . 
B 2 HOH 101 243 112 HOH TIP A . 
B 2 HOH 102 244 114 HOH TIP A . 
B 2 HOH 103 245 115 HOH TIP A . 
B 2 HOH 104 246 117 HOH TIP A . 
B 2 HOH 105 247 118 HOH TIP A . 
B 2 HOH 106 248 121 HOH TIP A . 
B 2 HOH 107 249 122 HOH TIP A . 
B 2 HOH 108 250 125 HOH TIP A . 
B 2 HOH 109 251 131 HOH TIP A . 
B 2 HOH 110 252 132 HOH TIP A . 
B 2 HOH 111 253 133 HOH TIP A . 
B 2 HOH 112 254 135 HOH TIP A . 
B 2 HOH 113 255 136 HOH TIP A . 
B 2 HOH 114 256 141 HOH TIP A . 
B 2 HOH 115 257 143 HOH TIP A . 
B 2 HOH 116 258 144 HOH TIP A . 
B 2 HOH 117 259 149 HOH TIP A . 
B 2 HOH 118 260 151 HOH TIP A . 
B 2 HOH 119 261 161 HOH TIP A . 
B 2 HOH 120 262 162 HOH TIP A . 
B 2 HOH 121 263 163 HOH TIP A . 
B 2 HOH 122 264 200 HOH TIP A . 
B 2 HOH 123 265 201 HOH TIP A . 
B 2 HOH 124 266 203 HOH TIP A . 
B 2 HOH 125 267 205 HOH TIP A . 
B 2 HOH 126 268 206 HOH TIP A . 
B 2 HOH 127 269 207 HOH TIP A . 
B 2 HOH 128 270 208 HOH TIP A . 
B 2 HOH 129 271 209 HOH TIP A . 
B 2 HOH 130 272 300 HOH TIP A . 
B 2 HOH 131 273 303 HOH TIP A . 
B 2 HOH 132 274 305 HOH TIP A . 
B 2 HOH 133 275 306 HOH TIP A . 
B 2 HOH 134 276 309 HOH TIP A . 
B 2 HOH 135 277 310 HOH TIP A . 
B 2 HOH 136 278 311 HOH TIP A . 
B 2 HOH 137 279 350 HOH TIP A . 
B 2 HOH 138 280 351 HOH TIP A . 
B 2 HOH 139 281 354 HOH TIP A . 
B 2 HOH 140 282 356 HOH TIP A . 
B 2 HOH 141 283 359 HOH TIP A . 
B 2 HOH 142 284 360 HOH TIP A . 
B 2 HOH 143 285 362 HOH TIP A . 
B 2 HOH 144 286 364 HOH TIP A . 
B 2 HOH 145 287 365 HOH TIP A . 
B 2 HOH 146 288 366 HOH TIP A . 
B 2 HOH 147 289 368 HOH TIP A . 
B 2 HOH 148 290 369 HOH TIP A . 
B 2 HOH 149 291 370 HOH TIP A . 
B 2 HOH 150 292 371 HOH TIP A . 
# 
loop_
_software.name 
_software.classification 
_software.version 
_software.citation_id 
_software.pdbx_ordinal 
CNS      refinement       1.1 ? 1 
HKL-2000 'data reduction' .   ? 2 
HKL-2000 'data scaling'   .   ? 3 
SOLVE    phasing          .   ? 4 
# 
_cell.entry_id           3BPV 
_cell.length_a           43.442 
_cell.length_b           68.687 
_cell.length_c           92.555 
_cell.angle_alpha        90.00 
_cell.angle_beta         90.00 
_cell.angle_gamma        90.00 
_cell.Z_PDB              8 
_cell.pdbx_unique_axis   ? 
_cell.length_a_esd       ? 
_cell.length_b_esd       ? 
_cell.length_c_esd       ? 
_cell.angle_alpha_esd    ? 
_cell.angle_beta_esd     ? 
_cell.angle_gamma_esd    ? 
# 
_symmetry.entry_id                         3BPV 
_symmetry.space_group_name_H-M             'C 2 2 21' 
_symmetry.pdbx_full_space_group_name_H-M   ? 
_symmetry.cell_setting                     ? 
_symmetry.Int_Tables_number                20 
_symmetry.space_group_name_Hall            ? 
# 
_exptl.entry_id          3BPV 
_exptl.method            'X-RAY DIFFRACTION' 
_exptl.crystals_number   1 
# 
_exptl_crystal.id                    1 
_exptl_crystal.density_meas          ? 
_exptl_crystal.density_Matthews      2.08 
_exptl_crystal.density_percent_sol   40.93 
_exptl_crystal.description           ? 
_exptl_crystal.F_000                 ? 
_exptl_crystal.preparation           ? 
# 
_exptl_crystal_grow.crystal_id      1 
_exptl_crystal_grow.method          'VAPOR DIFFUSION, HANGING DROP' 
_exptl_crystal_grow.temp            296 
_exptl_crystal_grow.temp_details    ? 
_exptl_crystal_grow.pH              5.0 
_exptl_crystal_grow.pdbx_details    
;12% PEG 3350,    
8% isopropanol,    
0.1 M Na K tartrate,   
0.1 M Na citrate, pH 5.0, VAPOR DIFFUSION, HANGING DROP, temperature 296K
;
_exptl_crystal_grow.pdbx_pH_range   . 
# 
_diffrn.id                     1 
_diffrn.ambient_temp           100 
_diffrn.ambient_temp_details   ? 
_diffrn.crystal_id             1 
# 
_diffrn_detector.diffrn_id              1 
_diffrn_detector.detector               CCD 
_diffrn_detector.type                   ? 
_diffrn_detector.pdbx_collection_date   ? 
_diffrn_detector.details                ? 
# 
_diffrn_radiation.diffrn_id                        1 
_diffrn_radiation.wavelength_id                    1 
_diffrn_radiation.pdbx_monochromatic_or_laue_m_l   M 
_diffrn_radiation.monochromator                    ? 
_diffrn_radiation.pdbx_diffrn_protocol             'SINGLE WAVELENGTH' 
_diffrn_radiation.pdbx_scattering_type             x-ray 
# 
_diffrn_radiation_wavelength.id           1 
_diffrn_radiation_wavelength.wavelength   1.00 
_diffrn_radiation_wavelength.wt           1.0 
# 
_diffrn_source.diffrn_id                   1 
_diffrn_source.source                      SYNCHROTRON 
_diffrn_source.type                        'APS BEAMLINE 19-ID' 
_diffrn_source.pdbx_synchrotron_site       APS 
_diffrn_source.pdbx_synchrotron_beamline   19-ID 
_diffrn_source.pdbx_wavelength             ? 
_diffrn_source.pdbx_wavelength_list        1.00 
# 
_reflns.entry_id                     3BPV 
_reflns.observed_criterion_sigma_I   ? 
_reflns.observed_criterion_sigma_F   ? 
_reflns.d_resolution_low             15.0 
_reflns.d_resolution_high            1.4 
_reflns.number_obs                   26318 
_reflns.number_all                   ? 
_reflns.percent_possible_obs         99.3 
_reflns.pdbx_Rmerge_I_obs            ? 
_reflns.pdbx_Rsym_value              0.065 
_reflns.pdbx_netI_over_sigmaI        5 
_reflns.B_iso_Wilson_estimate        18.2 
_reflns.pdbx_redundancy              5 
_reflns.R_free_details               ? 
_reflns.limit_h_max                  ? 
_reflns.limit_h_min                  ? 
_reflns.limit_k_max                  ? 
_reflns.limit_k_min                  ? 
_reflns.limit_l_max                  ? 
_reflns.limit_l_min                  ? 
_reflns.observed_criterion_F_max     ? 
_reflns.observed_criterion_F_min     ? 
_reflns.pdbx_chi_squared             ? 
_reflns.pdbx_scaling_rejects         ? 
_reflns.pdbx_diffrn_id               1 
_reflns.pdbx_ordinal                 1 
# 
_refine.entry_id                                 3BPV 
_refine.ls_number_reflns_obs                     24864 
_refine.ls_number_reflns_all                     ? 
_refine.pdbx_ls_sigma_I                          ? 
_refine.pdbx_ls_sigma_F                          2.0 
_refine.pdbx_data_cutoff_high_absF               804387.36 
_refine.pdbx_data_cutoff_low_absF                0.000000 
_refine.pdbx_data_cutoff_high_rms_absF           ? 
_refine.ls_d_res_low                             13.33 
_refine.ls_d_res_high                            1.40 
_refine.ls_percent_reflns_obs                    90.0 
_refine.ls_R_factor_obs                          0.243 
_refine.ls_R_factor_all                          ? 
_refine.ls_R_factor_R_work                       0.243 
_refine.ls_R_factor_R_free                       0.264 
_refine.ls_R_factor_R_free_error                 0.007 
_refine.ls_R_factor_R_free_error_details         ? 
_refine.ls_percent_reflns_R_free                 6.2 
_refine.ls_number_reflns_R_free                  1543 
_refine.ls_number_parameters                     ? 
_refine.ls_number_restraints                     ? 
_refine.occupancy_min                            ? 
_refine.occupancy_max                            ? 
_refine.correlation_coeff_Fo_to_Fc               ? 
_refine.correlation_coeff_Fo_to_Fc_free          ? 
_refine.B_iso_mean                               22.8 
_refine.aniso_B[1][1]                            -0.58 
_refine.aniso_B[2][2]                            -5.02 
_refine.aniso_B[3][3]                            5.60 
_refine.aniso_B[1][2]                            0.00 
_refine.aniso_B[1][3]                            0.00 
_refine.aniso_B[2][3]                            0.00 
_refine.solvent_model_details                    'FLAT MODEL' 
_refine.solvent_model_param_ksol                 0.700576 
_refine.solvent_model_param_bsol                 94.3381 
_refine.pdbx_solvent_vdw_probe_radii             ? 
_refine.pdbx_solvent_ion_probe_radii             ? 
_refine.pdbx_solvent_shrinkage_radii             ? 
_refine.pdbx_ls_cross_valid_method               THROUGHOUT 
_refine.details                                  ? 
_refine.pdbx_starting_model                      ? 
_refine.pdbx_method_to_determine_struct          SAD 
_refine.pdbx_isotropic_thermal_model             RESTRAINED 
_refine.pdbx_stereochemistry_target_values       ? 
_refine.pdbx_stereochem_target_val_spec_case     ? 
_refine.pdbx_R_Free_selection_details            RANDOM 
_refine.pdbx_overall_ESU_R                       ? 
_refine.pdbx_overall_ESU_R_Free                  ? 
_refine.overall_SU_ML                            ? 
_refine.pdbx_overall_phase_error                 ? 
_refine.overall_SU_B                             ? 
_refine.ls_redundancy_reflns_obs                 ? 
_refine.B_iso_min                                ? 
_refine.B_iso_max                                ? 
_refine.overall_SU_R_Cruickshank_DPI             ? 
_refine.overall_SU_R_free                        ? 
_refine.ls_wR_factor_R_free                      ? 
_refine.ls_wR_factor_R_work                      ? 
_refine.overall_FOM_free_R_set                   ? 
_refine.overall_FOM_work_R_set                   ? 
_refine.pdbx_refine_id                           'X-RAY DIFFRACTION' 
_refine.pdbx_diffrn_id                           1 
_refine.pdbx_TLS_residual_ADP_flag               ? 
_refine.pdbx_overall_SU_R_free_Cruickshank_DPI   ? 
_refine.pdbx_overall_SU_R_Blow_DPI               ? 
_refine.pdbx_overall_SU_R_free_Blow_DPI          ? 
# 
_refine_analyze.entry_id                        3BPV 
_refine_analyze.Luzzati_coordinate_error_obs    0.19 
_refine_analyze.Luzzati_sigma_a_obs             0.09 
_refine_analyze.Luzzati_d_res_low_obs           5.00 
_refine_analyze.Luzzati_coordinate_error_free   0.20 
_refine_analyze.Luzzati_sigma_a_free            0.07 
_refine_analyze.Luzzati_d_res_low_free          ? 
_refine_analyze.number_disordered_residues      ? 
_refine_analyze.occupancy_sum_hydrogen          ? 
_refine_analyze.occupancy_sum_non_hydrogen      ? 
_refine_analyze.pdbx_Luzzati_d_res_high_obs     ? 
_refine_analyze.pdbx_refine_id                  'X-RAY DIFFRACTION' 
# 
_refine_hist.pdbx_refine_id                   'X-RAY DIFFRACTION' 
_refine_hist.cycle_id                         LAST 
_refine_hist.pdbx_number_atoms_protein        1153 
_refine_hist.pdbx_number_atoms_nucleic_acid   0 
_refine_hist.pdbx_number_atoms_ligand         0 
_refine_hist.number_atoms_solvent             150 
_refine_hist.number_atoms_total               1303 
_refine_hist.d_res_high                       1.40 
_refine_hist.d_res_low                        13.33 
# 
loop_
_refine_ls_restr.type 
_refine_ls_restr.dev_ideal 
_refine_ls_restr.dev_ideal_target 
_refine_ls_restr.weight 
_refine_ls_restr.number 
_refine_ls_restr.pdbx_refine_id 
_refine_ls_restr.pdbx_restraint_function 
c_bond_d                0.004 ?    ? ? 'X-RAY DIFFRACTION' ? 
c_bond_d_na             ?     ?    ? ? 'X-RAY DIFFRACTION' ? 
c_bond_d_prot           ?     ?    ? ? 'X-RAY DIFFRACTION' ? 
c_angle_d               ?     ?    ? ? 'X-RAY DIFFRACTION' ? 
c_angle_d_na            ?     ?    ? ? 'X-RAY DIFFRACTION' ? 
c_angle_d_prot          ?     ?    ? ? 'X-RAY DIFFRACTION' ? 
c_angle_deg             0.9   ?    ? ? 'X-RAY DIFFRACTION' ? 
c_angle_deg_na          ?     ?    ? ? 'X-RAY DIFFRACTION' ? 
c_angle_deg_prot        ?     ?    ? ? 'X-RAY DIFFRACTION' ? 
c_dihedral_angle_d      17.1  ?    ? ? 'X-RAY DIFFRACTION' ? 
c_dihedral_angle_d_na   ?     ?    ? ? 'X-RAY DIFFRACTION' ? 
c_dihedral_angle_d_prot ?     ?    ? ? 'X-RAY DIFFRACTION' ? 
c_improper_angle_d      0.71  ?    ? ? 'X-RAY DIFFRACTION' ? 
c_improper_angle_d_na   ?     ?    ? ? 'X-RAY DIFFRACTION' ? 
c_improper_angle_d_prot ?     ?    ? ? 'X-RAY DIFFRACTION' ? 
c_mcbond_it             1.12  1.50 ? ? 'X-RAY DIFFRACTION' ? 
c_mcangle_it            1.63  2.00 ? ? 'X-RAY DIFFRACTION' ? 
c_scbond_it             2.55  2.00 ? ? 'X-RAY DIFFRACTION' ? 
c_scangle_it            3.70  2.50 ? ? 'X-RAY DIFFRACTION' ? 
# 
_refine_ls_shell.pdbx_total_number_of_bins_used   6 
_refine_ls_shell.d_res_high                       1.40 
_refine_ls_shell.d_res_low                        1.49 
_refine_ls_shell.number_reflns_R_work             3294 
_refine_ls_shell.R_factor_R_work                  0.270 
_refine_ls_shell.percent_reflns_obs               75.8 
_refine_ls_shell.R_factor_R_free                  0.283 
_refine_ls_shell.R_factor_R_free_error            0.025 
_refine_ls_shell.percent_reflns_R_free            3.7 
_refine_ls_shell.number_reflns_R_free             125 
_refine_ls_shell.number_reflns_all                ? 
_refine_ls_shell.R_factor_all                     ? 
_refine_ls_shell.redundancy_reflns_obs            ? 
_refine_ls_shell.number_reflns_obs                ? 
_refine_ls_shell.pdbx_refine_id                   'X-RAY DIFFRACTION' 
# 
loop_
_pdbx_xplor_file.serial_no 
_pdbx_xplor_file.param_file 
_pdbx_xplor_file.topol_file 
_pdbx_xplor_file.pdbx_refine_id 
1 protein_rep.param protein.top 'X-RAY DIFFRACTION' 
2 water_rep.param   water.top   'X-RAY DIFFRACTION' 
# 
_struct.entry_id                  3BPV 
_struct.title                     'Crystal Structure of MarR' 
_struct.pdbx_model_details        ? 
_struct.pdbx_CASP_flag            ? 
_struct.pdbx_model_type_details   ? 
# 
_struct_keywords.entry_id        3BPV 
_struct_keywords.pdbx_keywords   'TRANSCRIPTION REGULATOR' 
_struct_keywords.text            
'MarR, DNA binding, transcription factor, Winged Helix Motif, DNA-binding, Transcription regulation, TRANSCRIPTION REGULATOR' 
# 
loop_
_struct_asym.id 
_struct_asym.pdbx_blank_PDB_chainid_flag 
_struct_asym.pdbx_modified 
_struct_asym.entity_id 
_struct_asym.details 
A N N 1 ? 
B N N 2 ? 
# 
_struct_ref.id                         1 
_struct_ref.db_name                    UNP 
_struct_ref.db_code                    O26413_METTH 
_struct_ref.pdbx_db_accession          O26413 
_struct_ref.entity_id                  1 
_struct_ref.pdbx_seq_one_letter_code   
;IPLKGLLSIILRSHRVFIGRELGHLNLTDAQVACLLRIHREPGIKQDELATFFHVDKGTIARTLRRLEESGFIEREQDPE
NRRRYILEVTRRGEEIIPLILKVEERWEDLLFRDFTEDERKLFRKMCRRLAEEAVRMR
;
_struct_ref.pdbx_align_begin           5 
_struct_ref.pdbx_db_isoform            ? 
# 
_struct_ref_seq.align_id                      1 
_struct_ref_seq.ref_id                        1 
_struct_ref_seq.pdbx_PDB_id_code              3BPV 
_struct_ref_seq.pdbx_strand_id                A 
_struct_ref_seq.seq_align_beg                 1 
_struct_ref_seq.pdbx_seq_align_beg_ins_code   ? 
_struct_ref_seq.seq_align_end                 138 
_struct_ref_seq.pdbx_seq_align_end_ins_code   ? 
_struct_ref_seq.pdbx_db_accession             O26413 
_struct_ref_seq.db_align_beg                  5 
_struct_ref_seq.pdbx_db_align_beg_ins_code    ? 
_struct_ref_seq.db_align_end                  142 
_struct_ref_seq.pdbx_db_align_end_ins_code    ? 
_struct_ref_seq.pdbx_auth_seq_align_beg       5 
_struct_ref_seq.pdbx_auth_seq_align_end       142 
# 
_pdbx_struct_assembly.id                   1 
_pdbx_struct_assembly.details              author_and_software_defined_assembly 
_pdbx_struct_assembly.method_details       PISA 
_pdbx_struct_assembly.oligomeric_details   dimeric 
_pdbx_struct_assembly.oligomeric_count     2 
# 
loop_
_pdbx_struct_assembly_prop.biol_id 
_pdbx_struct_assembly_prop.type 
_pdbx_struct_assembly_prop.value 
_pdbx_struct_assembly_prop.details 
1 'ABSA (A^2)' 4780  ? 
1 MORE         -46.6 ? 
1 'SSA (A^2)'  15440 ? 
# 
_pdbx_struct_assembly_gen.assembly_id       1 
_pdbx_struct_assembly_gen.oper_expression   1,2 
_pdbx_struct_assembly_gen.asym_id_list      A,B 
# 
loop_
_pdbx_struct_oper_list.id 
_pdbx_struct_oper_list.type 
_pdbx_struct_oper_list.name 
_pdbx_struct_oper_list.symmetry_operation 
_pdbx_struct_oper_list.matrix[1][1] 
_pdbx_struct_oper_list.matrix[1][2] 
_pdbx_struct_oper_list.matrix[1][3] 
_pdbx_struct_oper_list.vector[1] 
_pdbx_struct_oper_list.matrix[2][1] 
_pdbx_struct_oper_list.matrix[2][2] 
_pdbx_struct_oper_list.matrix[2][3] 
_pdbx_struct_oper_list.vector[2] 
_pdbx_struct_oper_list.matrix[3][1] 
_pdbx_struct_oper_list.matrix[3][2] 
_pdbx_struct_oper_list.matrix[3][3] 
_pdbx_struct_oper_list.vector[3] 
1 'identity operation'         1_555 x,y,z         1.0000000000 0.0000000000 0.0000000000 0.0000000000 0.0000000000 1.0000000000  0.0000000000 0.0000000000  0.0000000000 0.0000000000 1.0000000000  0.0000000000  
2 'crystal symmetry operation' 3_655 -x+1,y,-z+1/2 0.2382267263 0.0417229769 0.9703129496 3.4233023353 0.0417229769 -0.9985941130 0.0326954215 18.4533163336 0.9703129496 0.0326954215 -0.2396326132 -5.1619961752 
# 
_struct_biol.id        1 
_struct_biol.details   ? 
# 
loop_
_struct_conf.conf_type_id 
_struct_conf.id 
_struct_conf.pdbx_PDB_helix_id 
_struct_conf.beg_label_comp_id 
_struct_conf.beg_label_asym_id 
_struct_conf.beg_label_seq_id 
_struct_conf.pdbx_beg_PDB_ins_code 
_struct_conf.end_label_comp_id 
_struct_conf.end_label_asym_id 
_struct_conf.end_label_seq_id 
_struct_conf.pdbx_end_PDB_ins_code 
_struct_conf.beg_auth_comp_id 
_struct_conf.beg_auth_asym_id 
_struct_conf.beg_auth_seq_id 
_struct_conf.end_auth_comp_id 
_struct_conf.end_auth_asym_id 
_struct_conf.end_auth_seq_id 
_struct_conf.pdbx_PDB_helix_class 
_struct_conf.details 
_struct_conf.pdbx_PDB_helix_length 
HELX_P HELX_P1 1 PRO A 2   ? LEU A 22  ? PRO A 6   LEU A 26  1 ? 21 
HELX_P HELX_P2 2 GLY A 23  ? ASN A 26  ? GLY A 27  ASN A 30  5 ? 4  
HELX_P HELX_P3 3 THR A 28  ? GLU A 41  ? THR A 32  GLU A 45  1 ? 14 
HELX_P HELX_P4 4 LYS A 45  ? HIS A 54  ? LYS A 49  HIS A 58  1 ? 10 
HELX_P HELX_P5 5 ASP A 56  ? SER A 70  ? ASP A 60  SER A 74  1 ? 15 
HELX_P HELX_P6 6 THR A 90  ? ILE A 96  ? THR A 94  ILE A 100 1 ? 7  
HELX_P HELX_P7 7 ILE A 96  ? PHE A 112 ? ILE A 100 PHE A 116 1 ? 17 
HELX_P HELX_P8 8 THR A 116 ? MET A 137 ? THR A 120 MET A 141 1 ? 22 
# 
_struct_conf_type.id          HELX_P 
_struct_conf_type.criteria    ? 
_struct_conf_type.reference   ? 
# 
_struct_sheet.id               A 
_struct_sheet.type             ? 
_struct_sheet.number_strands   2 
_struct_sheet.details          ? 
# 
_struct_sheet_order.sheet_id     A 
_struct_sheet_order.range_id_1   1 
_struct_sheet_order.range_id_2   2 
_struct_sheet_order.offset       ? 
_struct_sheet_order.sense        anti-parallel 
# 
loop_
_struct_sheet_range.sheet_id 
_struct_sheet_range.id 
_struct_sheet_range.beg_label_comp_id 
_struct_sheet_range.beg_label_asym_id 
_struct_sheet_range.beg_label_seq_id 
_struct_sheet_range.pdbx_beg_PDB_ins_code 
_struct_sheet_range.end_label_comp_id 
_struct_sheet_range.end_label_asym_id 
_struct_sheet_range.end_label_seq_id 
_struct_sheet_range.pdbx_end_PDB_ins_code 
_struct_sheet_range.beg_auth_comp_id 
_struct_sheet_range.beg_auth_asym_id 
_struct_sheet_range.beg_auth_seq_id 
_struct_sheet_range.end_auth_comp_id 
_struct_sheet_range.end_auth_asym_id 
_struct_sheet_range.end_auth_seq_id 
A 1 ILE A 73 ? ASP A 78 ? ILE A 77 ASP A 82 
A 2 ASN A 81 ? VAL A 89 ? ASN A 85 VAL A 93 
# 
_pdbx_struct_sheet_hbond.sheet_id                A 
_pdbx_struct_sheet_hbond.range_id_1              1 
_pdbx_struct_sheet_hbond.range_id_2              2 
_pdbx_struct_sheet_hbond.range_1_label_atom_id   N 
_pdbx_struct_sheet_hbond.range_1_label_comp_id   GLU 
_pdbx_struct_sheet_hbond.range_1_label_asym_id   A 
_pdbx_struct_sheet_hbond.range_1_label_seq_id    76 
_pdbx_struct_sheet_hbond.range_1_PDB_ins_code    ? 
_pdbx_struct_sheet_hbond.range_1_auth_atom_id    N 
_pdbx_struct_sheet_hbond.range_1_auth_comp_id    GLU 
_pdbx_struct_sheet_hbond.range_1_auth_asym_id    A 
_pdbx_struct_sheet_hbond.range_1_auth_seq_id     80 
_pdbx_struct_sheet_hbond.range_2_label_atom_id   O 
_pdbx_struct_sheet_hbond.range_2_label_comp_id   ILE 
_pdbx_struct_sheet_hbond.range_2_label_asym_id   A 
_pdbx_struct_sheet_hbond.range_2_label_seq_id    86 
_pdbx_struct_sheet_hbond.range_2_PDB_ins_code    ? 
_pdbx_struct_sheet_hbond.range_2_auth_atom_id    O 
_pdbx_struct_sheet_hbond.range_2_auth_comp_id    ILE 
_pdbx_struct_sheet_hbond.range_2_auth_asym_id    A 
_pdbx_struct_sheet_hbond.range_2_auth_seq_id     90 
# 
loop_
_pdbx_validate_symm_contact.id 
_pdbx_validate_symm_contact.PDB_model_num 
_pdbx_validate_symm_contact.auth_atom_id_1 
_pdbx_validate_symm_contact.auth_asym_id_1 
_pdbx_validate_symm_contact.auth_comp_id_1 
_pdbx_validate_symm_contact.auth_seq_id_1 
_pdbx_validate_symm_contact.PDB_ins_code_1 
_pdbx_validate_symm_contact.label_alt_id_1 
_pdbx_validate_symm_contact.site_symmetry_1 
_pdbx_validate_symm_contact.auth_atom_id_2 
_pdbx_validate_symm_contact.auth_asym_id_2 
_pdbx_validate_symm_contact.auth_comp_id_2 
_pdbx_validate_symm_contact.auth_seq_id_2 
_pdbx_validate_symm_contact.PDB_ins_code_2 
_pdbx_validate_symm_contact.label_alt_id_2 
_pdbx_validate_symm_contact.site_symmetry_2 
_pdbx_validate_symm_contact.dist 
1 1 NH2 A ARG 24 ? ? 1_555 NH2 A ARG 24 ? ? 3_755 1.77 
2 1 CD1 A LEU 15 ? ? 1_555 CD1 A LEU 15 ? ? 3_655 2.07 
3 1 OE1 A GLN 81 ? ? 1_555 OE1 A GLN 81 ? ? 4_565 2.18 
# 
_pdbx_unobs_or_zero_occ_residues.id               1 
_pdbx_unobs_or_zero_occ_residues.PDB_model_num    1 
_pdbx_unobs_or_zero_occ_residues.polymer_flag     Y 
_pdbx_unobs_or_zero_occ_residues.occupancy_flag   1 
_pdbx_unobs_or_zero_occ_residues.auth_asym_id     A 
_pdbx_unobs_or_zero_occ_residues.auth_comp_id     ARG 
_pdbx_unobs_or_zero_occ_residues.auth_seq_id      142 
_pdbx_unobs_or_zero_occ_residues.PDB_ins_code     ? 
_pdbx_unobs_or_zero_occ_residues.label_asym_id    A 
_pdbx_unobs_or_zero_occ_residues.label_comp_id    ARG 
_pdbx_unobs_or_zero_occ_residues.label_seq_id     138 
# 
loop_
_chem_comp_atom.comp_id 
_chem_comp_atom.atom_id 
_chem_comp_atom.type_symbol 
_chem_comp_atom.pdbx_aromatic_flag 
_chem_comp_atom.pdbx_stereo_config 
_chem_comp_atom.pdbx_ordinal 
ALA N    N N N 1   
ALA CA   C N S 2   
ALA C    C N N 3   
ALA O    O N N 4   
ALA CB   C N N 5   
ALA OXT  O N N 6   
ALA H    H N N 7   
ALA H2   H N N 8   
ALA HA   H N N 9   
ALA HB1  H N N 10  
ALA HB2  H N N 11  
ALA HB3  H N N 12  
ALA HXT  H N N 13  
ARG N    N N N 14  
ARG CA   C N S 15  
ARG C    C N N 16  
ARG O    O N N 17  
ARG CB   C N N 18  
ARG CG   C N N 19  
ARG CD   C N N 20  
ARG NE   N N N 21  
ARG CZ   C N N 22  
ARG NH1  N N N 23  
ARG NH2  N N N 24  
ARG OXT  O N N 25  
ARG H    H N N 26  
ARG H2   H N N 27  
ARG HA   H N N 28  
ARG HB2  H N N 29  
ARG HB3  H N N 30  
ARG HG2  H N N 31  
ARG HG3  H N N 32  
ARG HD2  H N N 33  
ARG HD3  H N N 34  
ARG HE   H N N 35  
ARG HH11 H N N 36  
ARG HH12 H N N 37  
ARG HH21 H N N 38  
ARG HH22 H N N 39  
ARG HXT  H N N 40  
ASN N    N N N 41  
ASN CA   C N S 42  
ASN C    C N N 43  
ASN O    O N N 44  
ASN CB   C N N 45  
ASN CG   C N N 46  
ASN OD1  O N N 47  
ASN ND2  N N N 48  
ASN OXT  O N N 49  
ASN H    H N N 50  
ASN H2   H N N 51  
ASN HA   H N N 52  
ASN HB2  H N N 53  
ASN HB3  H N N 54  
ASN HD21 H N N 55  
ASN HD22 H N N 56  
ASN HXT  H N N 57  
ASP N    N N N 58  
ASP CA   C N S 59  
ASP C    C N N 60  
ASP O    O N N 61  
ASP CB   C N N 62  
ASP CG   C N N 63  
ASP OD1  O N N 64  
ASP OD2  O N N 65  
ASP OXT  O N N 66  
ASP H    H N N 67  
ASP H2   H N N 68  
ASP HA   H N N 69  
ASP HB2  H N N 70  
ASP HB3  H N N 71  
ASP HD2  H N N 72  
ASP HXT  H N N 73  
CYS N    N N N 74  
CYS CA   C N R 75  
CYS C    C N N 76  
CYS O    O N N 77  
CYS CB   C N N 78  
CYS SG   S N N 79  
CYS OXT  O N N 80  
CYS H    H N N 81  
CYS H2   H N N 82  
CYS HA   H N N 83  
CYS HB2  H N N 84  
CYS HB3  H N N 85  
CYS HG   H N N 86  
CYS HXT  H N N 87  
GLN N    N N N 88  
GLN CA   C N S 89  
GLN C    C N N 90  
GLN O    O N N 91  
GLN CB   C N N 92  
GLN CG   C N N 93  
GLN CD   C N N 94  
GLN OE1  O N N 95  
GLN NE2  N N N 96  
GLN OXT  O N N 97  
GLN H    H N N 98  
GLN H2   H N N 99  
GLN HA   H N N 100 
GLN HB2  H N N 101 
GLN HB3  H N N 102 
GLN HG2  H N N 103 
GLN HG3  H N N 104 
GLN HE21 H N N 105 
GLN HE22 H N N 106 
GLN HXT  H N N 107 
GLU N    N N N 108 
GLU CA   C N S 109 
GLU C    C N N 110 
GLU O    O N N 111 
GLU CB   C N N 112 
GLU CG   C N N 113 
GLU CD   C N N 114 
GLU OE1  O N N 115 
GLU OE2  O N N 116 
GLU OXT  O N N 117 
GLU H    H N N 118 
GLU H2   H N N 119 
GLU HA   H N N 120 
GLU HB2  H N N 121 
GLU HB3  H N N 122 
GLU HG2  H N N 123 
GLU HG3  H N N 124 
GLU HE2  H N N 125 
GLU HXT  H N N 126 
GLY N    N N N 127 
GLY CA   C N N 128 
GLY C    C N N 129 
GLY O    O N N 130 
GLY OXT  O N N 131 
GLY H    H N N 132 
GLY H2   H N N 133 
GLY HA2  H N N 134 
GLY HA3  H N N 135 
GLY HXT  H N N 136 
HIS N    N N N 137 
HIS CA   C N S 138 
HIS C    C N N 139 
HIS O    O N N 140 
HIS CB   C N N 141 
HIS CG   C Y N 142 
HIS ND1  N Y N 143 
HIS CD2  C Y N 144 
HIS CE1  C Y N 145 
HIS NE2  N Y N 146 
HIS OXT  O N N 147 
HIS H    H N N 148 
HIS H2   H N N 149 
HIS HA   H N N 150 
HIS HB2  H N N 151 
HIS HB3  H N N 152 
HIS HD1  H N N 153 
HIS HD2  H N N 154 
HIS HE1  H N N 155 
HIS HE2  H N N 156 
HIS HXT  H N N 157 
HOH O    O N N 158 
HOH H1   H N N 159 
HOH H2   H N N 160 
ILE N    N N N 161 
ILE CA   C N S 162 
ILE C    C N N 163 
ILE O    O N N 164 
ILE CB   C N S 165 
ILE CG1  C N N 166 
ILE CG2  C N N 167 
ILE CD1  C N N 168 
ILE OXT  O N N 169 
ILE H    H N N 170 
ILE H2   H N N 171 
ILE HA   H N N 172 
ILE HB   H N N 173 
ILE HG12 H N N 174 
ILE HG13 H N N 175 
ILE HG21 H N N 176 
ILE HG22 H N N 177 
ILE HG23 H N N 178 
ILE HD11 H N N 179 
ILE HD12 H N N 180 
ILE HD13 H N N 181 
ILE HXT  H N N 182 
LEU N    N N N 183 
LEU CA   C N S 184 
LEU C    C N N 185 
LEU O    O N N 186 
LEU CB   C N N 187 
LEU CG   C N N 188 
LEU CD1  C N N 189 
LEU CD2  C N N 190 
LEU OXT  O N N 191 
LEU H    H N N 192 
LEU H2   H N N 193 
LEU HA   H N N 194 
LEU HB2  H N N 195 
LEU HB3  H N N 196 
LEU HG   H N N 197 
LEU HD11 H N N 198 
LEU HD12 H N N 199 
LEU HD13 H N N 200 
LEU HD21 H N N 201 
LEU HD22 H N N 202 
LEU HD23 H N N 203 
LEU HXT  H N N 204 
LYS N    N N N 205 
LYS CA   C N S 206 
LYS C    C N N 207 
LYS O    O N N 208 
LYS CB   C N N 209 
LYS CG   C N N 210 
LYS CD   C N N 211 
LYS CE   C N N 212 
LYS NZ   N N N 213 
LYS OXT  O N N 214 
LYS H    H N N 215 
LYS H2   H N N 216 
LYS HA   H N N 217 
LYS HB2  H N N 218 
LYS HB3  H N N 219 
LYS HG2  H N N 220 
LYS HG3  H N N 221 
LYS HD2  H N N 222 
LYS HD3  H N N 223 
LYS HE2  H N N 224 
LYS HE3  H N N 225 
LYS HZ1  H N N 226 
LYS HZ2  H N N 227 
LYS HZ3  H N N 228 
LYS HXT  H N N 229 
MET N    N N N 230 
MET CA   C N S 231 
MET C    C N N 232 
MET O    O N N 233 
MET CB   C N N 234 
MET CG   C N N 235 
MET SD   S N N 236 
MET CE   C N N 237 
MET OXT  O N N 238 
MET H    H N N 239 
MET H2   H N N 240 
MET HA   H N N 241 
MET HB2  H N N 242 
MET HB3  H N N 243 
MET HG2  H N N 244 
MET HG3  H N N 245 
MET HE1  H N N 246 
MET HE2  H N N 247 
MET HE3  H N N 248 
MET HXT  H N N 249 
PHE N    N N N 250 
PHE CA   C N S 251 
PHE C    C N N 252 
PHE O    O N N 253 
PHE CB   C N N 254 
PHE CG   C Y N 255 
PHE CD1  C Y N 256 
PHE CD2  C Y N 257 
PHE CE1  C Y N 258 
PHE CE2  C Y N 259 
PHE CZ   C Y N 260 
PHE OXT  O N N 261 
PHE H    H N N 262 
PHE H2   H N N 263 
PHE HA   H N N 264 
PHE HB2  H N N 265 
PHE HB3  H N N 266 
PHE HD1  H N N 267 
PHE HD2  H N N 268 
PHE HE1  H N N 269 
PHE HE2  H N N 270 
PHE HZ   H N N 271 
PHE HXT  H N N 272 
PRO N    N N N 273 
PRO CA   C N S 274 
PRO C    C N N 275 
PRO O    O N N 276 
PRO CB   C N N 277 
PRO CG   C N N 278 
PRO CD   C N N 279 
PRO OXT  O N N 280 
PRO H    H N N 281 
PRO HA   H N N 282 
PRO HB2  H N N 283 
PRO HB3  H N N 284 
PRO HG2  H N N 285 
PRO HG3  H N N 286 
PRO HD2  H N N 287 
PRO HD3  H N N 288 
PRO HXT  H N N 289 
SER N    N N N 290 
SER CA   C N S 291 
SER C    C N N 292 
SER O    O N N 293 
SER CB   C N N 294 
SER OG   O N N 295 
SER OXT  O N N 296 
SER H    H N N 297 
SER H2   H N N 298 
SER HA   H N N 299 
SER HB2  H N N 300 
SER HB3  H N N 301 
SER HG   H N N 302 
SER HXT  H N N 303 
THR N    N N N 304 
THR CA   C N S 305 
THR C    C N N 306 
THR O    O N N 307 
THR CB   C N R 308 
THR OG1  O N N 309 
THR CG2  C N N 310 
THR OXT  O N N 311 
THR H    H N N 312 
THR H2   H N N 313 
THR HA   H N N 314 
THR HB   H N N 315 
THR HG1  H N N 316 
THR HG21 H N N 317 
THR HG22 H N N 318 
THR HG23 H N N 319 
THR HXT  H N N 320 
TRP N    N N N 321 
TRP CA   C N S 322 
TRP C    C N N 323 
TRP O    O N N 324 
TRP CB   C N N 325 
TRP CG   C Y N 326 
TRP CD1  C Y N 327 
TRP CD2  C Y N 328 
TRP NE1  N Y N 329 
TRP CE2  C Y N 330 
TRP CE3  C Y N 331 
TRP CZ2  C Y N 332 
TRP CZ3  C Y N 333 
TRP CH2  C Y N 334 
TRP OXT  O N N 335 
TRP H    H N N 336 
TRP H2   H N N 337 
TRP HA   H N N 338 
TRP HB2  H N N 339 
TRP HB3  H N N 340 
TRP HD1  H N N 341 
TRP HE1  H N N 342 
TRP HE3  H N N 343 
TRP HZ2  H N N 344 
TRP HZ3  H N N 345 
TRP HH2  H N N 346 
TRP HXT  H N N 347 
TYR N    N N N 348 
TYR CA   C N S 349 
TYR C    C N N 350 
TYR O    O N N 351 
TYR CB   C N N 352 
TYR CG   C Y N 353 
TYR CD1  C Y N 354 
TYR CD2  C Y N 355 
TYR CE1  C Y N 356 
TYR CE2  C Y N 357 
TYR CZ   C Y N 358 
TYR OH   O N N 359 
TYR OXT  O N N 360 
TYR H    H N N 361 
TYR H2   H N N 362 
TYR HA   H N N 363 
TYR HB2  H N N 364 
TYR HB3  H N N 365 
TYR HD1  H N N 366 
TYR HD2  H N N 367 
TYR HE1  H N N 368 
TYR HE2  H N N 369 
TYR HH   H N N 370 
TYR HXT  H N N 371 
VAL N    N N N 372 
VAL CA   C N S 373 
VAL C    C N N 374 
VAL O    O N N 375 
VAL CB   C N N 376 
VAL CG1  C N N 377 
VAL CG2  C N N 378 
VAL OXT  O N N 379 
VAL H    H N N 380 
VAL H2   H N N 381 
VAL HA   H N N 382 
VAL HB   H N N 383 
VAL HG11 H N N 384 
VAL HG12 H N N 385 
VAL HG13 H N N 386 
VAL HG21 H N N 387 
VAL HG22 H N N 388 
VAL HG23 H N N 389 
VAL HXT  H N N 390 
# 
loop_
_chem_comp_bond.comp_id 
_chem_comp_bond.atom_id_1 
_chem_comp_bond.atom_id_2 
_chem_comp_bond.value_order 
_chem_comp_bond.pdbx_aromatic_flag 
_chem_comp_bond.pdbx_stereo_config 
_chem_comp_bond.pdbx_ordinal 
ALA N   CA   sing N N 1   
ALA N   H    sing N N 2   
ALA N   H2   sing N N 3   
ALA CA  C    sing N N 4   
ALA CA  CB   sing N N 5   
ALA CA  HA   sing N N 6   
ALA C   O    doub N N 7   
ALA C   OXT  sing N N 8   
ALA CB  HB1  sing N N 9   
ALA CB  HB2  sing N N 10  
ALA CB  HB3  sing N N 11  
ALA OXT HXT  sing N N 12  
ARG N   CA   sing N N 13  
ARG N   H    sing N N 14  
ARG N   H2   sing N N 15  
ARG CA  C    sing N N 16  
ARG CA  CB   sing N N 17  
ARG CA  HA   sing N N 18  
ARG C   O    doub N N 19  
ARG C   OXT  sing N N 20  
ARG CB  CG   sing N N 21  
ARG CB  HB2  sing N N 22  
ARG CB  HB3  sing N N 23  
ARG CG  CD   sing N N 24  
ARG CG  HG2  sing N N 25  
ARG CG  HG3  sing N N 26  
ARG CD  NE   sing N N 27  
ARG CD  HD2  sing N N 28  
ARG CD  HD3  sing N N 29  
ARG NE  CZ   sing N N 30  
ARG NE  HE   sing N N 31  
ARG CZ  NH1  sing N N 32  
ARG CZ  NH2  doub N N 33  
ARG NH1 HH11 sing N N 34  
ARG NH1 HH12 sing N N 35  
ARG NH2 HH21 sing N N 36  
ARG NH2 HH22 sing N N 37  
ARG OXT HXT  sing N N 38  
ASN N   CA   sing N N 39  
ASN N   H    sing N N 40  
ASN N   H2   sing N N 41  
ASN CA  C    sing N N 42  
ASN CA  CB   sing N N 43  
ASN CA  HA   sing N N 44  
ASN C   O    doub N N 45  
ASN C   OXT  sing N N 46  
ASN CB  CG   sing N N 47  
ASN CB  HB2  sing N N 48  
ASN CB  HB3  sing N N 49  
ASN CG  OD1  doub N N 50  
ASN CG  ND2  sing N N 51  
ASN ND2 HD21 sing N N 52  
ASN ND2 HD22 sing N N 53  
ASN OXT HXT  sing N N 54  
ASP N   CA   sing N N 55  
ASP N   H    sing N N 56  
ASP N   H2   sing N N 57  
ASP CA  C    sing N N 58  
ASP CA  CB   sing N N 59  
ASP CA  HA   sing N N 60  
ASP C   O    doub N N 61  
ASP C   OXT  sing N N 62  
ASP CB  CG   sing N N 63  
ASP CB  HB2  sing N N 64  
ASP CB  HB3  sing N N 65  
ASP CG  OD1  doub N N 66  
ASP CG  OD2  sing N N 67  
ASP OD2 HD2  sing N N 68  
ASP OXT HXT  sing N N 69  
CYS N   CA   sing N N 70  
CYS N   H    sing N N 71  
CYS N   H2   sing N N 72  
CYS CA  C    sing N N 73  
CYS CA  CB   sing N N 74  
CYS CA  HA   sing N N 75  
CYS C   O    doub N N 76  
CYS C   OXT  sing N N 77  
CYS CB  SG   sing N N 78  
CYS CB  HB2  sing N N 79  
CYS CB  HB3  sing N N 80  
CYS SG  HG   sing N N 81  
CYS OXT HXT  sing N N 82  
GLN N   CA   sing N N 83  
GLN N   H    sing N N 84  
GLN N   H2   sing N N 85  
GLN CA  C    sing N N 86  
GLN CA  CB   sing N N 87  
GLN CA  HA   sing N N 88  
GLN C   O    doub N N 89  
GLN C   OXT  sing N N 90  
GLN CB  CG   sing N N 91  
GLN CB  HB2  sing N N 92  
GLN CB  HB3  sing N N 93  
GLN CG  CD   sing N N 94  
GLN CG  HG2  sing N N 95  
GLN CG  HG3  sing N N 96  
GLN CD  OE1  doub N N 97  
GLN CD  NE2  sing N N 98  
GLN NE2 HE21 sing N N 99  
GLN NE2 HE22 sing N N 100 
GLN OXT HXT  sing N N 101 
GLU N   CA   sing N N 102 
GLU N   H    sing N N 103 
GLU N   H2   sing N N 104 
GLU CA  C    sing N N 105 
GLU CA  CB   sing N N 106 
GLU CA  HA   sing N N 107 
GLU C   O    doub N N 108 
GLU C   OXT  sing N N 109 
GLU CB  CG   sing N N 110 
GLU CB  HB2  sing N N 111 
GLU CB  HB3  sing N N 112 
GLU CG  CD   sing N N 113 
GLU CG  HG2  sing N N 114 
GLU CG  HG3  sing N N 115 
GLU CD  OE1  doub N N 116 
GLU CD  OE2  sing N N 117 
GLU OE2 HE2  sing N N 118 
GLU OXT HXT  sing N N 119 
GLY N   CA   sing N N 120 
GLY N   H    sing N N 121 
GLY N   H2   sing N N 122 
GLY CA  C    sing N N 123 
GLY CA  HA2  sing N N 124 
GLY CA  HA3  sing N N 125 
GLY C   O    doub N N 126 
GLY C   OXT  sing N N 127 
GLY OXT HXT  sing N N 128 
HIS N   CA   sing N N 129 
HIS N   H    sing N N 130 
HIS N   H2   sing N N 131 
HIS CA  C    sing N N 132 
HIS CA  CB   sing N N 133 
HIS CA  HA   sing N N 134 
HIS C   O    doub N N 135 
HIS C   OXT  sing N N 136 
HIS CB  CG   sing N N 137 
HIS CB  HB2  sing N N 138 
HIS CB  HB3  sing N N 139 
HIS CG  ND1  sing Y N 140 
HIS CG  CD2  doub Y N 141 
HIS ND1 CE1  doub Y N 142 
HIS ND1 HD1  sing N N 143 
HIS CD2 NE2  sing Y N 144 
HIS CD2 HD2  sing N N 145 
HIS CE1 NE2  sing Y N 146 
HIS CE1 HE1  sing N N 147 
HIS NE2 HE2  sing N N 148 
HIS OXT HXT  sing N N 149 
HOH O   H1   sing N N 150 
HOH O   H2   sing N N 151 
ILE N   CA   sing N N 152 
ILE N   H    sing N N 153 
ILE N   H2   sing N N 154 
ILE CA  C    sing N N 155 
ILE CA  CB   sing N N 156 
ILE CA  HA   sing N N 157 
ILE C   O    doub N N 158 
ILE C   OXT  sing N N 159 
ILE CB  CG1  sing N N 160 
ILE CB  CG2  sing N N 161 
ILE CB  HB   sing N N 162 
ILE CG1 CD1  sing N N 163 
ILE CG1 HG12 sing N N 164 
ILE CG1 HG13 sing N N 165 
ILE CG2 HG21 sing N N 166 
ILE CG2 HG22 sing N N 167 
ILE CG2 HG23 sing N N 168 
ILE CD1 HD11 sing N N 169 
ILE CD1 HD12 sing N N 170 
ILE CD1 HD13 sing N N 171 
ILE OXT HXT  sing N N 172 
LEU N   CA   sing N N 173 
LEU N   H    sing N N 174 
LEU N   H2   sing N N 175 
LEU CA  C    sing N N 176 
LEU CA  CB   sing N N 177 
LEU CA  HA   sing N N 178 
LEU C   O    doub N N 179 
LEU C   OXT  sing N N 180 
LEU CB  CG   sing N N 181 
LEU CB  HB2  sing N N 182 
LEU CB  HB3  sing N N 183 
LEU CG  CD1  sing N N 184 
LEU CG  CD2  sing N N 185 
LEU CG  HG   sing N N 186 
LEU CD1 HD11 sing N N 187 
LEU CD1 HD12 sing N N 188 
LEU CD1 HD13 sing N N 189 
LEU CD2 HD21 sing N N 190 
LEU CD2 HD22 sing N N 191 
LEU CD2 HD23 sing N N 192 
LEU OXT HXT  sing N N 193 
LYS N   CA   sing N N 194 
LYS N   H    sing N N 195 
LYS N   H2   sing N N 196 
LYS CA  C    sing N N 197 
LYS CA  CB   sing N N 198 
LYS CA  HA   sing N N 199 
LYS C   O    doub N N 200 
LYS C   OXT  sing N N 201 
LYS CB  CG   sing N N 202 
LYS CB  HB2  sing N N 203 
LYS CB  HB3  sing N N 204 
LYS CG  CD   sing N N 205 
LYS CG  HG2  sing N N 206 
LYS CG  HG3  sing N N 207 
LYS CD  CE   sing N N 208 
LYS CD  HD2  sing N N 209 
LYS CD  HD3  sing N N 210 
LYS CE  NZ   sing N N 211 
LYS CE  HE2  sing N N 212 
LYS CE  HE3  sing N N 213 
LYS NZ  HZ1  sing N N 214 
LYS NZ  HZ2  sing N N 215 
LYS NZ  HZ3  sing N N 216 
LYS OXT HXT  sing N N 217 
MET N   CA   sing N N 218 
MET N   H    sing N N 219 
MET N   H2   sing N N 220 
MET CA  C    sing N N 221 
MET CA  CB   sing N N 222 
MET CA  HA   sing N N 223 
MET C   O    doub N N 224 
MET C   OXT  sing N N 225 
MET CB  CG   sing N N 226 
MET CB  HB2  sing N N 227 
MET CB  HB3  sing N N 228 
MET CG  SD   sing N N 229 
MET CG  HG2  sing N N 230 
MET CG  HG3  sing N N 231 
MET SD  CE   sing N N 232 
MET CE  HE1  sing N N 233 
MET CE  HE2  sing N N 234 
MET CE  HE3  sing N N 235 
MET OXT HXT  sing N N 236 
PHE N   CA   sing N N 237 
PHE N   H    sing N N 238 
PHE N   H2   sing N N 239 
PHE CA  C    sing N N 240 
PHE CA  CB   sing N N 241 
PHE CA  HA   sing N N 242 
PHE C   O    doub N N 243 
PHE C   OXT  sing N N 244 
PHE CB  CG   sing N N 245 
PHE CB  HB2  sing N N 246 
PHE CB  HB3  sing N N 247 
PHE CG  CD1  doub Y N 248 
PHE CG  CD2  sing Y N 249 
PHE CD1 CE1  sing Y N 250 
PHE CD1 HD1  sing N N 251 
PHE CD2 CE2  doub Y N 252 
PHE CD2 HD2  sing N N 253 
PHE CE1 CZ   doub Y N 254 
PHE CE1 HE1  sing N N 255 
PHE CE2 CZ   sing Y N 256 
PHE CE2 HE2  sing N N 257 
PHE CZ  HZ   sing N N 258 
PHE OXT HXT  sing N N 259 
PRO N   CA   sing N N 260 
PRO N   CD   sing N N 261 
PRO N   H    sing N N 262 
PRO CA  C    sing N N 263 
PRO CA  CB   sing N N 264 
PRO CA  HA   sing N N 265 
PRO C   O    doub N N 266 
PRO C   OXT  sing N N 267 
PRO CB  CG   sing N N 268 
PRO CB  HB2  sing N N 269 
PRO CB  HB3  sing N N 270 
PRO CG  CD   sing N N 271 
PRO CG  HG2  sing N N 272 
PRO CG  HG3  sing N N 273 
PRO CD  HD2  sing N N 274 
PRO CD  HD3  sing N N 275 
PRO OXT HXT  sing N N 276 
SER N   CA   sing N N 277 
SER N   H    sing N N 278 
SER N   H2   sing N N 279 
SER CA  C    sing N N 280 
SER CA  CB   sing N N 281 
SER CA  HA   sing N N 282 
SER C   O    doub N N 283 
SER C   OXT  sing N N 284 
SER CB  OG   sing N N 285 
SER CB  HB2  sing N N 286 
SER CB  HB3  sing N N 287 
SER OG  HG   sing N N 288 
SER OXT HXT  sing N N 289 
THR N   CA   sing N N 290 
THR N   H    sing N N 291 
THR N   H2   sing N N 292 
THR CA  C    sing N N 293 
THR CA  CB   sing N N 294 
THR CA  HA   sing N N 295 
THR C   O    doub N N 296 
THR C   OXT  sing N N 297 
THR CB  OG1  sing N N 298 
THR CB  CG2  sing N N 299 
THR CB  HB   sing N N 300 
THR OG1 HG1  sing N N 301 
THR CG2 HG21 sing N N 302 
THR CG2 HG22 sing N N 303 
THR CG2 HG23 sing N N 304 
THR OXT HXT  sing N N 305 
TRP N   CA   sing N N 306 
TRP N   H    sing N N 307 
TRP N   H2   sing N N 308 
TRP CA  C    sing N N 309 
TRP CA  CB   sing N N 310 
TRP CA  HA   sing N N 311 
TRP C   O    doub N N 312 
TRP C   OXT  sing N N 313 
TRP CB  CG   sing N N 314 
TRP CB  HB2  sing N N 315 
TRP CB  HB3  sing N N 316 
TRP CG  CD1  doub Y N 317 
TRP CG  CD2  sing Y N 318 
TRP CD1 NE1  sing Y N 319 
TRP CD1 HD1  sing N N 320 
TRP CD2 CE2  doub Y N 321 
TRP CD2 CE3  sing Y N 322 
TRP NE1 CE2  sing Y N 323 
TRP NE1 HE1  sing N N 324 
TRP CE2 CZ2  sing Y N 325 
TRP CE3 CZ3  doub Y N 326 
TRP CE3 HE3  sing N N 327 
TRP CZ2 CH2  doub Y N 328 
TRP CZ2 HZ2  sing N N 329 
TRP CZ3 CH2  sing Y N 330 
TRP CZ3 HZ3  sing N N 331 
TRP CH2 HH2  sing N N 332 
TRP OXT HXT  sing N N 333 
TYR N   CA   sing N N 334 
TYR N   H    sing N N 335 
TYR N   H2   sing N N 336 
TYR CA  C    sing N N 337 
TYR CA  CB   sing N N 338 
TYR CA  HA   sing N N 339 
TYR C   O    doub N N 340 
TYR C   OXT  sing N N 341 
TYR CB  CG   sing N N 342 
TYR CB  HB2  sing N N 343 
TYR CB  HB3  sing N N 344 
TYR CG  CD1  doub Y N 345 
TYR CG  CD2  sing Y N 346 
TYR CD1 CE1  sing Y N 347 
TYR CD1 HD1  sing N N 348 
TYR CD2 CE2  doub Y N 349 
TYR CD2 HD2  sing N N 350 
TYR CE1 CZ   doub Y N 351 
TYR CE1 HE1  sing N N 352 
TYR CE2 CZ   sing Y N 353 
TYR CE2 HE2  sing N N 354 
TYR CZ  OH   sing N N 355 
TYR OH  HH   sing N N 356 
TYR OXT HXT  sing N N 357 
VAL N   CA   sing N N 358 
VAL N   H    sing N N 359 
VAL N   H2   sing N N 360 
VAL CA  C    sing N N 361 
VAL CA  CB   sing N N 362 
VAL CA  HA   sing N N 363 
VAL C   O    doub N N 364 
VAL C   OXT  sing N N 365 
VAL CB  CG1  sing N N 366 
VAL CB  CG2  sing N N 367 
VAL CB  HB   sing N N 368 
VAL CG1 HG11 sing N N 369 
VAL CG1 HG12 sing N N 370 
VAL CG1 HG13 sing N N 371 
VAL CG2 HG21 sing N N 372 
VAL CG2 HG22 sing N N 373 
VAL CG2 HG23 sing N N 374 
VAL OXT HXT  sing N N 375 
# 
_atom_sites.entry_id                    3BPV 
_atom_sites.fract_transf_matrix[1][1]   0.01227084 
_atom_sites.fract_transf_matrix[1][2]   -0.01226098 
_atom_sites.fract_transf_matrix[1][3]   -0.01513173 
_atom_sites.fract_transf_matrix[2][1]   -0.01145557 
_atom_sites.fract_transf_matrix[2][2]   -0.00038600 
_atom_sites.fract_transf_matrix[2][3]   -0.00897694 
_atom_sites.fract_transf_matrix[3][1]   0.00336000 
_atom_sites.fract_transf_matrix[3][2]   0.00913935 
_atom_sites.fract_transf_matrix[3][3]   -0.00468072 
_atom_sites.fract_transf_vector[1]      0.553065 
_atom_sites.fract_transf_vector[2]      0.190054 
_atom_sites.fract_transf_vector[3]      0.147833 
# 
loop_
_atom_type.symbol 
C 
N 
O 
S 
# 
loop_
_atom_site.group_PDB 
_atom_site.id 
_atom_site.type_symbol 
_atom_site.label_atom_id 
_atom_site.label_alt_id 
_atom_site.label_comp_id 
_atom_site.label_asym_id 
_atom_site.label_entity_id 
_atom_site.label_seq_id 
_atom_site.pdbx_PDB_ins_code 
_atom_site.Cartn_x 
_atom_site.Cartn_y 
_atom_site.Cartn_z 
_atom_site.occupancy 
_atom_site.B_iso_or_equiv 
_atom_site.pdbx_formal_charge 
_atom_site.auth_seq_id 
_atom_site.auth_comp_id 
_atom_site.auth_asym_id 
_atom_site.auth_atom_id 
_atom_site.pdbx_PDB_model_num 
ATOM   1    N N   . ILE A 1 1   ? 14.028  22.329  -1.414  1.00 30.04 ? 5   ILE A N   1 
ATOM   2    C CA  . ILE A 1 1   ? 12.947  21.307  -1.494  1.00 28.71 ? 5   ILE A CA  1 
ATOM   3    C C   . ILE A 1 1   ? 12.361  20.995  -0.118  1.00 26.18 ? 5   ILE A C   1 
ATOM   4    O O   . ILE A 1 1   ? 13.091  20.651  0.812   1.00 27.75 ? 5   ILE A O   1 
ATOM   5    C CB  . ILE A 1 1   ? 13.476  19.988  -2.099  1.00 29.79 ? 5   ILE A CB  1 
ATOM   6    C CG1 . ILE A 1 1   ? 14.056  20.244  -3.494  1.00 31.95 ? 5   ILE A CG1 1 
ATOM   7    C CG2 . ILE A 1 1   ? 12.356  18.961  -2.178  1.00 30.12 ? 5   ILE A CG2 1 
ATOM   8    C CD1 . ILE A 1 1   ? 14.711  19.030  -4.116  1.00 33.06 ? 5   ILE A CD1 1 
ATOM   9    N N   . PRO A 1 2   ? 11.031  21.117  0.028   1.00 23.42 ? 6   PRO A N   1 
ATOM   10   C CA  . PRO A 1 2   ? 10.373  20.832  1.308   1.00 21.41 ? 6   PRO A CA  1 
ATOM   11   C C   . PRO A 1 2   ? 10.581  19.356  1.640   1.00 19.79 ? 6   PRO A C   1 
ATOM   12   O O   . PRO A 1 2   ? 10.795  18.540  0.743   1.00 19.77 ? 6   PRO A O   1 
ATOM   13   C CB  . PRO A 1 2   ? 8.905   21.152  1.024   1.00 21.17 ? 6   PRO A CB  1 
ATOM   14   C CG  . PRO A 1 2   ? 8.984   22.176  -0.084  1.00 21.83 ? 6   PRO A CG  1 
ATOM   15   C CD  . PRO A 1 2   ? 10.058  21.601  -0.963  1.00 22.71 ? 6   PRO A CD  1 
ATOM   16   N N   . LEU A 1 3   ? 10.517  19.011  2.920   1.00 17.58 ? 7   LEU A N   1 
ATOM   17   C CA  . LEU A 1 3   ? 10.702  17.623  3.326   1.00 15.98 ? 7   LEU A CA  1 
ATOM   18   C C   . LEU A 1 3   ? 9.798   16.699  2.526   1.00 15.99 ? 7   LEU A C   1 
ATOM   19   O O   . LEU A 1 3   ? 10.225  15.641  2.059   1.00 16.23 ? 7   LEU A O   1 
ATOM   20   C CB  . LEU A 1 3   ? 10.396  17.447  4.815   1.00 16.21 ? 7   LEU A CB  1 
ATOM   21   C CG  . LEU A 1 3   ? 10.477  15.992  5.307   1.00 19.04 ? 7   LEU A CG  1 
ATOM   22   C CD1 . LEU A 1 3   ? 11.925  15.515  5.254   1.00 22.04 ? 7   LEU A CD1 1 
ATOM   23   C CD2 . LEU A 1 3   ? 9.936   15.892  6.719   1.00 21.04 ? 7   LEU A CD2 1 
ATOM   24   N N   . LYS A 1 4   ? 8.543   17.093  2.365   1.00 15.47 ? 8   LYS A N   1 
ATOM   25   C CA  . LYS A 1 4   ? 7.611   16.253  1.634   1.00 16.25 ? 8   LYS A CA  1 
ATOM   26   C C   . LYS A 1 4   ? 8.101   15.985  0.216   1.00 17.62 ? 8   LYS A C   1 
ATOM   27   O O   . LYS A 1 4   ? 7.879   14.902  -0.320  1.00 16.60 ? 8   LYS A O   1 
ATOM   28   C CB  . LYS A 1 4   ? 6.215   16.890  1.631   1.00 18.24 ? 8   LYS A CB  1 
ATOM   29   C CG  . LYS A 1 4   ? 5.134   16.055  0.959   1.00 17.62 ? 8   LYS A CG  1 
ATOM   30   C CD  . LYS A 1 4   ? 4.999   16.415  -0.500  1.00 19.21 ? 8   LYS A CD  1 
ATOM   31   C CE  . LYS A 1 4   ? 3.925   15.574  -1.162  1.00 20.71 ? 8   LYS A CE  1 
ATOM   32   N NZ  . LYS A 1 4   ? 3.729   15.969  -2.582  1.00 21.12 ? 8   LYS A NZ  1 
ATOM   33   N N   . GLY A 1 5   ? 8.783   16.960  -0.374  1.00 16.65 ? 9   GLY A N   1 
ATOM   34   C CA  . GLY A 1 5   ? 9.295   16.790  -1.724  1.00 16.37 ? 9   GLY A CA  1 
ATOM   35   C C   . GLY A 1 5   ? 10.351  15.703  -1.776  1.00 16.38 ? 9   GLY A C   1 
ATOM   36   O O   . GLY A 1 5   ? 10.397  14.916  -2.721  1.00 17.37 ? 9   GLY A O   1 
ATOM   37   N N   . LEU A 1 6   ? 11.213  15.661  -0.768  1.00 15.21 ? 10  LEU A N   1 
ATOM   38   C CA  . LEU A 1 6   ? 12.245  14.633  -0.715  1.00 15.07 ? 10  LEU A CA  1 
ATOM   39   C C   . LEU A 1 6   ? 11.602  13.264  -0.549  1.00 15.14 ? 10  LEU A C   1 
ATOM   40   O O   . LEU A 1 6   ? 11.990  12.304  -1.225  1.00 16.61 ? 10  LEU A O   1 
ATOM   41   C CB  . LEU A 1 6   ? 13.209  14.886  0.447   1.00 14.52 ? 10  LEU A CB  1 
ATOM   42   C CG  . LEU A 1 6   ? 14.093  16.119  0.309   1.00 17.17 ? 10  LEU A CG  1 
ATOM   43   C CD1 . LEU A 1 6   ? 14.901  16.267  1.588   1.00 17.23 ? 10  LEU A CD1 1 
ATOM   44   C CD2 . LEU A 1 6   ? 15.007  15.993  -0.913  1.00 17.95 ? 10  LEU A CD2 1 
ATOM   45   N N   . LEU A 1 7   ? 10.622  13.169  0.350   1.00 15.44 ? 11  LEU A N   1 
ATOM   46   C CA  . LEU A 1 7   ? 9.936   11.905  0.596   1.00 15.57 ? 11  LEU A CA  1 
ATOM   47   C C   . LEU A 1 7   ? 9.221   11.443  -0.667  1.00 17.53 ? 11  LEU A C   1 
ATOM   48   O O   . LEU A 1 7   ? 9.160   10.244  -0.960  1.00 16.91 ? 11  LEU A O   1 
ATOM   49   C CB  . LEU A 1 7   ? 8.932   12.048  1.747   1.00 15.89 ? 11  LEU A CB  1 
ATOM   50   C CG  . LEU A 1 7   ? 9.525   12.415  3.116   1.00 16.82 ? 11  LEU A CG  1 
ATOM   51   C CD1 . LEU A 1 7   ? 8.413   12.406  4.162   1.00 20.46 ? 11  LEU A CD1 1 
ATOM   52   C CD2 . LEU A 1 7   ? 10.631  11.441  3.495   1.00 18.99 ? 11  LEU A CD2 1 
ATOM   53   N N   . SER A 1 8   ? 8.693   12.393  -1.426  1.00 16.62 ? 12  SER A N   1 
ATOM   54   C CA  . SER A 1 8   ? 7.990   12.066  -2.658  1.00 17.72 ? 12  SER A CA  1 
ATOM   55   C C   . SER A 1 8   ? 8.937   11.550  -3.737  1.00 16.36 ? 12  SER A C   1 
ATOM   56   O O   . SER A 1 8   ? 8.566   10.688  -4.535  1.00 17.01 ? 12  SER A O   1 
ATOM   57   C CB  . SER A 1 8   ? 7.221   13.289  -3.151  1.00 17.64 ? 12  SER A CB  1 
ATOM   58   O OG  . SER A 1 8   ? 6.098   13.516  -2.315  1.00 21.83 ? 12  SER A OG  1 
ATOM   59   N N   . ILE A 1 9   ? 10.157  12.072  -3.774  1.00 16.45 ? 13  ILE A N   1 
ATOM   60   C CA  . ILE A 1 9   ? 11.121  11.594  -4.758  1.00 15.24 ? 13  ILE A CA  1 
ATOM   61   C C   . ILE A 1 9   ? 11.413  10.135  -4.419  1.00 15.60 ? 13  ILE A C   1 
ATOM   62   O O   . ILE A 1 9   ? 11.456  9.279   -5.300  1.00 15.56 ? 13  ILE A O   1 
ATOM   63   C CB  . ILE A 1 9   ? 12.425  12.415  -4.710  1.00 15.57 ? 13  ILE A CB  1 
ATOM   64   C CG1 . ILE A 1 9   ? 12.157  13.827  -5.242  1.00 16.77 ? 13  ILE A CG1 1 
ATOM   65   C CG2 . ILE A 1 9   ? 13.516  11.721  -5.509  1.00 15.45 ? 13  ILE A CG2 1 
ATOM   66   C CD1 . ILE A 1 9   ? 13.295  14.796  -5.006  1.00 19.32 ? 13  ILE A CD1 1 
ATOM   67   N N   . ILE A 1 10  ? 11.600  9.854   -3.135  1.00 15.53 ? 14  ILE A N   1 
ATOM   68   C CA  . ILE A 1 10  ? 11.867  8.494   -2.688  1.00 15.03 ? 14  ILE A CA  1 
ATOM   69   C C   . ILE A 1 10  ? 10.689  7.583   -3.045  1.00 15.82 ? 14  ILE A C   1 
ATOM   70   O O   . ILE A 1 10  ? 10.877  6.502   -3.602  1.00 17.81 ? 14  ILE A O   1 
ATOM   71   C CB  . ILE A 1 10  ? 12.114  8.468   -1.160  1.00 14.28 ? 14  ILE A CB  1 
ATOM   72   C CG1 . ILE A 1 10  ? 13.394  9.249   -0.835  1.00 14.40 ? 14  ILE A CG1 1 
ATOM   73   C CG2 . ILE A 1 10  ? 12.199  7.022   -0.657  1.00 15.75 ? 14  ILE A CG2 1 
ATOM   74   C CD1 . ILE A 1 10  ? 13.615  9.516   0.638   1.00 15.06 ? 14  ILE A CD1 1 
ATOM   75   N N   . LEU A 1 11  ? 9.470   8.027   -2.744  1.00 17.10 ? 15  LEU A N   1 
ATOM   76   C CA  . LEU A 1 11  ? 8.278   7.230   -3.027  1.00 17.67 ? 15  LEU A CA  1 
ATOM   77   C C   . LEU A 1 11  ? 8.044   7.034   -4.526  1.00 17.51 ? 15  LEU A C   1 
ATOM   78   O O   . LEU A 1 11  ? 7.438   6.048   -4.941  1.00 19.05 ? 15  LEU A O   1 
ATOM   79   C CB  . LEU A 1 11  ? 7.046   7.869   -2.364  1.00 20.82 ? 15  LEU A CB  1 
ATOM   80   C CG  . LEU A 1 11  ? 7.039   7.765   -0.834  1.00 23.86 ? 15  LEU A CG  1 
ATOM   81   C CD1 . LEU A 1 11  ? 5.972   8.678   -0.238  1.00 25.65 ? 15  LEU A CD1 1 
ATOM   82   C CD2 . LEU A 1 11  ? 6.802   6.323   -0.426  1.00 25.35 ? 15  LEU A CD2 1 
ATOM   83   N N   . ARG A 1 12  ? 8.520   7.959   -5.352  1.00 17.11 ? 16  ARG A N   1 
ATOM   84   C CA  . ARG A 1 12  ? 8.336   7.797   -6.789  1.00 18.09 ? 16  ARG A CA  1 
ATOM   85   C C   . ARG A 1 12  ? 9.193   6.639   -7.293  1.00 16.60 ? 16  ARG A C   1 
ATOM   86   O O   . ARG A 1 12  ? 8.809   5.930   -8.233  1.00 16.82 ? 16  ARG A O   1 
ATOM   87   C CB  . ARG A 1 12  ? 8.686   9.088   -7.536  1.00 20.45 ? 16  ARG A CB  1 
ATOM   88   C CG  . ARG A 1 12  ? 7.571   10.118  -7.524  1.00 23.40 ? 16  ARG A CG  1 
ATOM   89   C CD  . ARG A 1 12  ? 7.765   11.154  -8.616  1.00 21.39 ? 16  ARG A CD  1 
ATOM   90   N NE  . ARG A 1 12  ? 8.844   12.089  -8.326  1.00 23.13 ? 16  ARG A NE  1 
ATOM   91   C CZ  . ARG A 1 12  ? 8.743   13.111  -7.483  1.00 22.58 ? 16  ARG A CZ  1 
ATOM   92   N NH1 . ARG A 1 12  ? 7.606   13.335  -6.842  1.00 25.26 ? 16  ARG A NH1 1 
ATOM   93   N NH2 . ARG A 1 12  ? 9.779   13.915  -7.288  1.00 26.77 ? 16  ARG A NH2 1 
ATOM   94   N N   . SER A 1 13  ? 10.349  6.434   -6.672  1.00 16.29 ? 17  SER A N   1 
ATOM   95   C CA  . SER A 1 13  ? 11.215  5.342   -7.089  1.00 16.91 ? 17  SER A CA  1 
ATOM   96   C C   . SER A 1 13  ? 10.530  4.039   -6.711  1.00 17.29 ? 17  SER A C   1 
ATOM   97   O O   . SER A 1 13  ? 10.614  3.047   -7.437  1.00 16.51 ? 17  SER A O   1 
ATOM   98   C CB  . SER A 1 13  ? 12.588  5.439   -6.414  1.00 18.32 ? 17  SER A CB  1 
ATOM   99   O OG  . SER A 1 13  ? 12.547  5.061   -5.052  1.00 22.16 ? 17  SER A OG  1 
ATOM   100  N N   . HIS A 1 14  ? 9.828   4.051   -5.583  1.00 15.94 ? 18  HIS A N   1 
ATOM   101  C CA  . HIS A 1 14  ? 9.113   2.868   -5.123  1.00 15.00 ? 18  HIS A CA  1 
ATOM   102  C C   . HIS A 1 14  ? 8.000   2.541   -6.106  1.00 15.08 ? 18  HIS A C   1 
ATOM   103  O O   . HIS A 1 14  ? 7.789   1.381   -6.459  1.00 16.35 ? 18  HIS A O   1 
ATOM   104  C CB  . HIS A 1 14  ? 8.546   3.119   -3.718  1.00 15.65 ? 18  HIS A CB  1 
ATOM   105  C CG  . HIS A 1 14  ? 7.726   1.988   -3.181  1.00 15.91 ? 18  HIS A CG  1 
ATOM   106  N ND1 . HIS A 1 14  ? 6.384   1.847   -3.458  1.00 18.35 ? 18  HIS A ND1 1 
ATOM   107  C CD2 . HIS A 1 14  ? 8.056   0.946   -2.382  1.00 17.57 ? 18  HIS A CD2 1 
ATOM   108  C CE1 . HIS A 1 14  ? 5.922   0.768   -2.852  1.00 19.88 ? 18  HIS A CE1 1 
ATOM   109  N NE2 . HIS A 1 14  ? 6.917   0.203   -2.193  1.00 20.89 ? 18  HIS A NE2 1 
ATOM   110  N N   . ARG A 1 15  ? 7.302   3.571   -6.566  1.00 14.10 ? 19  ARG A N   1 
ATOM   111  C CA  . ARG A 1 15  ? 6.221   3.396   -7.520  1.00 14.86 ? 19  ARG A CA  1 
ATOM   112  C C   . ARG A 1 15  ? 6.724   2.768   -8.818  1.00 15.27 ? 19  ARG A C   1 
ATOM   113  O O   . ARG A 1 15  ? 6.104   1.843   -9.353  1.00 16.00 ? 19  ARG A O   1 
ATOM   114  C CB  . ARG A 1 15  ? 5.565   4.749   -7.799  1.00 18.04 ? 19  ARG A CB  1 
ATOM   115  C CG  . ARG A 1 15  ? 4.366   4.698   -8.725  1.00 21.26 ? 19  ARG A CG  1 
ATOM   116  C CD  . ARG A 1 15  ? 3.366   5.781   -8.339  1.00 28.53 ? 19  ARG A CD  1 
ATOM   117  N NE  . ARG A 1 15  ? 4.025   7.064   -8.138  1.00 30.90 ? 19  ARG A NE  1 
ATOM   118  C CZ  . ARG A 1 15  ? 3.448   8.125   -7.586  1.00 32.87 ? 19  ARG A CZ  1 
ATOM   119  N NH1 . ARG A 1 15  ? 2.189   8.061   -7.172  1.00 34.53 ? 19  ARG A NH1 1 
ATOM   120  N NH2 . ARG A 1 15  ? 4.131   9.255   -7.447  1.00 30.89 ? 19  ARG A NH2 1 
ATOM   121  N N   . VAL A 1 16  ? 7.844   3.273   -9.322  1.00 16.07 ? 20  VAL A N   1 
ATOM   122  C CA  . VAL A 1 16  ? 8.414   2.742   -10.556 1.00 15.54 ? 20  VAL A CA  1 
ATOM   123  C C   . VAL A 1 16  ? 8.902   1.309   -10.341 1.00 14.75 ? 20  VAL A C   1 
ATOM   124  O O   . VAL A 1 16  ? 8.698   0.441   -11.191 1.00 15.02 ? 20  VAL A O   1 
ATOM   125  C CB  . VAL A 1 16  ? 9.588   3.620   -11.053 1.00 15.86 ? 20  VAL A CB  1 
ATOM   126  C CG1 . VAL A 1 16  ? 10.289  2.947   -12.228 1.00 19.02 ? 20  VAL A CG1 1 
ATOM   127  C CG2 . VAL A 1 16  ? 9.070   4.987   -11.480 1.00 19.36 ? 20  VAL A CG2 1 
ATOM   128  N N   . PHE A 1 17  ? 9.540   1.053   -9.205  1.00 15.26 ? 21  PHE A N   1 
ATOM   129  C CA  . PHE A 1 17  ? 10.054  -0.285  -8.909  1.00 14.20 ? 21  PHE A CA  1 
ATOM   130  C C   . PHE A 1 17  ? 8.917   -1.310  -8.803  1.00 16.00 ? 21  PHE A C   1 
ATOM   131  O O   . PHE A 1 17  ? 9.003   -2.409  -9.360  1.00 15.47 ? 21  PHE A O   1 
ATOM   132  C CB  . PHE A 1 17  ? 10.844  -0.256  -7.598  1.00 16.36 ? 21  PHE A CB  1 
ATOM   133  C CG  . PHE A 1 17  ? 11.731  -1.448  -7.392  1.00 17.88 ? 21  PHE A CG  1 
ATOM   134  C CD1 . PHE A 1 17  ? 12.930  -1.564  -8.082  1.00 18.78 ? 21  PHE A CD1 1 
ATOM   135  C CD2 . PHE A 1 17  ? 11.370  -2.453  -6.504  1.00 17.66 ? 21  PHE A CD2 1 
ATOM   136  C CE1 . PHE A 1 17  ? 13.763  -2.666  -7.891  1.00 20.87 ? 21  PHE A CE1 1 
ATOM   137  C CE2 . PHE A 1 17  ? 12.192  -3.560  -6.302  1.00 18.89 ? 21  PHE A CE2 1 
ATOM   138  C CZ  . PHE A 1 17  ? 13.394  -3.665  -7.000  1.00 18.95 ? 21  PHE A CZ  1 
ATOM   139  N N   . ILE A 1 18  ? 7.861   -0.961  -8.072  1.00 15.65 ? 22  ILE A N   1 
ATOM   140  C CA  . ILE A 1 18  ? 6.707   -1.843  -7.911  1.00 16.56 ? 22  ILE A CA  1 
ATOM   141  C C   . ILE A 1 18  ? 6.085   -2.150  -9.272  1.00 15.93 ? 22  ILE A C   1 
ATOM   142  O O   . ILE A 1 18  ? 5.769   -3.294  -9.585  1.00 15.09 ? 22  ILE A O   1 
ATOM   143  C CB  . ILE A 1 18  ? 5.619   -1.182  -7.019  1.00 17.71 ? 22  ILE A CB  1 
ATOM   144  C CG1 . ILE A 1 18  ? 6.060   -1.205  -5.560  1.00 22.30 ? 22  ILE A CG1 1 
ATOM   145  C CG2 . ILE A 1 18  ? 4.276   -1.889  -7.194  1.00 18.23 ? 22  ILE A CG2 1 
ATOM   146  C CD1 . ILE A 1 18  ? 6.180   -2.586  -4.984  1.00 23.20 ? 22  ILE A CD1 1 
ATOM   147  N N   . GLY A 1 19  ? 5.911   -1.113  -10.080 1.00 16.51 ? 23  GLY A N   1 
ATOM   148  C CA  . GLY A 1 19  ? 5.316   -1.293  -11.389 1.00 17.59 ? 23  GLY A CA  1 
ATOM   149  C C   . GLY A 1 19  ? 6.110   -2.211  -12.295 1.00 17.80 ? 23  GLY A C   1 
ATOM   150  O O   . GLY A 1 19  ? 5.532   -2.971  -13.072 1.00 20.60 ? 23  GLY A O   1 
ATOM   151  N N   . ARG A 1 20  ? 7.432   -2.148  -12.193 1.00 17.97 ? 24  ARG A N   1 
ATOM   152  C CA  . ARG A 1 20  ? 8.305   -2.973  -13.021 1.00 19.97 ? 24  ARG A CA  1 
ATOM   153  C C   . ARG A 1 20  ? 8.397   -4.407  -12.519 1.00 19.90 ? 24  ARG A C   1 
ATOM   154  O O   . ARG A 1 20  ? 8.265   -5.356  -13.294 1.00 22.13 ? 24  ARG A O   1 
ATOM   155  C CB  . ARG A 1 20  ? 9.709   -2.363  -13.071 1.00 22.57 ? 24  ARG A CB  1 
ATOM   156  C CG  . ARG A 1 20  ? 9.745   -0.923  -13.549 1.00 29.27 ? 24  ARG A CG  1 
ATOM   157  C CD  . ARG A 1 20  ? 9.297   -0.778  -14.996 1.00 33.78 ? 24  ARG A CD  1 
ATOM   158  N NE  . ARG A 1 20  ? 10.299  -1.271  -15.936 1.00 37.70 ? 24  ARG A NE  1 
ATOM   159  C CZ  . ARG A 1 20  ? 10.211  -1.138  -17.255 1.00 39.37 ? 24  ARG A CZ  1 
ATOM   160  N NH1 . ARG A 1 20  ? 9.165   -0.527  -17.795 1.00 40.30 ? 24  ARG A NH1 1 
ATOM   161  N NH2 . ARG A 1 20  ? 11.173  -1.608  -18.037 1.00 40.20 ? 24  ARG A NH2 1 
ATOM   162  N N   . GLU A 1 21  ? 8.611   -4.564  -11.217 1.00 18.48 ? 25  GLU A N   1 
ATOM   163  C CA  . GLU A 1 21  ? 8.755   -5.886  -10.619 1.00 18.53 ? 25  GLU A CA  1 
ATOM   164  C C   . GLU A 1 21  ? 7.450   -6.664  -10.507 1.00 18.81 ? 25  GLU A C   1 
ATOM   165  O O   . GLU A 1 21  ? 7.449   -7.889  -10.586 1.00 20.76 ? 25  GLU A O   1 
ATOM   166  C CB  . GLU A 1 21  ? 9.397   -5.756  -9.233  1.00 21.14 ? 25  GLU A CB  1 
ATOM   167  C CG  . GLU A 1 21  ? 10.776  -5.116  -9.254  1.00 24.66 ? 25  GLU A CG  1 
ATOM   168  C CD  . GLU A 1 21  ? 11.877  -6.079  -9.662  1.00 29.29 ? 25  GLU A CD  1 
ATOM   169  O OE1 . GLU A 1 21  ? 11.714  -6.797  -10.671 1.00 31.29 ? 25  GLU A OE1 1 
ATOM   170  O OE2 . GLU A 1 21  ? 12.916  -6.108  -8.971  1.00 30.80 ? 25  GLU A OE2 1 
ATOM   171  N N   . LEU A 1 22  ? 6.338   -5.963  -10.326 1.00 17.18 ? 26  LEU A N   1 
ATOM   172  C CA  . LEU A 1 22  ? 5.053   -6.636  -10.193 1.00 16.69 ? 26  LEU A CA  1 
ATOM   173  C C   . LEU A 1 22  ? 4.109   -6.356  -11.350 1.00 16.88 ? 26  LEU A C   1 
ATOM   174  O O   . LEU A 1 22  ? 2.925   -6.676  -11.281 1.00 16.45 ? 26  LEU A O   1 
ATOM   175  C CB  . LEU A 1 22  ? 4.378   -6.235  -8.872  1.00 16.90 ? 26  LEU A CB  1 
ATOM   176  C CG  . LEU A 1 22  ? 5.164   -6.577  -7.602  1.00 17.93 ? 26  LEU A CG  1 
ATOM   177  C CD1 . LEU A 1 22  ? 4.481   -5.957  -6.391  1.00 20.37 ? 26  LEU A CD1 1 
ATOM   178  C CD2 . LEU A 1 22  ? 5.270   -8.092  -7.445  1.00 19.27 ? 26  LEU A CD2 1 
ATOM   179  N N   . GLY A 1 23  ? 4.644   -5.762  -12.416 1.00 18.47 ? 27  GLY A N   1 
ATOM   180  C CA  . GLY A 1 23  ? 3.841   -5.458  -13.586 1.00 19.97 ? 27  GLY A CA  1 
ATOM   181  C C   . GLY A 1 23  ? 3.213   -6.685  -14.216 1.00 20.43 ? 27  GLY A C   1 
ATOM   182  O O   . GLY A 1 23  ? 2.143   -6.589  -14.813 1.00 21.87 ? 27  GLY A O   1 
ATOM   183  N N   . HIS A 1 24  ? 3.859   -7.842  -14.093 1.00 21.80 ? 28  HIS A N   1 
ATOM   184  C CA  . HIS A 1 24  ? 3.296   -9.057  -14.670 1.00 23.18 ? 28  HIS A CA  1 
ATOM   185  C C   . HIS A 1 24  ? 1.988   -9.433  -13.978 1.00 22.80 ? 28  HIS A C   1 
ATOM   186  O O   . HIS A 1 24  ? 1.196   -10.212 -14.506 1.00 23.98 ? 28  HIS A O   1 
ATOM   187  C CB  . HIS A 1 24  ? 4.298   -10.221 -14.596 1.00 25.26 ? 28  HIS A CB  1 
ATOM   188  C CG  . HIS A 1 24  ? 4.749   -10.561 -13.209 1.00 27.30 ? 28  HIS A CG  1 
ATOM   189  N ND1 . HIS A 1 24  ? 5.529   -9.717  -12.450 1.00 28.50 ? 28  HIS A ND1 1 
ATOM   190  C CD2 . HIS A 1 24  ? 4.547   -11.668 -12.454 1.00 27.24 ? 28  HIS A CD2 1 
ATOM   191  C CE1 . HIS A 1 24  ? 5.788   -10.286 -11.287 1.00 27.40 ? 28  HIS A CE1 1 
ATOM   192  N NE2 . HIS A 1 24  ? 5.203   -11.470 -11.263 1.00 28.75 ? 28  HIS A NE2 1 
ATOM   193  N N   . LEU A 1 25  ? 1.758   -8.857  -12.800 1.00 20.25 ? 29  LEU A N   1 
ATOM   194  C CA  . LEU A 1 25  ? 0.535   -9.118  -12.042 1.00 21.28 ? 29  LEU A CA  1 
ATOM   195  C C   . LEU A 1 25  ? -0.404  -7.925  -12.174 1.00 21.27 ? 29  LEU A C   1 
ATOM   196  O O   . LEU A 1 25  ? -1.432  -7.844  -11.497 1.00 22.82 ? 29  LEU A O   1 
ATOM   197  C CB  . LEU A 1 25  ? 0.861   -9.345  -10.565 1.00 22.70 ? 29  LEU A CB  1 
ATOM   198  C CG  . LEU A 1 25  ? 1.762   -10.536 -10.241 1.00 23.82 ? 29  LEU A CG  1 
ATOM   199  C CD1 . LEU A 1 25  ? 2.056   -10.552 -8.752  1.00 25.12 ? 29  LEU A CD1 1 
ATOM   200  C CD2 . LEU A 1 25  ? 1.082   -11.827 -10.668 1.00 26.14 ? 29  LEU A CD2 1 
ATOM   201  N N   . ASN A 1 26  ? -0.033  -6.999  -13.052 1.00 19.77 ? 30  ASN A N   1 
ATOM   202  C CA  . ASN A 1 26  ? -0.807  -5.786  -13.295 1.00 19.82 ? 30  ASN A CA  1 
ATOM   203  C C   . ASN A 1 26  ? -0.966  -4.978  -12.019 1.00 19.79 ? 30  ASN A C   1 
ATOM   204  O O   . ASN A 1 26  ? -1.972  -4.291  -11.820 1.00 21.43 ? 30  ASN A O   1 
ATOM   205  C CB  . ASN A 1 26  ? -2.186  -6.117  -13.873 1.00 22.20 ? 30  ASN A CB  1 
ATOM   206  C CG  . ASN A 1 26  ? -2.120  -6.562  -15.320 1.00 23.75 ? 30  ASN A CG  1 
ATOM   207  O OD1 . ASN A 1 26  ? -1.243  -6.132  -16.071 1.00 28.71 ? 30  ASN A OD1 1 
ATOM   208  N ND2 . ASN A 1 26  ? -3.054  -7.412  -15.723 1.00 27.00 ? 30  ASN A ND2 1 
ATOM   209  N N   . LEU A 1 27  ? 0.042   -5.046  -11.163 1.00 17.92 ? 31  LEU A N   1 
ATOM   210  C CA  . LEU A 1 27  ? -0.003  -4.321  -9.904  1.00 15.85 ? 31  LEU A CA  1 
ATOM   211  C C   . LEU A 1 27  ? 0.744   -3.001  -9.963  1.00 16.88 ? 31  LEU A C   1 
ATOM   212  O O   . LEU A 1 27  ? 1.727   -2.850  -10.690 1.00 18.18 ? 31  LEU A O   1 
ATOM   213  C CB  . LEU A 1 27  ? 0.569   -5.185  -8.769  1.00 17.23 ? 31  LEU A CB  1 
ATOM   214  C CG  . LEU A 1 27  ? -0.308  -6.328  -8.250  1.00 16.94 ? 31  LEU A CG  1 
ATOM   215  C CD1 . LEU A 1 27  ? 0.515   -7.210  -7.323  1.00 19.01 ? 31  LEU A CD1 1 
ATOM   216  C CD2 . LEU A 1 27  ? -1.520  -5.759  -7.518  1.00 17.50 ? 31  LEU A CD2 1 
ATOM   217  N N   . THR A 1 28  ? 0.247   -2.051  -9.186  1.00 15.25 ? 32  THR A N   1 
ATOM   218  C CA  . THR A 1 28  ? 0.828   -0.730  -9.067  1.00 15.55 ? 32  THR A CA  1 
ATOM   219  C C   . THR A 1 28  ? 0.929   -0.439  -7.583  1.00 15.65 ? 32  THR A C   1 
ATOM   220  O O   . THR A 1 28  ? 0.312   -1.125  -6.759  1.00 14.87 ? 32  THR A O   1 
ATOM   221  C CB  . THR A 1 28  ? -0.071  0.338   -9.678  1.00 15.98 ? 32  THR A CB  1 
ATOM   222  O OG1 . THR A 1 28  ? -1.370  0.249   -9.077  1.00 17.77 ? 32  THR A OG1 1 
ATOM   223  C CG2 . THR A 1 28  ? -0.175  0.160   -11.183 1.00 17.22 ? 32  THR A CG2 1 
ATOM   224  N N   . ASP A 1 29  ? 1.688   0.589   -7.244  1.00 15.42 ? 33  ASP A N   1 
ATOM   225  C CA  . ASP A 1 29  ? 1.875   0.994   -5.862  1.00 16.23 ? 33  ASP A CA  1 
ATOM   226  C C   . ASP A 1 29  ? 0.530   1.199   -5.162  1.00 16.43 ? 33  ASP A C   1 
ATOM   227  O O   . ASP A 1 29  ? 0.321   0.719   -4.051  1.00 14.81 ? 33  ASP A O   1 
ATOM   228  C CB  . ASP A 1 29  ? 2.685   2.292   -5.838  1.00 21.03 ? 33  ASP A CB  1 
ATOM   229  C CG  . ASP A 1 29  ? 3.096   2.703   -4.454  1.00 27.79 ? 33  ASP A CG  1 
ATOM   230  O OD1 . ASP A 1 29  ? 2.224   2.788   -3.566  1.00 30.83 ? 33  ASP A OD1 1 
ATOM   231  O OD2 . ASP A 1 29  ? 4.302   2.956   -4.261  1.00 30.06 ? 33  ASP A OD2 1 
ATOM   232  N N   . ALA A 1 30  ? -0.380  1.915   -5.808  1.00 14.52 ? 34  ALA A N   1 
ATOM   233  C CA  . ALA A 1 30  ? -1.687  2.183   -5.218  1.00 14.89 ? 34  ALA A CA  1 
ATOM   234  C C   . ALA A 1 30  ? -2.451  0.896   -4.911  1.00 14.89 ? 34  ALA A C   1 
ATOM   235  O O   . ALA A 1 30  ? -3.094  0.781   -3.863  1.00 15.43 ? 34  ALA A O   1 
ATOM   236  C CB  . ALA A 1 30  ? -2.504  3.075   -6.147  1.00 16.23 ? 34  ALA A CB  1 
ATOM   237  N N   . GLN A 1 31  ? -2.400  -0.074  -5.818  1.00 14.74 ? 35  GLN A N   1 
ATOM   238  C CA  . GLN A 1 31  ? -3.095  -1.340  -5.589  1.00 13.63 ? 35  GLN A CA  1 
ATOM   239  C C   . GLN A 1 31  ? -2.447  -2.126  -4.457  1.00 14.17 ? 35  GLN A C   1 
ATOM   240  O O   . GLN A 1 31  ? -3.144  -2.730  -3.641  1.00 14.34 ? 35  GLN A O   1 
ATOM   241  C CB  . GLN A 1 31  ? -3.093  -2.204  -6.847  1.00 13.72 ? 35  GLN A CB  1 
ATOM   242  C CG  . GLN A 1 31  ? -3.931  -1.691  -7.990  1.00 14.33 ? 35  GLN A CG  1 
ATOM   243  C CD  . GLN A 1 31  ? -3.830  -2.608  -9.182  1.00 15.92 ? 35  GLN A CD  1 
ATOM   244  O OE1 . GLN A 1 31  ? -4.393  -3.697  -9.184  1.00 18.50 ? 35  GLN A OE1 1 
ATOM   245  N NE2 . GLN A 1 31  ? -3.086  -2.182  -10.194 1.00 16.10 ? 35  GLN A NE2 1 
ATOM   246  N N   . VAL A 1 32  ? -1.122  -2.138  -4.409  1.00 13.45 ? 36  VAL A N   1 
ATOM   247  C CA  . VAL A 1 32  ? -0.430  -2.851  -3.349  1.00 13.15 ? 36  VAL A CA  1 
ATOM   248  C C   . VAL A 1 32  ? -0.806  -2.264  -1.990  1.00 14.58 ? 36  VAL A C   1 
ATOM   249  O O   . VAL A 1 32  ? -1.054  -3.001  -1.038  1.00 15.08 ? 36  VAL A O   1 
ATOM   250  C CB  . VAL A 1 32  ? 1.103   -2.782  -3.534  1.00 14.57 ? 36  VAL A CB  1 
ATOM   251  C CG1 . VAL A 1 32  ? 1.815   -3.253  -2.267  1.00 16.53 ? 36  VAL A CG1 1 
ATOM   252  C CG2 . VAL A 1 32  ? 1.514   -3.653  -4.707  1.00 15.06 ? 36  VAL A CG2 1 
ATOM   253  N N   . ALA A 1 33  ? -0.854  -0.942  -1.894  1.00 14.22 ? 37  ALA A N   1 
ATOM   254  C CA  . ALA A 1 33  ? -1.199  -0.300  -0.631  1.00 13.96 ? 37  ALA A CA  1 
ATOM   255  C C   . ALA A 1 33  ? -2.581  -0.740  -0.177  1.00 14.74 ? 37  ALA A C   1 
ATOM   256  O O   . ALA A 1 33  ? -2.769  -1.085  0.991   1.00 15.66 ? 37  ALA A O   1 
ATOM   257  C CB  . ALA A 1 33  ? -1.153  1.217   -0.786  1.00 14.33 ? 37  ALA A CB  1 
ATOM   258  N N   . CYS A 1 34  ? -3.546  -0.731  -1.093  1.00 13.22 ? 38  CYS A N   1 
ATOM   259  C CA  . CYS A 1 34  ? -4.904  -1.148  -0.757  1.00 14.45 ? 38  CYS A CA  1 
ATOM   260  C C   . CYS A 1 34  ? -4.934  -2.622  -0.359  1.00 13.68 ? 38  CYS A C   1 
ATOM   261  O O   . CYS A 1 34  ? -5.575  -3.003  0.623   1.00 14.80 ? 38  CYS A O   1 
ATOM   262  C CB  . CYS A 1 34  ? -5.846  -0.933  -1.944  1.00 14.33 ? 38  CYS A CB  1 
ATOM   263  S SG  . CYS A 1 34  ? -6.311  0.788   -2.206  1.00 16.02 ? 38  CYS A SG  1 
ATOM   264  N N   . LEU A 1 35  ? -4.242  -3.457  -1.120  1.00 14.97 ? 39  LEU A N   1 
ATOM   265  C CA  . LEU A 1 35  ? -4.217  -4.882  -0.838  1.00 14.98 ? 39  LEU A CA  1 
ATOM   266  C C   . LEU A 1 35  ? -3.659  -5.161  0.556   1.00 15.50 ? 39  LEU A C   1 
ATOM   267  O O   . LEU A 1 35  ? -4.244  -5.931  1.319   1.00 16.86 ? 39  LEU A O   1 
ATOM   268  C CB  . LEU A 1 35  ? -3.378  -5.610  -1.890  1.00 15.47 ? 39  LEU A CB  1 
ATOM   269  C CG  . LEU A 1 35  ? -3.422  -7.137  -1.838  1.00 17.47 ? 39  LEU A CG  1 
ATOM   270  C CD1 . LEU A 1 35  ? -4.835  -7.621  -2.084  1.00 20.57 ? 39  LEU A CD1 1 
ATOM   271  C CD2 . LEU A 1 35  ? -2.491  -7.703  -2.898  1.00 19.51 ? 39  LEU A CD2 1 
ATOM   272  N N   . LEU A 1 36  ? -2.539  -4.534  0.902   1.00 15.39 ? 40  LEU A N   1 
ATOM   273  C CA  . LEU A 1 36  ? -1.945  -4.767  2.215   1.00 15.38 ? 40  LEU A CA  1 
ATOM   274  C C   . LEU A 1 36  ? -2.838  -4.257  3.331   1.00 16.02 ? 40  LEU A C   1 
ATOM   275  O O   . LEU A 1 36  ? -2.914  -4.870  4.400   1.00 17.27 ? 40  LEU A O   1 
ATOM   276  C CB  . LEU A 1 36  ? -0.560  -4.120  2.311   1.00 15.22 ? 40  LEU A CB  1 
ATOM   277  C CG  . LEU A 1 36  ? 0.502   -4.714  1.377   1.00 17.88 ? 40  LEU A CG  1 
ATOM   278  C CD1 . LEU A 1 36  ? 1.818   -3.972  1.557   1.00 18.62 ? 40  LEU A CD1 1 
ATOM   279  C CD2 . LEU A 1 36  ? 0.675   -6.204  1.681   1.00 19.24 ? 40  LEU A CD2 1 
ATOM   280  N N   . ARG A 1 37  ? -3.521  -3.142  3.096   1.00 15.51 ? 41  ARG A N   1 
ATOM   281  C CA  . ARG A 1 37  ? -4.408  -2.593  4.116   1.00 17.18 ? 41  ARG A CA  1 
ATOM   282  C C   . ARG A 1 37  ? -5.613  -3.499  4.355   1.00 17.65 ? 41  ARG A C   1 
ATOM   283  O O   . ARG A 1 37  ? -6.041  -3.675  5.496   1.00 19.06 ? 41  ARG A O   1 
ATOM   284  C CB  . ARG A 1 37  ? -4.881  -1.196  3.713   1.00 18.72 ? 41  ARG A CB  1 
ATOM   285  C CG  . ARG A 1 37  ? -5.656  -0.470  4.797   1.00 21.79 ? 41  ARG A CG  1 
ATOM   286  C CD  . ARG A 1 37  ? -4.751  -0.012  5.927   1.00 25.29 ? 41  ARG A CD  1 
ATOM   287  N NE  . ARG A 1 37  ? -5.515  0.630   6.993   1.00 26.04 ? 41  ARG A NE  1 
ATOM   288  C CZ  . ARG A 1 37  ? -6.345  -0.016  7.805   1.00 25.94 ? 41  ARG A CZ  1 
ATOM   289  N NH1 . ARG A 1 37  ? -6.518  -1.324  7.677   1.00 24.17 ? 41  ARG A NH1 1 
ATOM   290  N NH2 . ARG A 1 37  ? -7.005  0.646   8.743   1.00 27.46 ? 41  ARG A NH2 1 
ATOM   291  N N   . ILE A 1 38  ? -6.166  -4.070  3.291   1.00 16.35 ? 42  ILE A N   1 
ATOM   292  C CA  . ILE A 1 38  ? -7.315  -4.959  3.428   1.00 17.28 ? 42  ILE A CA  1 
ATOM   293  C C   . ILE A 1 38  ? -6.854  -6.258  4.079   1.00 18.47 ? 42  ILE A C   1 
ATOM   294  O O   . ILE A 1 38  ? -7.578  -6.859  4.882   1.00 19.21 ? 42  ILE A O   1 
ATOM   295  C CB  . ILE A 1 38  ? -7.942  -5.272  2.056   1.00 16.56 ? 42  ILE A CB  1 
ATOM   296  C CG1 . ILE A 1 38  ? -8.438  -3.976  1.412   1.00 17.80 ? 42  ILE A CG1 1 
ATOM   297  C CG2 . ILE A 1 38  ? -9.103  -6.250  2.219   1.00 18.75 ? 42  ILE A CG2 1 
ATOM   298  C CD1 . ILE A 1 38  ? -8.781  -4.119  -0.049  1.00 18.15 ? 42  ILE A CD1 1 
ATOM   299  N N   . HIS A 1 39  ? -5.647  -6.681  3.719   1.00 18.73 ? 43  HIS A N   1 
ATOM   300  C CA  . HIS A 1 39  ? -5.037  -7.896  4.246   1.00 18.30 ? 43  HIS A CA  1 
ATOM   301  C C   . HIS A 1 39  ? -4.930  -7.847  5.768   1.00 20.32 ? 43  HIS A C   1 
ATOM   302  O O   . HIS A 1 39  ? -5.194  -8.842  6.454   1.00 20.96 ? 43  HIS A O   1 
ATOM   303  C CB  . HIS A 1 39  ? -3.644  -8.072  3.620   1.00 17.78 ? 43  HIS A CB  1 
ATOM   304  C CG  . HIS A 1 39  ? -2.807  -9.135  4.265   1.00 21.07 ? 43  HIS A CG  1 
ATOM   305  N ND1 . HIS A 1 39  ? -3.179  -10.462 4.298   1.00 21.44 ? 43  HIS A ND1 1 
ATOM   306  C CD2 . HIS A 1 39  ? -1.602  -9.066  4.880   1.00 21.04 ? 43  HIS A CD2 1 
ATOM   307  C CE1 . HIS A 1 39  ? -2.238  -11.165 4.902   1.00 20.82 ? 43  HIS A CE1 1 
ATOM   308  N NE2 . HIS A 1 39  ? -1.270  -10.343 5.265   1.00 22.95 ? 43  HIS A NE2 1 
ATOM   309  N N   . ARG A 1 40  ? -4.551  -6.691  6.300   1.00 19.35 ? 44  ARG A N   1 
ATOM   310  C CA  . ARG A 1 40  ? -4.404  -6.557  7.741   1.00 20.12 ? 44  ARG A CA  1 
ATOM   311  C C   . ARG A 1 40  ? -5.723  -6.250  8.441   1.00 21.18 ? 44  ARG A C   1 
ATOM   312  O O   . ARG A 1 40  ? -5.801  -6.309  9.671   1.00 23.54 ? 44  ARG A O   1 
ATOM   313  C CB  . ARG A 1 40  ? -3.367  -5.478  8.072   1.00 24.29 ? 44  ARG A CB  1 
ATOM   314  C CG  . ARG A 1 40  ? -3.756  -4.067  7.673   1.00 26.88 ? 44  ARG A CG  1 
ATOM   315  C CD  . ARG A 1 40  ? -2.697  -3.075  8.134   1.00 32.00 ? 44  ARG A CD  1 
ATOM   316  N NE  . ARG A 1 40  ? -2.469  -3.168  9.573   1.00 35.46 ? 44  ARG A NE  1 
ATOM   317  C CZ  . ARG A 1 40  ? -3.386  -2.895  10.496  1.00 37.44 ? 44  ARG A CZ  1 
ATOM   318  N NH1 . ARG A 1 40  ? -4.601  -2.507  10.133  1.00 38.59 ? 44  ARG A NH1 1 
ATOM   319  N NH2 . ARG A 1 40  ? -3.089  -3.020  11.783  1.00 38.23 ? 44  ARG A NH2 1 
ATOM   320  N N   . GLU A 1 41  ? -6.761  -5.936  7.670   1.00 18.41 ? 45  GLU A N   1 
ATOM   321  C CA  . GLU A 1 41  ? -8.061  -5.633  8.260   1.00 18.48 ? 45  GLU A CA  1 
ATOM   322  C C   . GLU A 1 41  ? -9.198  -6.220  7.420   1.00 18.42 ? 45  GLU A C   1 
ATOM   323  O O   . GLU A 1 41  ? -9.969  -5.493  6.784   1.00 19.93 ? 45  GLU A O   1 
ATOM   324  C CB  . GLU A 1 41  ? -8.213  -4.113  8.411   1.00 18.98 ? 45  GLU A CB  1 
ATOM   325  C CG  . GLU A 1 41  ? -9.445  -3.661  9.176   1.00 23.57 ? 45  GLU A CG  1 
ATOM   326  C CD  . GLU A 1 41  ? -9.369  -2.195  9.582   1.00 20.95 ? 45  GLU A CD  1 
ATOM   327  O OE1 . GLU A 1 41  ? -10.421 -1.609  9.904   1.00 26.69 ? 45  GLU A OE1 1 
ATOM   328  O OE2 . GLU A 1 41  ? -8.255  -1.636  9.594   1.00 26.83 ? 45  GLU A OE2 1 
ATOM   329  N N   . PRO A 1 42  ? -9.315  -7.561  7.409   1.00 17.71 ? 46  PRO A N   1 
ATOM   330  C CA  . PRO A 1 42  ? -10.358 -8.250  6.646   1.00 17.97 ? 46  PRO A CA  1 
ATOM   331  C C   . PRO A 1 42  ? -11.758 -7.754  6.997   1.00 17.28 ? 46  PRO A C   1 
ATOM   332  O O   . PRO A 1 42  ? -12.118 -7.656  8.172   1.00 18.17 ? 46  PRO A O   1 
ATOM   333  C CB  . PRO A 1 42  ? -10.142 -9.724  7.014   1.00 20.08 ? 46  PRO A CB  1 
ATOM   334  C CG  . PRO A 1 42  ? -9.540  -9.654  8.378   1.00 22.03 ? 46  PRO A CG  1 
ATOM   335  C CD  . PRO A 1 42  ? -8.558  -8.516  8.238   1.00 20.86 ? 46  PRO A CD  1 
ATOM   336  N N   . GLY A 1 43  ? -12.535 -7.425  5.970   1.00 17.34 ? 47  GLY A N   1 
ATOM   337  C CA  . GLY A 1 43  ? -13.887 -6.943  6.185   1.00 16.85 ? 47  GLY A CA  1 
ATOM   338  C C   . GLY A 1 43  ? -14.020 -5.434  6.251   1.00 17.36 ? 47  GLY A C   1 
ATOM   339  O O   . GLY A 1 43  ? -15.121 -4.912  6.411   1.00 18.43 ? 47  GLY A O   1 
ATOM   340  N N   . ILE A 1 44  ? -12.902 -4.725  6.137   1.00 17.53 ? 48  ILE A N   1 
ATOM   341  C CA  . ILE A 1 44  ? -12.941 -3.273  6.181   1.00 16.72 ? 48  ILE A CA  1 
ATOM   342  C C   . ILE A 1 44  ? -13.880 -2.775  5.081   1.00 17.21 ? 48  ILE A C   1 
ATOM   343  O O   . ILE A 1 44  ? -13.905 -3.322  3.977   1.00 16.78 ? 48  ILE A O   1 
ATOM   344  C CB  . ILE A 1 44  ? -11.520 -2.670  5.982   1.00 15.95 ? 48  ILE A CB  1 
ATOM   345  C CG1 . ILE A 1 44  ? -11.559 -1.156  6.200   1.00 16.30 ? 48  ILE A CG1 1 
ATOM   346  C CG2 . ILE A 1 44  ? -10.997 -2.999  4.587   1.00 19.00 ? 48  ILE A CG2 1 
ATOM   347  C CD1 . ILE A 1 44  ? -10.188 -0.493  6.183   1.00 16.70 ? 48  ILE A CD1 1 
ATOM   348  N N   . LYS A 1 45  ? -14.668 -1.751  5.397   1.00 16.95 ? 49  LYS A N   1 
ATOM   349  C CA  . LYS A 1 45  ? -15.595 -1.175  4.426   1.00 17.71 ? 49  LYS A CA  1 
ATOM   350  C C   . LYS A 1 45  ? -14.798 -0.345  3.427   1.00 16.48 ? 49  LYS A C   1 
ATOM   351  O O   . LYS A 1 45  ? -13.781 0.255   3.782   1.00 16.86 ? 49  LYS A O   1 
ATOM   352  C CB  . LYS A 1 45  ? -16.625 -0.273  5.117   1.00 19.99 ? 49  LYS A CB  1 
ATOM   353  C CG  . LYS A 1 45  ? -17.865 -0.978  5.661   1.00 22.68 ? 49  LYS A CG  1 
ATOM   354  C CD  . LYS A 1 45  ? -17.548 -1.921  6.804   1.00 23.96 ? 49  LYS A CD  1 
ATOM   355  C CE  . LYS A 1 45  ? -18.834 -2.469  7.403   1.00 24.38 ? 49  LYS A CE  1 
ATOM   356  N NZ  . LYS A 1 45  ? -18.563 -3.464  8.471   1.00 25.70 ? 49  LYS A NZ  1 
ATOM   357  N N   . GLN A 1 46  ? -15.263 -0.308  2.183   1.00 16.48 ? 50  GLN A N   1 
ATOM   358  C CA  . GLN A 1 46  ? -14.581 0.467   1.159   1.00 16.21 ? 50  GLN A CA  1 
ATOM   359  C C   . GLN A 1 46  ? -14.499 1.926   1.571   1.00 15.74 ? 50  GLN A C   1 
ATOM   360  O O   . GLN A 1 46  ? -13.469 2.563   1.372   1.00 15.78 ? 50  GLN A O   1 
ATOM   361  C CB  . GLN A 1 46  ? -15.306 0.359   -0.184  1.00 16.46 ? 50  GLN A CB  1 
ATOM   362  C CG  . GLN A 1 46  ? -14.663 1.192   -1.293  1.00 18.02 ? 50  GLN A CG  1 
ATOM   363  C CD  . GLN A 1 46  ? -15.261 0.909   -2.657  1.00 21.53 ? 50  GLN A CD  1 
ATOM   364  O OE1 . GLN A 1 46  ? -15.676 -0.215  -2.940  1.00 22.83 ? 50  GLN A OE1 1 
ATOM   365  N NE2 . GLN A 1 46  ? -15.287 1.922   -3.519  1.00 22.86 ? 50  GLN A NE2 1 
ATOM   366  N N   . ASP A 1 47  ? -15.573 2.464   2.144   1.00 14.72 ? 51  ASP A N   1 
ATOM   367  C CA  . ASP A 1 47  ? -15.546 3.860   2.552   1.00 14.48 ? 51  ASP A CA  1 
ATOM   368  C C   . ASP A 1 47  ? -14.565 4.081   3.697   1.00 14.68 ? 51  ASP A C   1 
ATOM   369  O O   . ASP A 1 47  ? -14.020 5.173   3.838   1.00 15.33 ? 51  ASP A O   1 
ATOM   370  C CB  . ASP A 1 47  ? -16.949 4.369   2.929   1.00 16.30 ? 51  ASP A CB  1 
ATOM   371  C CG  . ASP A 1 47  ? -17.566 3.613   4.087   1.00 19.65 ? 51  ASP A CG  1 
ATOM   372  O OD1 . ASP A 1 47  ? -18.257 2.606   3.838   1.00 20.09 ? 51  ASP A OD1 1 
ATOM   373  O OD2 . ASP A 1 47  ? -17.363 4.034   5.241   1.00 19.62 ? 51  ASP A OD2 1 
ATOM   374  N N   . GLU A 1 48  ? -14.328 3.050   4.508   1.00 14.65 ? 52  GLU A N   1 
ATOM   375  C CA  . GLU A 1 48  ? -13.384 3.162   5.620   1.00 17.22 ? 52  GLU A CA  1 
ATOM   376  C C   . GLU A 1 48  ? -11.959 3.142   5.070   1.00 14.23 ? 52  GLU A C   1 
ATOM   377  O O   . GLU A 1 48  ? -11.071 3.826   5.588   1.00 15.98 ? 52  GLU A O   1 
ATOM   378  C CB  . GLU A 1 48  ? -13.592 2.018   6.622   1.00 18.96 ? 52  GLU A CB  1 
ATOM   379  C CG  . GLU A 1 48  ? -14.983 2.010   7.243   1.00 22.03 ? 52  GLU A CG  1 
ATOM   380  C CD  . GLU A 1 48  ? -15.204 0.867   8.214   1.00 24.60 ? 52  GLU A CD  1 
ATOM   381  O OE1 . GLU A 1 48  ? -14.843 -0.286  7.888   1.00 25.41 ? 52  GLU A OE1 1 
ATOM   382  O OE2 . GLU A 1 48  ? -15.760 1.126   9.303   1.00 27.15 ? 52  GLU A OE2 1 
ATOM   383  N N   . LEU A 1 49  ? -11.741 2.355   4.021   1.00 15.08 ? 53  LEU A N   1 
ATOM   384  C CA  . LEU A 1 49  ? -10.427 2.298   3.397   1.00 15.32 ? 53  LEU A CA  1 
ATOM   385  C C   . LEU A 1 49  ? -10.167 3.659   2.739   1.00 14.57 ? 53  LEU A C   1 
ATOM   386  O O   . LEU A 1 49  ? -9.060  4.187   2.826   1.00 14.62 ? 53  LEU A O   1 
ATOM   387  C CB  . LEU A 1 49  ? -10.382 1.190   2.345   1.00 16.38 ? 53  LEU A CB  1 
ATOM   388  C CG  . LEU A 1 49  ? -9.008  0.909   1.732   1.00 15.91 ? 53  LEU A CG  1 
ATOM   389  C CD1 . LEU A 1 49  ? -8.105  0.302   2.795   1.00 21.28 ? 53  LEU A CD1 1 
ATOM   390  C CD2 . LEU A 1 49  ? -9.139  -0.046  0.551   1.00 20.80 ? 53  LEU A CD2 1 
ATOM   391  N N   . ALA A 1 50  ? -11.189 4.218   2.095   1.00 12.97 ? 54  ALA A N   1 
ATOM   392  C CA  . ALA A 1 50  ? -11.072 5.528   1.454   1.00 14.78 ? 54  ALA A CA  1 
ATOM   393  C C   . ALA A 1 50  ? -10.721 6.587   2.487   1.00 15.99 ? 54  ALA A C   1 
ATOM   394  O O   . ALA A 1 50  ? -9.855  7.429   2.262   1.00 16.57 ? 54  ALA A O   1 
ATOM   395  C CB  . ALA A 1 50  ? -12.373 5.894   0.774   1.00 14.81 ? 54  ALA A CB  1 
ATOM   396  N N   . THR A 1 51  ? -11.398 6.554   3.626   1.00 16.04 ? 55  THR A N   1 
ATOM   397  C CA  . THR A 1 51  ? -11.138 7.523   4.678   1.00 17.85 ? 55  THR A CA  1 
ATOM   398  C C   . THR A 1 51  ? -9.722  7.360   5.210   1.00 17.24 ? 55  THR A C   1 
ATOM   399  O O   . THR A 1 51  ? -9.025  8.343   5.453   1.00 20.34 ? 55  THR A O   1 
ATOM   400  C CB  . THR A 1 51  ? -12.139 7.361   5.836   1.00 17.79 ? 55  THR A CB  1 
ATOM   401  O OG1 . THR A 1 51  ? -13.466 7.584   5.346   1.00 19.68 ? 55  THR A OG1 1 
ATOM   402  C CG2 . THR A 1 51  ? -11.843 8.360   6.951   1.00 20.74 ? 55  THR A CG2 1 
ATOM   403  N N   . PHE A 1 52  ? -9.287  6.115   5.369   1.00 16.95 ? 56  PHE A N   1 
ATOM   404  C CA  . PHE A 1 52  ? -7.950  5.834   5.874   1.00 18.08 ? 56  PHE A CA  1 
ATOM   405  C C   . PHE A 1 52  ? -6.859  6.469   5.017   1.00 17.55 ? 56  PHE A C   1 
ATOM   406  O O   . PHE A 1 52  ? -5.908  7.055   5.548   1.00 19.70 ? 56  PHE A O   1 
ATOM   407  C CB  . PHE A 1 52  ? -7.724  4.325   5.944   1.00 19.07 ? 56  PHE A CB  1 
ATOM   408  C CG  . PHE A 1 52  ? -6.311  3.941   6.264   1.00 19.73 ? 56  PHE A CG  1 
ATOM   409  C CD1 . PHE A 1 52  ? -5.851  3.956   7.575   1.00 21.61 ? 56  PHE A CD1 1 
ATOM   410  C CD2 . PHE A 1 52  ? -5.433  3.576   5.249   1.00 19.19 ? 56  PHE A CD2 1 
ATOM   411  C CE1 . PHE A 1 52  ? -4.535  3.610   7.871   1.00 20.30 ? 56  PHE A CE1 1 
ATOM   412  C CE2 . PHE A 1 52  ? -4.118  3.230   5.531   1.00 20.97 ? 56  PHE A CE2 1 
ATOM   413  C CZ  . PHE A 1 52  ? -3.665  3.246   6.842   1.00 21.29 ? 56  PHE A CZ  1 
ATOM   414  N N   . PHE A 1 53  ? -6.987  6.350   3.697   1.00 16.48 ? 57  PHE A N   1 
ATOM   415  C CA  . PHE A 1 53  ? -5.989  6.910   2.784   1.00 16.10 ? 57  PHE A CA  1 
ATOM   416  C C   . PHE A 1 53  ? -6.178  8.397   2.511   1.00 16.76 ? 57  PHE A C   1 
ATOM   417  O O   . PHE A 1 53  ? -5.258  9.064   2.030   1.00 17.06 ? 57  PHE A O   1 
ATOM   418  C CB  . PHE A 1 53  ? -5.997  6.148   1.458   1.00 15.49 ? 57  PHE A CB  1 
ATOM   419  C CG  . PHE A 1 53  ? -5.384  4.781   1.540   1.00 15.32 ? 57  PHE A CG  1 
ATOM   420  C CD1 . PHE A 1 53  ? -4.045  4.621   1.870   1.00 16.27 ? 57  PHE A CD1 1 
ATOM   421  C CD2 . PHE A 1 53  ? -6.151  3.651   1.279   1.00 14.36 ? 57  PHE A CD2 1 
ATOM   422  C CE1 . PHE A 1 53  ? -3.481  3.352   1.939   1.00 15.06 ? 57  PHE A CE1 1 
ATOM   423  C CE2 . PHE A 1 53  ? -5.594  2.386   1.344   1.00 14.57 ? 57  PHE A CE2 1 
ATOM   424  C CZ  . PHE A 1 53  ? -4.262  2.233   1.673   1.00 16.21 ? 57  PHE A CZ  1 
ATOM   425  N N   . HIS A 1 54  ? -7.362  8.915   2.811   1.00 17.10 ? 58  HIS A N   1 
ATOM   426  C CA  . HIS A 1 54  ? -7.650  10.326  2.600   1.00 19.25 ? 58  HIS A CA  1 
ATOM   427  C C   . HIS A 1 54  ? -7.457  10.775  1.154   1.00 20.83 ? 58  HIS A C   1 
ATOM   428  O O   . HIS A 1 54  ? -7.043  11.904  0.898   1.00 23.23 ? 58  HIS A O   1 
ATOM   429  C CB  . HIS A 1 54  ? -6.784  11.177  3.532   1.00 19.22 ? 58  HIS A CB  1 
ATOM   430  C CG  . HIS A 1 54  ? -7.017  10.898  4.984   1.00 23.25 ? 58  HIS A CG  1 
ATOM   431  N ND1 . HIS A 1 54  ? -8.122  11.364  5.664   1.00 25.88 ? 58  HIS A ND1 1 
ATOM   432  C CD2 . HIS A 1 54  ? -6.311  10.163  5.875   1.00 26.04 ? 58  HIS A CD2 1 
ATOM   433  C CE1 . HIS A 1 54  ? -8.088  10.926  6.909   1.00 26.64 ? 58  HIS A CE1 1 
ATOM   434  N NE2 . HIS A 1 54  ? -7.000  10.194  7.064   1.00 25.96 ? 58  HIS A NE2 1 
ATOM   435  N N   . VAL A 1 55  ? -7.737  9.887   0.207   1.00 20.35 ? 59  VAL A N   1 
ATOM   436  C CA  . VAL A 1 55  ? -7.625  10.236  -1.206  1.00 21.35 ? 59  VAL A CA  1 
ATOM   437  C C   . VAL A 1 55  ? -9.031  10.337  -1.791  1.00 21.51 ? 59  VAL A C   1 
ATOM   438  O O   . VAL A 1 55  ? -10.003 9.915   -1.166  1.00 21.35 ? 59  VAL A O   1 
ATOM   439  C CB  . VAL A 1 55  ? -6.825  9.185   -2.000  1.00 23.10 ? 59  VAL A CB  1 
ATOM   440  C CG1 . VAL A 1 55  ? -5.369  9.197   -1.563  1.00 23.57 ? 59  VAL A CG1 1 
ATOM   441  C CG2 . VAL A 1 55  ? -7.434  7.816   -1.798  1.00 23.05 ? 59  VAL A CG2 1 
ATOM   442  N N   . ASP A 1 56  ? -9.141  10.896  -2.986  1.00 22.18 ? 60  ASP A N   1 
ATOM   443  C CA  . ASP A 1 56  ? -10.447 11.045  -3.613  1.00 22.34 ? 60  ASP A CA  1 
ATOM   444  C C   . ASP A 1 56  ? -11.115 9.694   -3.857  1.00 21.24 ? 60  ASP A C   1 
ATOM   445  O O   . ASP A 1 56  ? -10.454 8.688   -4.144  1.00 21.04 ? 60  ASP A O   1 
ATOM   446  C CB  . ASP A 1 56  ? -10.305 11.817  -4.923  1.00 25.47 ? 60  ASP A CB  1 
ATOM   447  C CG  . ASP A 1 56  ? -9.451  11.093  -5.933  1.00 28.58 ? 60  ASP A CG  1 
ATOM   448  O OD1 . ASP A 1 56  ? -9.998  10.252  -6.672  1.00 31.23 ? 60  ASP A OD1 1 
ATOM   449  O OD2 . ASP A 1 56  ? -8.231  11.356  -5.983  1.00 32.90 ? 60  ASP A OD2 1 
ATOM   450  N N   . LYS A 1 57  ? -12.436 9.677   -3.733  1.00 19.03 ? 61  LYS A N   1 
ATOM   451  C CA  . LYS A 1 57  ? -13.220 8.463   -3.921  1.00 18.16 ? 61  LYS A CA  1 
ATOM   452  C C   . LYS A 1 57  ? -13.032 7.831   -5.293  1.00 18.57 ? 61  LYS A C   1 
ATOM   453  O O   . LYS A 1 57  ? -12.961 6.607   -5.416  1.00 17.82 ? 61  LYS A O   1 
ATOM   454  C CB  . LYS A 1 57  ? -14.699 8.771   -3.709  1.00 19.96 ? 61  LYS A CB  1 
ATOM   455  C CG  . LYS A 1 57  ? -15.044 9.124   -2.274  1.00 18.73 ? 61  LYS A CG  1 
ATOM   456  C CD  . LYS A 1 57  ? -16.441 9.723   -2.156  1.00 19.92 ? 61  LYS A CD  1 
ATOM   457  C CE  . LYS A 1 57  ? -17.488 8.844   -2.816  1.00 19.69 ? 61  LYS A CE  1 
ATOM   458  N NZ  . LYS A 1 57  ? -17.476 7.461   -2.265  1.00 24.02 ? 61  LYS A NZ  1 
ATOM   459  N N   . GLY A 1 58  ? -12.965 8.664   -6.324  1.00 18.07 ? 62  GLY A N   1 
ATOM   460  C CA  . GLY A 1 58  ? -12.793 8.153   -7.671  1.00 18.85 ? 62  GLY A CA  1 
ATOM   461  C C   . GLY A 1 58  ? -11.527 7.332   -7.829  1.00 17.96 ? 62  GLY A C   1 
ATOM   462  O O   . GLY A 1 58  ? -11.547 6.266   -8.449  1.00 18.97 ? 62  GLY A O   1 
ATOM   463  N N   . THR A 1 59  ? -10.426 7.821   -7.266  1.00 18.71 ? 63  THR A N   1 
ATOM   464  C CA  . THR A 1 59  ? -9.151  7.128   -7.365  1.00 18.55 ? 63  THR A CA  1 
ATOM   465  C C   . THR A 1 59  ? -9.195  5.776   -6.666  1.00 17.56 ? 63  THR A C   1 
ATOM   466  O O   . THR A 1 59  ? -8.774  4.769   -7.236  1.00 18.98 ? 63  THR A O   1 
ATOM   467  C CB  . THR A 1 59  ? -8.009  7.974   -6.773  1.00 20.22 ? 63  THR A CB  1 
ATOM   468  O OG1 . THR A 1 59  ? -7.902  9.203   -7.501  1.00 25.77 ? 63  THR A OG1 1 
ATOM   469  C CG2 . THR A 1 59  ? -6.687  7.226   -6.871  1.00 23.61 ? 63  THR A CG2 1 
ATOM   470  N N   . ILE A 1 60  ? -9.714  5.744   -5.442  1.00 17.18 ? 64  ILE A N   1 
ATOM   471  C CA  . ILE A 1 60  ? -9.809  4.499   -4.697  1.00 18.64 ? 64  ILE A CA  1 
ATOM   472  C C   . ILE A 1 60  ? -10.718 3.523   -5.431  1.00 15.80 ? 64  ILE A C   1 
ATOM   473  O O   . ILE A 1 60  ? -10.424 2.335   -5.504  1.00 15.30 ? 64  ILE A O   1 
ATOM   474  C CB  . ILE A 1 60  ? -10.341 4.729   -3.253  1.00 21.76 ? 64  ILE A CB  1 
ATOM   475  C CG1 . ILE A 1 60  ? -10.657 3.383   -2.595  1.00 25.03 ? 64  ILE A CG1 1 
ATOM   476  C CG2 . ILE A 1 60  ? -11.556 5.612   -3.271  1.00 25.11 ? 64  ILE A CG2 1 
ATOM   477  C CD1 . ILE A 1 60  ? -11.040 3.484   -1.141  1.00 28.72 ? 64  ILE A CD1 1 
ATOM   478  N N   . ALA A 1 61  ? -11.812 4.019   -5.997  1.00 16.15 ? 65  ALA A N   1 
ATOM   479  C CA  . ALA A 1 61  ? -12.743 3.157   -6.713  1.00 15.59 ? 65  ALA A CA  1 
ATOM   480  C C   . ALA A 1 61  ? -12.068 2.443   -7.881  1.00 14.95 ? 65  ALA A C   1 
ATOM   481  O O   . ALA A 1 61  ? -12.254 1.242   -8.070  1.00 15.13 ? 65  ALA A O   1 
ATOM   482  C CB  . ALA A 1 61  ? -13.934 3.972   -7.213  1.00 16.21 ? 65  ALA A CB  1 
ATOM   483  N N   . ARG A 1 62  ? -11.295 3.187   -8.666  1.00 14.34 ? 66  ARG A N   1 
ATOM   484  C CA  . ARG A 1 62  ? -10.602 2.605   -9.812  1.00 14.82 ? 66  ARG A CA  1 
ATOM   485  C C   . ARG A 1 62  ? -9.514  1.641   -9.356  1.00 14.57 ? 66  ARG A C   1 
ATOM   486  O O   . ARG A 1 62  ? -9.311  0.601   -9.970  1.00 15.28 ? 66  ARG A O   1 
ATOM   487  C CB  . ARG A 1 62  ? -10.000 3.704   -10.687 1.00 16.88 ? 66  ARG A CB  1 
ATOM   488  C CG  . ARG A 1 62  ? -11.043 4.623   -11.311 1.00 17.44 ? 66  ARG A CG  1 
ATOM   489  C CD  . ARG A 1 62  ? -10.457 5.454   -12.445 1.00 19.02 ? 66  ARG A CD  1 
ATOM   490  N NE  . ARG A 1 62  ? -10.155 4.619   -13.606 1.00 19.83 ? 66  ARG A NE  1 
ATOM   491  C CZ  . ARG A 1 62  ? -11.025 4.321   -14.565 1.00 20.85 ? 66  ARG A CZ  1 
ATOM   492  N NH1 . ARG A 1 62  ? -12.265 4.794   -14.526 1.00 23.91 ? 66  ARG A NH1 1 
ATOM   493  N NH2 . ARG A 1 62  ? -10.657 3.529   -15.561 1.00 22.88 ? 66  ARG A NH2 1 
ATOM   494  N N   . THR A 1 63  ? -8.811  1.984   -8.284  1.00 14.42 ? 67  THR A N   1 
ATOM   495  C CA  . THR A 1 63  ? -7.762  1.115   -7.765  1.00 14.18 ? 67  THR A CA  1 
ATOM   496  C C   . THR A 1 63  ? -8.338  -0.222  -7.291  1.00 15.03 ? 67  THR A C   1 
ATOM   497  O O   . THR A 1 63  ? -7.800  -1.296  -7.589  1.00 15.35 ? 67  THR A O   1 
ATOM   498  C CB  . THR A 1 63  ? -7.034  1.804   -6.596  1.00 15.76 ? 67  THR A CB  1 
ATOM   499  O OG1 . THR A 1 63  ? -6.456  3.029   -7.064  1.00 16.31 ? 67  THR A OG1 1 
ATOM   500  C CG2 . THR A 1 63  ? -5.944  0.918   -6.029  1.00 15.78 ? 67  THR A CG2 1 
ATOM   501  N N   . LEU A 1 64  ? -9.440  -0.158  -6.553  1.00 15.49 ? 68  LEU A N   1 
ATOM   502  C CA  . LEU A 1 64  ? -10.076 -1.364  -6.052  1.00 16.41 ? 68  LEU A CA  1 
ATOM   503  C C   . LEU A 1 64  ? -10.679 -2.191  -7.188  1.00 17.27 ? 68  LEU A C   1 
ATOM   504  O O   . LEU A 1 64  ? -10.653 -3.418  -7.145  1.00 18.42 ? 68  LEU A O   1 
ATOM   505  C CB  . LEU A 1 64  ? -11.147 -0.995  -5.025  1.00 16.72 ? 68  LEU A CB  1 
ATOM   506  C CG  . LEU A 1 64  ? -10.602 -0.369  -3.740  1.00 17.47 ? 68  LEU A CG  1 
ATOM   507  C CD1 . LEU A 1 64  ? -11.769 0.108   -2.891  1.00 18.45 ? 68  LEU A CD1 1 
ATOM   508  C CD2 . LEU A 1 64  ? -9.756  -1.384  -2.976  1.00 18.58 ? 68  LEU A CD2 1 
ATOM   509  N N   . ARG A 1 65  ? -11.206 -1.527  -8.213  1.00 18.45 ? 69  ARG A N   1 
ATOM   510  C CA  . ARG A 1 65  ? -11.782 -2.251  -9.339  1.00 19.56 ? 69  ARG A CA  1 
ATOM   511  C C   . ARG A 1 65  ? -10.696 -3.086  -10.017 1.00 20.13 ? 69  ARG A C   1 
ATOM   512  O O   . ARG A 1 65  ? -10.927 -4.234  -10.395 1.00 21.00 ? 69  ARG A O   1 
ATOM   513  C CB  . ARG A 1 65  ? -12.408 -1.271  -10.337 1.00 19.49 ? 69  ARG A CB  1 
ATOM   514  C CG  . ARG A 1 65  ? -13.218 -1.941  -11.437 1.00 25.03 ? 69  ARG A CG  1 
ATOM   515  C CD  . ARG A 1 65  ? -13.936 -0.913  -12.300 1.00 29.67 ? 69  ARG A CD  1 
ATOM   516  N NE  . ARG A 1 65  ? -14.855 -0.092  -11.515 1.00 34.54 ? 69  ARG A NE  1 
ATOM   517  C CZ  . ARG A 1 65  ? -15.667 0.825   -12.031 1.00 36.37 ? 69  ARG A CZ  1 
ATOM   518  N NH1 . ARG A 1 65  ? -15.680 1.044   -13.339 1.00 37.65 ? 69  ARG A NH1 1 
ATOM   519  N NH2 . ARG A 1 65  ? -16.469 1.522   -11.239 1.00 38.43 ? 69  ARG A NH2 1 
ATOM   520  N N   . ARG A 1 66  ? -9.505  -2.515  -10.161 1.00 17.87 ? 70  ARG A N   1 
ATOM   521  C CA  . ARG A 1 66  ? -8.399  -3.239  -10.779 1.00 17.75 ? 70  ARG A CA  1 
ATOM   522  C C   . ARG A 1 66  ? -8.008  -4.454  -9.938  1.00 17.85 ? 70  ARG A C   1 
ATOM   523  O O   . ARG A 1 66  ? -7.724  -5.525  -10.480 1.00 18.75 ? 70  ARG A O   1 
ATOM   524  C CB  . ARG A 1 66  ? -7.199  -2.306  -10.965 1.00 19.01 ? 70  ARG A CB  1 
ATOM   525  C CG  . ARG A 1 66  ? -7.465  -1.183  -11.959 1.00 24.36 ? 70  ARG A CG  1 
ATOM   526  C CD  . ARG A 1 66  ? -6.287  -0.243  -12.087 1.00 25.30 ? 70  ARG A CD  1 
ATOM   527  N NE  . ARG A 1 66  ? -5.112  -0.894  -12.657 1.00 28.40 ? 70  ARG A NE  1 
ATOM   528  C CZ  . ARG A 1 66  ? -3.965  -0.268  -12.911 1.00 27.70 ? 70  ARG A CZ  1 
ATOM   529  N NH1 . ARG A 1 66  ? -3.842  1.025   -12.647 1.00 31.11 ? 70  ARG A NH1 1 
ATOM   530  N NH2 . ARG A 1 66  ? -2.947  -0.934  -13.434 1.00 28.88 ? 70  ARG A NH2 1 
ATOM   531  N N   . LEU A 1 67  ? -7.994  -4.301  -8.617  1.00 17.61 ? 71  LEU A N   1 
ATOM   532  C CA  . LEU A 1 67  ? -7.637  -5.422  -7.753  1.00 17.27 ? 71  LEU A CA  1 
ATOM   533  C C   . LEU A 1 67  ? -8.685  -6.516  -7.861  1.00 18.74 ? 71  LEU A C   1 
ATOM   534  O O   . LEU A 1 67  ? -8.357  -7.702  -7.853  1.00 19.80 ? 71  LEU A O   1 
ATOM   535  C CB  . LEU A 1 67  ? -7.524  -4.978  -6.292  1.00 16.97 ? 71  LEU A CB  1 
ATOM   536  C CG  . LEU A 1 67  ? -6.236  -4.261  -5.888  1.00 15.33 ? 71  LEU A CG  1 
ATOM   537  C CD1 . LEU A 1 67  ? -6.398  -3.690  -4.490  1.00 15.63 ? 71  LEU A CD1 1 
ATOM   538  C CD2 . LEU A 1 67  ? -5.060  -5.236  -5.957  1.00 16.80 ? 71  LEU A CD2 1 
ATOM   539  N N   . GLU A 1 68  ? -9.942  -6.108  -7.967  1.00 20.21 ? 72  GLU A N   1 
ATOM   540  C CA  . GLU A 1 68  ? -11.048 -7.054  -8.082  1.00 21.30 ? 72  GLU A CA  1 
ATOM   541  C C   . GLU A 1 68  ? -11.004 -7.775  -9.431  1.00 22.04 ? 72  GLU A C   1 
ATOM   542  O O   . GLU A 1 68  ? -11.214 -8.985  -9.503  1.00 24.38 ? 72  GLU A O   1 
ATOM   543  C CB  . GLU A 1 68  ? -12.381 -6.315  -7.930  1.00 24.58 ? 72  GLU A CB  1 
ATOM   544  C CG  . GLU A 1 68  ? -13.598 -7.224  -7.809  1.00 29.52 ? 72  GLU A CG  1 
ATOM   545  C CD  . GLU A 1 68  ? -14.898 -6.443  -7.745  1.00 31.56 ? 72  GLU A CD  1 
ATOM   546  O OE1 . GLU A 1 68  ? -15.015 -5.546  -6.883  1.00 35.34 ? 72  GLU A OE1 1 
ATOM   547  O OE2 . GLU A 1 68  ? -15.807 -6.728  -8.554  1.00 36.37 ? 72  GLU A OE2 1 
ATOM   548  N N   . GLU A 1 69  ? -10.727 -7.031  -10.495 1.00 24.06 ? 73  GLU A N   1 
ATOM   549  C CA  . GLU A 1 69  ? -10.655 -7.615  -11.832 1.00 26.68 ? 73  GLU A CA  1 
ATOM   550  C C   . GLU A 1 69  ? -9.553  -8.664  -11.895 1.00 25.91 ? 73  GLU A C   1 
ATOM   551  O O   . GLU A 1 69  ? -9.693  -9.691  -12.565 1.00 26.16 ? 73  GLU A O   1 
ATOM   552  C CB  . GLU A 1 69  ? -10.382 -6.527  -12.873 1.00 29.58 ? 73  GLU A CB  1 
ATOM   553  C CG  . GLU A 1 69  ? -10.316 -7.041  -14.303 1.00 35.05 ? 73  GLU A CG  1 
ATOM   554  C CD  . GLU A 1 69  ? -11.663 -7.504  -14.824 1.00 37.49 ? 73  GLU A CD  1 
ATOM   555  O OE1 . GLU A 1 69  ? -12.274 -8.395  -14.196 1.00 39.62 ? 73  GLU A OE1 1 
ATOM   556  O OE2 . GLU A 1 69  ? -12.112 -6.979  -15.866 1.00 39.91 ? 73  GLU A OE2 1 
ATOM   557  N N   . SER A 1 70  ? -8.451  -8.397  -11.202 1.00 24.03 ? 74  SER A N   1 
ATOM   558  C CA  . SER A 1 70  ? -7.323  -9.322  -11.175 1.00 22.06 ? 74  SER A CA  1 
ATOM   559  C C   . SER A 1 70  ? -7.576  -10.500 -10.235 1.00 23.01 ? 74  SER A C   1 
ATOM   560  O O   . SER A 1 70  ? -6.789  -11.448 -10.194 1.00 23.81 ? 74  SER A O   1 
ATOM   561  C CB  . SER A 1 70  ? -6.052  -8.586  -10.758 1.00 22.59 ? 74  SER A CB  1 
ATOM   562  O OG  . SER A 1 70  ? -5.711  -7.591  -11.710 1.00 24.23 ? 74  SER A OG  1 
ATOM   563  N N   . GLY A 1 71  ? -8.669  -10.430 -9.480  1.00 21.61 ? 75  GLY A N   1 
ATOM   564  C CA  . GLY A 1 71  ? -9.019  -11.500 -8.560  1.00 21.18 ? 75  GLY A CA  1 
ATOM   565  C C   . GLY A 1 71  ? -8.259  -11.518 -7.245  1.00 20.47 ? 75  GLY A C   1 
ATOM   566  O O   . GLY A 1 71  ? -8.172  -12.562 -6.593  1.00 19.82 ? 75  GLY A O   1 
ATOM   567  N N   . PHE A 1 72  ? -7.712  -10.378 -6.837  1.00 18.09 ? 76  PHE A N   1 
ATOM   568  C CA  . PHE A 1 72  ? -6.959  -10.316 -5.587  1.00 18.36 ? 76  PHE A CA  1 
ATOM   569  C C   . PHE A 1 72  ? -7.808  -9.932  -4.388  1.00 17.19 ? 76  PHE A C   1 
ATOM   570  O O   . PHE A 1 72  ? -7.421  -10.173 -3.248  1.00 17.64 ? 76  PHE A O   1 
ATOM   571  C CB  . PHE A 1 72  ? -5.780  -9.349  -5.714  1.00 17.89 ? 76  PHE A CB  1 
ATOM   572  C CG  . PHE A 1 72  ? -4.788  -9.741  -6.769  1.00 20.78 ? 76  PHE A CG  1 
ATOM   573  C CD1 . PHE A 1 72  ? -4.342  -11.055 -6.869  1.00 21.88 ? 76  PHE A CD1 1 
ATOM   574  C CD2 . PHE A 1 72  ? -4.292  -8.794  -7.658  1.00 20.51 ? 76  PHE A CD2 1 
ATOM   575  C CE1 . PHE A 1 72  ? -3.418  -11.422 -7.845  1.00 22.24 ? 76  PHE A CE1 1 
ATOM   576  C CE2 . PHE A 1 72  ? -3.366  -9.150  -8.634  1.00 18.96 ? 76  PHE A CE2 1 
ATOM   577  C CZ  . PHE A 1 72  ? -2.930  -10.465 -8.728  1.00 22.94 ? 76  PHE A CZ  1 
ATOM   578  N N   . ILE A 1 73  ? -8.952  -9.311  -4.636  1.00 18.24 ? 77  ILE A N   1 
ATOM   579  C CA  . ILE A 1 73  ? -9.844  -8.952  -3.541  1.00 19.06 ? 77  ILE A CA  1 
ATOM   580  C C   . ILE A 1 73  ? -11.275 -9.204  -3.968  1.00 19.55 ? 77  ILE A C   1 
ATOM   581  O O   . ILE A 1 73  ? -11.570 -9.319  -5.158  1.00 20.13 ? 77  ILE A O   1 
ATOM   582  C CB  . ILE A 1 73  ? -9.737  -7.457  -3.114  1.00 19.80 ? 77  ILE A CB  1 
ATOM   583  C CG1 . ILE A 1 73  ? -10.238 -6.541  -4.237  1.00 20.84 ? 77  ILE A CG1 1 
ATOM   584  C CG2 . ILE A 1 73  ? -8.313  -7.132  -2.710  1.00 20.07 ? 77  ILE A CG2 1 
ATOM   585  C CD1 . ILE A 1 73  ? -10.361 -5.071  -3.836  1.00 20.64 ? 77  ILE A CD1 1 
ATOM   586  N N   . GLU A 1 74  ? -12.158 -9.289  -2.983  1.00 21.05 ? 78  GLU A N   1 
ATOM   587  C CA  . GLU A 1 74  ? -13.569 -9.500  -3.236  1.00 23.78 ? 78  GLU A CA  1 
ATOM   588  C C   . GLU A 1 74  ? -14.319 -8.371  -2.549  1.00 23.29 ? 78  GLU A C   1 
ATOM   589  O O   . GLU A 1 74  ? -13.900 -7.884  -1.497  1.00 22.89 ? 78  GLU A O   1 
ATOM   590  C CB  . GLU A 1 74  ? -14.017 -10.855 -2.681  1.00 26.98 ? 78  GLU A CB  1 
ATOM   591  C CG  . GLU A 1 74  ? -13.816 -11.016 -1.184  1.00 31.22 ? 78  GLU A CG  1 
ATOM   592  C CD  . GLU A 1 74  ? -14.382 -12.319 -0.662  1.00 33.33 ? 78  GLU A CD  1 
ATOM   593  O OE1 . GLU A 1 74  ? -15.605 -12.531 -0.800  1.00 36.01 ? 78  GLU A OE1 1 
ATOM   594  O OE2 . GLU A 1 74  ? -13.606 -13.132 -0.118  1.00 36.04 ? 78  GLU A OE2 1 
ATOM   595  N N   . ARG A 1 75  ? -15.427 -7.961  -3.152  1.00 23.98 ? 79  ARG A N   1 
ATOM   596  C CA  . ARG A 1 75  ? -16.244 -6.881  -2.621  1.00 26.11 ? 79  ARG A CA  1 
ATOM   597  C C   . ARG A 1 75  ? -17.693 -7.343  -2.518  1.00 27.09 ? 79  ARG A C   1 
ATOM   598  O O   . ARG A 1 75  ? -18.257 -7.857  -3.482  1.00 27.31 ? 79  ARG A O   1 
ATOM   599  C CB  . ARG A 1 75  ? -16.145 -5.670  -3.549  1.00 28.58 ? 79  ARG A CB  1 
ATOM   600  C CG  . ARG A 1 75  ? -17.017 -4.497  -3.167  1.00 31.42 ? 79  ARG A CG  1 
ATOM   601  C CD  . ARG A 1 75  ? -17.107 -3.526  -4.327  1.00 36.33 ? 79  ARG A CD  1 
ATOM   602  N NE  . ARG A 1 75  ? -17.902 -2.347  -4.007  1.00 38.89 ? 79  ARG A NE  1 
ATOM   603  C CZ  . ARG A 1 75  ? -18.319 -1.464  -4.906  1.00 39.51 ? 79  ARG A CZ  1 
ATOM   604  N NH1 . ARG A 1 75  ? -18.018 -1.628  -6.187  1.00 41.89 ? 79  ARG A NH1 1 
ATOM   605  N NH2 . ARG A 1 75  ? -19.034 -0.415  -4.525  1.00 41.85 ? 79  ARG A NH2 1 
ATOM   606  N N   . GLU A 1 76  ? -18.290 -7.167  -1.345  1.00 27.78 ? 80  GLU A N   1 
ATOM   607  C CA  . GLU A 1 76  ? -19.678 -7.569  -1.132  1.00 28.31 ? 80  GLU A CA  1 
ATOM   608  C C   . GLU A 1 76  ? -20.462 -6.455  -0.447  1.00 27.12 ? 80  GLU A C   1 
ATOM   609  O O   . GLU A 1 76  ? -19.891 -5.641  0.270   1.00 22.50 ? 80  GLU A O   1 
ATOM   610  C CB  . GLU A 1 76  ? -19.742 -8.843  -0.282  1.00 30.61 ? 80  GLU A CB  1 
ATOM   611  C CG  . GLU A 1 76  ? -19.089 -10.058 -0.928  1.00 35.05 ? 80  GLU A CG  1 
ATOM   612  C CD  . GLU A 1 76  ? -19.351 -11.339 -0.157  1.00 37.22 ? 80  GLU A CD  1 
ATOM   613  O OE1 . GLU A 1 76  ? -20.531 -11.728 -0.033  1.00 39.46 ? 80  GLU A OE1 1 
ATOM   614  O OE2 . GLU A 1 76  ? -18.378 -11.957 0.325   1.00 39.41 ? 80  GLU A OE2 1 
ATOM   615  N N   . GLN A 1 77  ? -21.772 -6.424  -0.676  1.00 27.78 ? 81  GLN A N   1 
ATOM   616  C CA  . GLN A 1 77  ? -22.630 -5.405  -0.084  1.00 27.96 ? 81  GLN A CA  1 
ATOM   617  C C   . GLN A 1 77  ? -22.746 -5.554  1.429   1.00 26.66 ? 81  GLN A C   1 
ATOM   618  O O   . GLN A 1 77  ? -22.922 -6.657  1.947   1.00 27.25 ? 81  GLN A O   1 
ATOM   619  C CB  . GLN A 1 77  ? -24.026 -5.463  -0.716  1.00 31.17 ? 81  GLN A CB  1 
ATOM   620  C CG  . GLN A 1 77  ? -25.034 -4.494  -0.117  1.00 35.31 ? 81  GLN A CG  1 
ATOM   621  C CD  . GLN A 1 77  ? -26.399 -4.586  -0.775  1.00 37.30 ? 81  GLN A CD  1 
ATOM   622  O OE1 . GLN A 1 77  ? -26.971 -5.669  -0.894  1.00 40.03 ? 81  GLN A OE1 1 
ATOM   623  N NE2 . GLN A 1 77  ? -26.930 -3.446  -1.198  1.00 37.74 ? 81  GLN A NE2 1 
ATOM   624  N N   . ASP A 1 78  ? -22.637 -4.431  2.133   1.00 25.46 ? 82  ASP A N   1 
ATOM   625  C CA  . ASP A 1 78  ? -22.743 -4.417  3.586   1.00 24.16 ? 82  ASP A CA  1 
ATOM   626  C C   . ASP A 1 78  ? -24.197 -4.747  3.927   1.00 25.10 ? 82  ASP A C   1 
ATOM   627  O O   . ASP A 1 78  ? -25.111 -4.027  3.530   1.00 24.54 ? 82  ASP A O   1 
ATOM   628  C CB  . ASP A 1 78  ? -22.364 -3.026  4.112   1.00 24.44 ? 82  ASP A CB  1 
ATOM   629  C CG  . ASP A 1 78  ? -22.484 -2.905  5.618   1.00 23.73 ? 82  ASP A CG  1 
ATOM   630  O OD1 . ASP A 1 78  ? -22.827 -3.901  6.286   1.00 26.24 ? 82  ASP A OD1 1 
ATOM   631  O OD2 . ASP A 1 78  ? -22.227 -1.800  6.137   1.00 25.07 ? 82  ASP A OD2 1 
ATOM   632  N N   . PRO A 1 79  ? -24.430 -5.847  4.659   1.00 24.62 ? 83  PRO A N   1 
ATOM   633  C CA  . PRO A 1 79  ? -25.806 -6.211  5.007   1.00 25.35 ? 83  PRO A CA  1 
ATOM   634  C C   . PRO A 1 79  ? -26.528 -5.190  5.882   1.00 25.53 ? 83  PRO A C   1 
ATOM   635  O O   . PRO A 1 79  ? -27.757 -5.186  5.951   1.00 26.22 ? 83  PRO A O   1 
ATOM   636  C CB  . PRO A 1 79  ? -25.633 -7.561  5.700   1.00 25.08 ? 83  PRO A CB  1 
ATOM   637  C CG  . PRO A 1 79  ? -24.310 -7.410  6.382   1.00 25.34 ? 83  PRO A CG  1 
ATOM   638  C CD  . PRO A 1 79  ? -23.468 -6.767  5.294   1.00 23.61 ? 83  PRO A CD  1 
ATOM   639  N N   . GLU A 1 80  ? -25.767 -4.321  6.543   1.00 25.11 ? 84  GLU A N   1 
ATOM   640  C CA  . GLU A 1 80  ? -26.358 -3.308  7.410   1.00 24.94 ? 84  GLU A CA  1 
ATOM   641  C C   . GLU A 1 80  ? -26.561 -1.963  6.721   1.00 24.97 ? 84  GLU A C   1 
ATOM   642  O O   . GLU A 1 80  ? -27.256 -1.097  7.247   1.00 26.55 ? 84  GLU A O   1 
ATOM   643  C CB  . GLU A 1 80  ? -25.482 -3.091  8.645   1.00 26.75 ? 84  GLU A CB  1 
ATOM   644  C CG  . GLU A 1 80  ? -25.114 -4.355  9.396   1.00 27.47 ? 84  GLU A CG  1 
ATOM   645  C CD  . GLU A 1 80  ? -24.419 -4.050  10.705  1.00 29.20 ? 84  GLU A CD  1 
ATOM   646  O OE1 . GLU A 1 80  ? -25.105 -3.606  11.647  1.00 29.14 ? 84  GLU A OE1 1 
ATOM   647  O OE2 . GLU A 1 80  ? -23.186 -4.241  10.785  1.00 32.56 ? 84  GLU A OE2 1 
ATOM   648  N N   . ASN A 1 81  ? -25.959 -1.784  5.548   1.00 24.10 ? 85  ASN A N   1 
ATOM   649  C CA  . ASN A 1 81  ? -26.072 -0.522  4.825   1.00 25.06 ? 85  ASN A CA  1 
ATOM   650  C C   . ASN A 1 81  ? -25.860 -0.750  3.332   1.00 24.46 ? 85  ASN A C   1 
ATOM   651  O O   . ASN A 1 81  ? -24.756 -1.078  2.901   1.00 24.81 ? 85  ASN A O   1 
ATOM   652  C CB  . ASN A 1 81  ? -25.018 0.449   5.354   1.00 24.05 ? 85  ASN A CB  1 
ATOM   653  C CG  . ASN A 1 81  ? -25.254 1.867   4.901   1.00 23.31 ? 85  ASN A CG  1 
ATOM   654  O OD1 . ASN A 1 81  ? -25.537 2.116   3.732   1.00 26.27 ? 85  ASN A OD1 1 
ATOM   655  N ND2 . ASN A 1 81  ? -25.128 2.811   5.828   1.00 26.42 ? 85  ASN A ND2 1 
ATOM   656  N N   . ARG A 1 82  ? -26.907 -0.558  2.537   1.00 24.89 ? 86  ARG A N   1 
ATOM   657  C CA  . ARG A 1 82  ? -26.807 -0.781  1.097   1.00 26.15 ? 86  ARG A CA  1 
ATOM   658  C C   . ARG A 1 82  ? -25.887 0.199   0.377   1.00 26.01 ? 86  ARG A C   1 
ATOM   659  O O   . ARG A 1 82  ? -25.619 0.048   -0.815  1.00 25.73 ? 86  ARG A O   1 
ATOM   660  C CB  . ARG A 1 82  ? -28.204 -0.754  0.469   1.00 29.47 ? 86  ARG A CB  1 
ATOM   661  C CG  . ARG A 1 82  ? -28.922 0.576   0.561   1.00 32.25 ? 86  ARG A CG  1 
ATOM   662  C CD  . ARG A 1 82  ? -28.614 1.450   -0.644  1.00 36.33 ? 86  ARG A CD  1 
ATOM   663  N NE  . ARG A 1 82  ? -29.428 2.662   -0.661  1.00 38.89 ? 86  ARG A NE  1 
ATOM   664  C CZ  . ARG A 1 82  ? -29.393 3.575   -1.626  1.00 40.04 ? 86  ARG A CZ  1 
ATOM   665  N NH1 . ARG A 1 82  ? -28.583 3.422   -2.665  1.00 41.46 ? 86  ARG A NH1 1 
ATOM   666  N NH2 . ARG A 1 82  ? -30.167 4.650   -1.548  1.00 41.92 ? 86  ARG A NH2 1 
ATOM   667  N N   . ARG A 1 83  ? -25.400 1.198   1.106   1.00 25.30 ? 87  ARG A N   1 
ATOM   668  C CA  . ARG A 1 83  ? -24.510 2.203   0.536   1.00 25.63 ? 87  ARG A CA  1 
ATOM   669  C C   . ARG A 1 83  ? -23.054 1.902   0.859   1.00 24.07 ? 87  ARG A C   1 
ATOM   670  O O   . ARG A 1 83  ? -22.161 2.659   0.485   1.00 25.14 ? 87  ARG A O   1 
ATOM   671  C CB  . ARG A 1 83  ? -24.877 3.583   1.077   1.00 28.10 ? 87  ARG A CB  1 
ATOM   672  C CG  . ARG A 1 83  ? -26.311 3.972   0.798   1.00 32.23 ? 87  ARG A CG  1 
ATOM   673  C CD  . ARG A 1 83  ? -26.775 5.078   1.720   1.00 35.71 ? 87  ARG A CD  1 
ATOM   674  N NE  . ARG A 1 83  ? -28.225 5.217   1.670   1.00 39.82 ? 87  ARG A NE  1 
ATOM   675  C CZ  . ARG A 1 83  ? -28.941 5.916   2.541   1.00 41.11 ? 87  ARG A CZ  1 
ATOM   676  N NH1 . ARG A 1 83  ? -28.345 6.550   3.543   1.00 41.39 ? 87  ARG A NH1 1 
ATOM   677  N NH2 . ARG A 1 83  ? -30.259 5.973   2.416   1.00 41.16 ? 87  ARG A NH2 1 
ATOM   678  N N   . ARG A 1 84  ? -22.814 0.794   1.556   1.00 21.71 ? 88  ARG A N   1 
ATOM   679  C CA  . ARG A 1 84  ? -21.452 0.425   1.923   1.00 20.75 ? 88  ARG A CA  1 
ATOM   680  C C   . ARG A 1 84  ? -21.051 -0.937  1.361   1.00 19.83 ? 88  ARG A C   1 
ATOM   681  O O   . ARG A 1 84  ? -21.905 -1.775  1.069   1.00 21.49 ? 88  ARG A O   1 
ATOM   682  C CB  . ARG A 1 84  ? -21.308 0.434   3.448   1.00 19.12 ? 88  ARG A CB  1 
ATOM   683  C CG  . ARG A 1 84  ? -21.780 1.731   4.099   1.00 20.52 ? 88  ARG A CG  1 
ATOM   684  C CD  . ARG A 1 84  ? -21.535 1.725   5.600   1.00 21.78 ? 88  ARG A CD  1 
ATOM   685  N NE  . ARG A 1 84  ? -20.130 1.972   5.909   1.00 20.94 ? 88  ARG A NE  1 
ATOM   686  C CZ  . ARG A 1 84  ? -19.594 1.879   7.121   1.00 21.47 ? 88  ARG A CZ  1 
ATOM   687  N NH1 . ARG A 1 84  ? -20.342 1.532   8.161   1.00 23.78 ? 88  ARG A NH1 1 
ATOM   688  N NH2 . ARG A 1 84  ? -18.309 2.157   7.296   1.00 22.55 ? 88  ARG A NH2 1 
ATOM   689  N N   . TYR A 1 85  ? -19.745 -1.148  1.215   1.00 19.77 ? 89  TYR A N   1 
ATOM   690  C CA  . TYR A 1 85  ? -19.209 -2.397  0.683   1.00 18.83 ? 89  TYR A CA  1 
ATOM   691  C C   . TYR A 1 85  ? -18.081 -2.961  1.537   1.00 18.34 ? 89  TYR A C   1 
ATOM   692  O O   . TYR A 1 85  ? -17.230 -2.220  2.033   1.00 20.27 ? 89  TYR A O   1 
ATOM   693  C CB  . TYR A 1 85  ? -18.734 -2.175  -0.755  1.00 18.92 ? 89  TYR A CB  1 
ATOM   694  C CG  . TYR A 1 85  ? -19.891 -1.913  -1.684  1.00 20.78 ? 89  TYR A CG  1 
ATOM   695  C CD1 . TYR A 1 85  ? -20.573 -2.967  -2.289  1.00 21.61 ? 89  TYR A CD1 1 
ATOM   696  C CD2 . TYR A 1 85  ? -20.374 -0.620  -1.874  1.00 21.08 ? 89  TYR A CD2 1 
ATOM   697  C CE1 . TYR A 1 85  ? -21.710 -2.742  -3.052  1.00 22.91 ? 89  TYR A CE1 1 
ATOM   698  C CE2 . TYR A 1 85  ? -21.513 -0.385  -2.636  1.00 22.11 ? 89  TYR A CE2 1 
ATOM   699  C CZ  . TYR A 1 85  ? -22.177 -1.451  -3.219  1.00 23.87 ? 89  TYR A CZ  1 
ATOM   700  O OH  . TYR A 1 85  ? -23.324 -1.239  -3.949  1.00 27.46 ? 89  TYR A OH  1 
ATOM   701  N N   . ILE A 1 86  ? -18.087 -4.283  1.698   1.00 18.11 ? 90  ILE A N   1 
ATOM   702  C CA  . ILE A 1 86  ? -17.092 -4.986  2.496   1.00 18.08 ? 90  ILE A CA  1 
ATOM   703  C C   . ILE A 1 86  ? -15.984 -5.532  1.610   1.00 16.74 ? 90  ILE A C   1 
ATOM   704  O O   . ILE A 1 86  ? -16.250 -6.142  0.576   1.00 18.30 ? 90  ILE A O   1 
ATOM   705  C CB  . ILE A 1 86  ? -17.740 -6.169  3.255   1.00 19.35 ? 90  ILE A CB  1 
ATOM   706  C CG1 . ILE A 1 86  ? -18.960 -5.679  4.037   1.00 22.21 ? 90  ILE A CG1 1 
ATOM   707  C CG2 . ILE A 1 86  ? -16.726 -6.816  4.180   1.00 22.59 ? 90  ILE A CG2 1 
ATOM   708  C CD1 . ILE A 1 86  ? -18.669 -4.561  4.997   1.00 24.99 ? 90  ILE A CD1 1 
ATOM   709  N N   . LEU A 1 87  ? -14.741 -5.322  2.028   1.00 15.79 ? 91  LEU A N   1 
ATOM   710  C CA  . LEU A 1 87  ? -13.596 -5.793  1.256   1.00 16.79 ? 91  LEU A CA  1 
ATOM   711  C C   . LEU A 1 87  ? -12.829 -6.887  1.975   1.00 16.50 ? 91  LEU A C   1 
ATOM   712  O O   . LEU A 1 87  ? -12.684 -6.862  3.190   1.00 18.05 ? 91  LEU A O   1 
ATOM   713  C CB  . LEU A 1 87  ? -12.628 -4.639  0.981   1.00 15.95 ? 91  LEU A CB  1 
ATOM   714  C CG  . LEU A 1 87  ? -13.244 -3.371  0.393   1.00 17.59 ? 91  LEU A CG  1 
ATOM   715  C CD1 . LEU A 1 87  ? -12.210 -2.261  0.362   1.00 17.69 ? 91  LEU A CD1 1 
ATOM   716  C CD2 . LEU A 1 87  ? -13.774 -3.667  -0.999  1.00 19.53 ? 91  LEU A CD2 1 
ATOM   717  N N   . GLU A 1 88  ? -12.332 -7.845  1.205   1.00 17.34 ? 92  GLU A N   1 
ATOM   718  C CA  . GLU A 1 88  ? -11.533 -8.922  1.758   1.00 19.68 ? 92  GLU A CA  1 
ATOM   719  C C   . GLU A 1 88  ? -10.570 -9.412  0.690   1.00 18.65 ? 92  GLU A C   1 
ATOM   720  O O   . GLU A 1 88  ? -10.873 -9.371  -0.502  1.00 19.69 ? 92  GLU A O   1 
ATOM   721  C CB  . GLU A 1 88  ? -12.419 -10.080 2.220   1.00 24.13 ? 92  GLU A CB  1 
ATOM   722  C CG  . GLU A 1 88  ? -11.641 -11.191 2.910   1.00 30.25 ? 92  GLU A CG  1 
ATOM   723  C CD  . GLU A 1 88  ? -12.533 -12.320 3.381   1.00 32.18 ? 92  GLU A CD  1 
ATOM   724  O OE1 . GLU A 1 88  ? -13.458 -12.053 4.176   1.00 35.57 ? 92  GLU A OE1 1 
ATOM   725  O OE2 . GLU A 1 88  ? -12.308 -13.472 2.956   1.00 36.14 ? 92  GLU A OE2 1 
ATOM   726  N N   . VAL A 1 89  ? -9.397  -9.853  1.121   1.00 18.89 ? 93  VAL A N   1 
ATOM   727  C CA  . VAL A 1 89  ? -8.415  -10.364 0.183   1.00 19.86 ? 93  VAL A CA  1 
ATOM   728  C C   . VAL A 1 89  ? -8.768  -11.813 -0.126  1.00 21.44 ? 93  VAL A C   1 
ATOM   729  O O   . VAL A 1 89  ? -9.134  -12.575 0.767   1.00 24.20 ? 93  VAL A O   1 
ATOM   730  C CB  . VAL A 1 89  ? -6.998  -10.308 0.769   1.00 20.68 ? 93  VAL A CB  1 
ATOM   731  C CG1 . VAL A 1 89  ? -5.997  -10.807 -0.256  1.00 22.14 ? 93  VAL A CG1 1 
ATOM   732  C CG2 . VAL A 1 89  ? -6.670  -8.887  1.182   1.00 20.46 ? 93  VAL A CG2 1 
ATOM   733  N N   . THR A 1 90  ? -8.683  -12.179 -1.397  1.00 21.24 ? 94  THR A N   1 
ATOM   734  C CA  . THR A 1 90  ? -8.987  -13.538 -1.816  1.00 22.99 ? 94  THR A CA  1 
ATOM   735  C C   . THR A 1 90  ? -7.784  -14.416 -1.496  1.00 23.00 ? 94  THR A C   1 
ATOM   736  O O   . THR A 1 90  ? -6.740  -13.922 -1.073  1.00 22.95 ? 94  THR A O   1 
ATOM   737  C CB  . THR A 1 90  ? -9.224  -13.613 -3.322  1.00 21.77 ? 94  THR A CB  1 
ATOM   738  O OG1 . THR A 1 90  ? -8.032  -13.192 -3.995  1.00 20.15 ? 94  THR A OG1 1 
ATOM   739  C CG2 . THR A 1 90  ? -10.394 -12.725 -3.732  1.00 22.62 ? 94  THR A CG2 1 
ATOM   740  N N   . ARG A 1 91  ? -7.932  -15.720 -1.702  1.00 24.86 ? 95  ARG A N   1 
ATOM   741  C CA  . ARG A 1 91  ? -6.834  -16.643 -1.449  1.00 26.34 ? 95  ARG A CA  1 
ATOM   742  C C   . ARG A 1 91  ? -5.690  -16.275 -2.385  1.00 24.93 ? 95  ARG A C   1 
ATOM   743  O O   . ARG A 1 91  ? -4.523  -16.275 -1.993  1.00 25.34 ? 95  ARG A O   1 
ATOM   744  C CB  . ARG A 1 91  ? -7.279  -18.080 -1.718  1.00 29.62 ? 95  ARG A CB  1 
ATOM   745  C CG  . ARG A 1 91  ? -6.175  -19.105 -1.540  1.00 34.38 ? 95  ARG A CG  1 
ATOM   746  C CD  . ARG A 1 91  ? -5.711  -19.214 -0.092  1.00 37.49 ? 95  ARG A CD  1 
ATOM   747  N NE  . ARG A 1 91  ? -6.730  -19.801 0.778   1.00 40.88 ? 95  ARG A NE  1 
ATOM   748  C CZ  . ARG A 1 91  ? -7.740  -19.127 1.321   1.00 42.33 ? 95  ARG A CZ  1 
ATOM   749  N NH1 . ARG A 1 91  ? -7.879  -17.828 1.096   1.00 42.89 ? 95  ARG A NH1 1 
ATOM   750  N NH2 . ARG A 1 91  ? -8.619  -19.756 2.090   1.00 42.59 ? 95  ARG A NH2 1 
ATOM   751  N N   . ARG A 1 92  ? -6.045  -15.954 -3.625  1.00 23.83 ? 96  ARG A N   1 
ATOM   752  C CA  . ARG A 1 92  ? -5.078  -15.568 -4.645  1.00 23.38 ? 96  ARG A CA  1 
ATOM   753  C C   . ARG A 1 92  ? -4.308  -14.336 -4.173  1.00 21.54 ? 96  ARG A C   1 
ATOM   754  O O   . ARG A 1 92  ? -3.091  -14.254 -4.327  1.00 21.53 ? 96  ARG A O   1 
ATOM   755  C CB  . ARG A 1 92  ? -5.813  -15.263 -5.952  1.00 24.51 ? 96  ARG A CB  1 
ATOM   756  C CG  . ARG A 1 92  ? -4.928  -14.895 -7.135  1.00 28.32 ? 96  ARG A CG  1 
ATOM   757  C CD  . ARG A 1 92  ? -4.127  -16.088 -7.636  1.00 33.09 ? 96  ARG A CD  1 
ATOM   758  N NE  . ARG A 1 92  ? -3.568  -15.857 -8.968  1.00 37.11 ? 96  ARG A NE  1 
ATOM   759  C CZ  . ARG A 1 92  ? -2.637  -14.951 -9.253  1.00 37.81 ? 96  ARG A CZ  1 
ATOM   760  N NH1 . ARG A 1 92  ? -2.144  -14.176 -8.301  1.00 39.91 ? 96  ARG A NH1 1 
ATOM   761  N NH2 . ARG A 1 92  ? -2.203  -14.818 -10.500 1.00 39.80 ? 96  ARG A NH2 1 
ATOM   762  N N   . GLY A 1 93  ? -5.029  -13.379 -3.595  1.00 21.65 ? 97  GLY A N   1 
ATOM   763  C CA  . GLY A 1 93  ? -4.394  -12.169 -3.101  1.00 21.52 ? 97  GLY A CA  1 
ATOM   764  C C   . GLY A 1 93  ? -3.443  -12.418 -1.944  1.00 21.79 ? 97  GLY A C   1 
ATOM   765  O O   . GLY A 1 93  ? -2.360  -11.839 -1.887  1.00 21.41 ? 97  GLY A O   1 
ATOM   766  N N   . GLU A 1 94  ? -3.840  -13.279 -1.013  1.00 23.30 ? 98  GLU A N   1 
ATOM   767  C CA  . GLU A 1 94  ? -2.996  -13.583 0.137   1.00 24.31 ? 98  GLU A CA  1 
ATOM   768  C C   . GLU A 1 94  ? -1.727  -14.316 -0.289  1.00 23.61 ? 98  GLU A C   1 
ATOM   769  O O   . GLU A 1 94  ? -0.682  -14.190 0.345   1.00 24.54 ? 98  GLU A O   1 
ATOM   770  C CB  . GLU A 1 94  ? -3.759  -14.451 1.141   1.00 26.70 ? 98  GLU A CB  1 
ATOM   771  C CG  . GLU A 1 94  ? -5.084  -13.873 1.591   1.00 32.28 ? 98  GLU A CG  1 
ATOM   772  C CD  . GLU A 1 94  ? -5.755  -14.723 2.648   1.00 35.47 ? 98  GLU A CD  1 
ATOM   773  O OE1 . GLU A 1 94  ? -6.013  -15.917 2.381   1.00 38.62 ? 98  GLU A OE1 1 
ATOM   774  O OE2 . GLU A 1 94  ? -6.024  -14.198 3.749   1.00 37.50 ? 98  GLU A OE2 1 
ATOM   775  N N   . GLU A 1 95  ? -1.814  -15.068 -1.378  1.00 22.93 ? 99  GLU A N   1 
ATOM   776  C CA  . GLU A 1 95  ? -0.668  -15.829 -1.844  1.00 23.24 ? 99  GLU A CA  1 
ATOM   777  C C   . GLU A 1 95  ? 0.411   -15.017 -2.549  1.00 22.59 ? 99  GLU A C   1 
ATOM   778  O O   . GLU A 1 95  ? 1.541   -15.485 -2.688  1.00 24.07 ? 99  GLU A O   1 
ATOM   779  C CB  . GLU A 1 95  ? -1.159  -16.983 -2.716  1.00 22.50 ? 99  GLU A CB  1 
ATOM   780  C CG  . GLU A 1 95  ? -2.057  -17.925 -1.919  1.00 24.29 ? 99  GLU A CG  1 
ATOM   781  C CD  . GLU A 1 95  ? -2.800  -18.924 -2.767  1.00 24.77 ? 99  GLU A CD  1 
ATOM   782  O OE1 . GLU A 1 95  ? -3.308  -18.542 -3.839  1.00 25.10 ? 99  GLU A OE1 1 
ATOM   783  O OE2 . GLU A 1 95  ? -2.897  -20.098 -2.350  1.00 28.09 ? 99  GLU A OE2 1 
ATOM   784  N N   . ILE A 1 96  ? 0.079   -13.801 -2.976  1.00 22.06 ? 100 ILE A N   1 
ATOM   785  C CA  . ILE A 1 96  ? 1.068   -12.956 -3.642  1.00 22.42 ? 100 ILE A CA  1 
ATOM   786  C C   . ILE A 1 96  ? 1.716   -11.972 -2.676  1.00 22.22 ? 100 ILE A C   1 
ATOM   787  O O   . ILE A 1 96  ? 2.616   -11.229 -3.060  1.00 22.72 ? 100 ILE A O   1 
ATOM   788  C CB  . ILE A 1 96  ? 0.465   -12.143 -4.818  1.00 23.71 ? 100 ILE A CB  1 
ATOM   789  C CG1 . ILE A 1 96  ? -0.623  -11.196 -4.309  1.00 22.91 ? 100 ILE A CG1 1 
ATOM   790  C CG2 . ILE A 1 96  ? -0.066  -13.084 -5.885  1.00 25.34 ? 100 ILE A CG2 1 
ATOM   791  C CD1 . ILE A 1 96  ? -1.126  -10.217 -5.359  1.00 26.67 ? 100 ILE A CD1 1 
ATOM   792  N N   . ILE A 1 97  ? 1.263   -11.961 -1.425  1.00 22.07 ? 101 ILE A N   1 
ATOM   793  C CA  . ILE A 1 97  ? 1.823   -11.053 -0.424  1.00 22.55 ? 101 ILE A CA  1 
ATOM   794  C C   . ILE A 1 97  ? 3.323   -11.283 -0.217  1.00 21.75 ? 101 ILE A C   1 
ATOM   795  O O   . ILE A 1 97  ? 4.092   -10.328 -0.087  1.00 21.90 ? 101 ILE A O   1 
ATOM   796  C CB  . ILE A 1 97  ? 1.101   -11.192 0.943   1.00 23.81 ? 101 ILE A CB  1 
ATOM   797  C CG1 . ILE A 1 97  ? -0.392  -10.901 0.774   1.00 27.51 ? 101 ILE A CG1 1 
ATOM   798  C CG2 . ILE A 1 97  ? 1.714   -10.231 1.960   1.00 23.14 ? 101 ILE A CG2 1 
ATOM   799  C CD1 . ILE A 1 97  ? -0.700  -9.519  0.244   1.00 28.42 ? 101 ILE A CD1 1 
ATOM   800  N N   . PRO A 1 98  ? 3.762   -12.553 -0.151  1.00 20.47 ? 102 PRO A N   1 
ATOM   801  C CA  . PRO A 1 98  ? 5.196   -12.786 0.039   1.00 19.76 ? 102 PRO A CA  1 
ATOM   802  C C   . PRO A 1 98  ? 6.009   -12.166 -1.090  1.00 19.32 ? 102 PRO A C   1 
ATOM   803  O O   . PRO A 1 98  ? 7.095   -11.634 -0.857  1.00 20.32 ? 102 PRO A O   1 
ATOM   804  C CB  . PRO A 1 98  ? 5.297   -14.308 0.063   1.00 19.43 ? 102 PRO A CB  1 
ATOM   805  C CG  . PRO A 1 98  ? 4.015   -14.696 0.725   1.00 19.53 ? 102 PRO A CG  1 
ATOM   806  C CD  . PRO A 1 98  ? 3.002   -13.804 0.025   1.00 20.63 ? 102 PRO A CD  1 
ATOM   807  N N   . LEU A 1 99  ? 5.479   -12.240 -2.308  1.00 19.34 ? 103 LEU A N   1 
ATOM   808  C CA  . LEU A 1 99  ? 6.146   -11.670 -3.472  1.00 21.21 ? 103 LEU A CA  1 
ATOM   809  C C   . LEU A 1 99  ? 6.253   -10.162 -3.293  1.00 20.04 ? 103 LEU A C   1 
ATOM   810  O O   . LEU A 1 99  ? 7.286   -9.558  -3.586  1.00 20.83 ? 103 LEU A O   1 
ATOM   811  C CB  . LEU A 1 99  ? 5.355   -11.972 -4.746  1.00 23.60 ? 103 LEU A CB  1 
ATOM   812  C CG  . LEU A 1 99  ? 5.247   -13.424 -5.215  1.00 26.94 ? 103 LEU A CG  1 
ATOM   813  C CD1 . LEU A 1 99  ? 4.190   -13.527 -6.299  1.00 29.16 ? 103 LEU A CD1 1 
ATOM   814  C CD2 . LEU A 1 99  ? 6.593   -13.902 -5.732  1.00 28.13 ? 103 LEU A CD2 1 
ATOM   815  N N   . ILE A 1 100 ? 5.170   -9.559  -2.817  1.00 18.86 ? 104 ILE A N   1 
ATOM   816  C CA  . ILE A 1 100 ? 5.132   -8.123  -2.588  1.00 18.59 ? 104 ILE A CA  1 
ATOM   817  C C   . ILE A 1 100 ? 6.155   -7.723  -1.533  1.00 18.05 ? 104 ILE A C   1 
ATOM   818  O O   . ILE A 1 100 ? 6.907   -6.767  -1.713  1.00 17.98 ? 104 ILE A O   1 
ATOM   819  C CB  . ILE A 1 100 ? 3.728   -7.682  -2.132  1.00 20.78 ? 104 ILE A CB  1 
ATOM   820  C CG1 . ILE A 1 100 ? 2.751   -7.799  -3.303  1.00 21.62 ? 104 ILE A CG1 1 
ATOM   821  C CG2 . ILE A 1 100 ? 3.767   -6.257  -1.602  1.00 21.37 ? 104 ILE A CG2 1 
ATOM   822  C CD1 . ILE A 1 100 ? 1.309   -7.488  -2.935  1.00 20.05 ? 104 ILE A CD1 1 
ATOM   823  N N   . LEU A 1 101 ? 6.199   -8.462  -0.432  1.00 17.27 ? 105 LEU A N   1 
ATOM   824  C CA  . LEU A 1 101 ? 7.147   -8.148  0.629   1.00 18.49 ? 105 LEU A CA  1 
ATOM   825  C C   . LEU A 1 101 ? 8.589   -8.346  0.172   1.00 17.43 ? 105 LEU A C   1 
ATOM   826  O O   . LEU A 1 101 ? 9.480   -7.629  0.614   1.00 18.12 ? 105 LEU A O   1 
ATOM   827  C CB  . LEU A 1 101 ? 6.856   -8.989  1.879   1.00 20.24 ? 105 LEU A CB  1 
ATOM   828  C CG  . LEU A 1 101 ? 5.530   -8.661  2.578   1.00 21.82 ? 105 LEU A CG  1 
ATOM   829  C CD1 . LEU A 1 101 ? 5.347   -9.557  3.791   1.00 22.28 ? 105 LEU A CD1 1 
ATOM   830  C CD2 . LEU A 1 101 ? 5.514   -7.198  3.000   1.00 23.91 ? 105 LEU A CD2 1 
ATOM   831  N N   . LYS A 1 102 ? 8.823   -9.313  -0.710  1.00 18.87 ? 106 LYS A N   1 
ATOM   832  C CA  . LYS A 1 102 ? 10.171  -9.548  -1.213  1.00 18.75 ? 106 LYS A CA  1 
ATOM   833  C C   . LYS A 1 102 ? 10.589  -8.367  -2.085  1.00 18.01 ? 106 LYS A C   1 
ATOM   834  O O   . LYS A 1 102 ? 11.741  -7.925  -2.047  1.00 17.64 ? 106 LYS A O   1 
ATOM   835  C CB  . LYS A 1 102 ? 10.233  -10.842 -2.029  1.00 21.69 ? 106 LYS A CB  1 
ATOM   836  C CG  . LYS A 1 102 ? 11.626  -11.151 -2.561  1.00 26.53 ? 106 LYS A CG  1 
ATOM   837  C CD  . LYS A 1 102 ? 11.630  -12.354 -3.487  1.00 31.35 ? 106 LYS A CD  1 
ATOM   838  C CE  . LYS A 1 102 ? 13.025  -12.601 -4.044  1.00 32.35 ? 106 LYS A CE  1 
ATOM   839  N NZ  . LYS A 1 102 ? 13.553  -11.397 -4.746  1.00 35.95 ? 106 LYS A NZ  1 
ATOM   840  N N   . VAL A 1 103 ? 9.649   -7.858  -2.877  1.00 17.97 ? 107 VAL A N   1 
ATOM   841  C CA  . VAL A 1 103 ? 9.934   -6.711  -3.731  1.00 16.72 ? 107 VAL A CA  1 
ATOM   842  C C   . VAL A 1 103 ? 10.216  -5.486  -2.854  1.00 15.34 ? 107 VAL A C   1 
ATOM   843  O O   . VAL A 1 103 ? 11.110  -4.697  -3.163  1.00 16.34 ? 107 VAL A O   1 
ATOM   844  C CB  . VAL A 1 103 ? 8.755   -6.438  -4.687  1.00 18.24 ? 107 VAL A CB  1 
ATOM   845  C CG1 . VAL A 1 103 ? 8.945   -5.100  -5.400  1.00 19.38 ? 107 VAL A CG1 1 
ATOM   846  C CG2 . VAL A 1 103 ? 8.663   -7.577  -5.709  1.00 19.91 ? 107 VAL A CG2 1 
ATOM   847  N N   . GLU A 1 104 ? 9.472   -5.340  -1.760  1.00 17.76 ? 108 GLU A N   1 
ATOM   848  C CA  . GLU A 1 104 ? 9.696   -4.215  -0.850  1.00 17.39 ? 108 GLU A CA  1 
ATOM   849  C C   . GLU A 1 104 ? 11.112  -4.280  -0.293  1.00 17.27 ? 108 GLU A C   1 
ATOM   850  O O   . GLU A 1 104 ? 11.810  -3.269  -0.218  1.00 18.04 ? 108 GLU A O   1 
ATOM   851  C CB  . GLU A 1 104 ? 8.706   -4.234  0.320   1.00 17.62 ? 108 GLU A CB  1 
ATOM   852  C CG  . GLU A 1 104 ? 7.272   -3.830  -0.009  1.00 19.40 ? 108 GLU A CG  1 
ATOM   853  C CD  . GLU A 1 104 ? 7.161   -2.409  -0.544  1.00 17.26 ? 108 GLU A CD  1 
ATOM   854  O OE1 . GLU A 1 104 ? 8.057   -1.584  -0.267  1.00 22.11 ? 108 GLU A OE1 1 
ATOM   855  O OE2 . GLU A 1 104 ? 6.162   -2.118  -1.232  1.00 20.85 ? 108 GLU A OE2 1 
ATOM   856  N N   . GLU A 1 105 ? 11.532  -5.480  0.104   1.00 18.45 ? 109 GLU A N   1 
ATOM   857  C CA  . GLU A 1 105 ? 12.865  -5.694  0.657   1.00 19.19 ? 109 GLU A CA  1 
ATOM   858  C C   . GLU A 1 105 ? 13.942  -5.342  -0.367  1.00 18.19 ? 109 GLU A C   1 
ATOM   859  O O   . GLU A 1 105 ? 14.931  -4.686  -0.040  1.00 19.63 ? 109 GLU A O   1 
ATOM   860  C CB  . GLU A 1 105 ? 13.021  -7.156  1.088   1.00 22.52 ? 109 GLU A CB  1 
ATOM   861  C CG  . GLU A 1 105 ? 14.356  -7.475  1.741   1.00 26.89 ? 109 GLU A CG  1 
ATOM   862  C CD  . GLU A 1 105 ? 14.476  -8.940  2.125   1.00 29.95 ? 109 GLU A CD  1 
ATOM   863  O OE1 . GLU A 1 105 ? 13.609  -9.436  2.878   1.00 33.75 ? 109 GLU A OE1 1 
ATOM   864  O OE2 . GLU A 1 105 ? 15.438  -9.593  1.674   1.00 32.82 ? 109 GLU A OE2 1 
ATOM   865  N N   . ARG A 1 106 ? 13.753  -5.792  -1.605  1.00 16.71 ? 110 ARG A N   1 
ATOM   866  C CA  . ARG A 1 106 ? 14.712  -5.508  -2.666  1.00 18.19 ? 110 ARG A CA  1 
ATOM   867  C C   . ARG A 1 106 ? 14.820  -4.004  -2.913  1.00 15.93 ? 110 ARG A C   1 
ATOM   868  O O   . ARG A 1 106 ? 15.915  -3.474  -3.117  1.00 17.13 ? 110 ARG A O   1 
ATOM   869  C CB  . ARG A 1 106 ? 14.302  -6.220  -3.963  1.00 20.04 ? 110 ARG A CB  1 
ATOM   870  C CG  . ARG A 1 106 ? 14.448  -7.739  -3.928  1.00 24.01 ? 110 ARG A CG  1 
ATOM   871  C CD  . ARG A 1 106 ? 13.939  -8.357  -5.226  1.00 28.75 ? 110 ARG A CD  1 
ATOM   872  N NE  . ARG A 1 106 ? 14.622  -7.801  -6.393  1.00 33.96 ? 110 ARG A NE  1 
ATOM   873  C CZ  . ARG A 1 106 ? 14.290  -8.064  -7.653  1.00 35.37 ? 110 ARG A CZ  1 
ATOM   874  N NH1 . ARG A 1 106 ? 13.279  -8.881  -7.921  1.00 37.98 ? 110 ARG A NH1 1 
ATOM   875  N NH2 . ARG A 1 106 ? 14.970  -7.512  -8.647  1.00 37.26 ? 110 ARG A NH2 1 
ATOM   876  N N   . TRP A 1 107 ? 13.683  -3.313  -2.910  1.00 16.51 ? 111 TRP A N   1 
ATOM   877  C CA  . TRP A 1 107 ? 13.691  -1.872  -3.131  1.00 15.47 ? 111 TRP A CA  1 
ATOM   878  C C   . TRP A 1 107 ? 14.481  -1.186  -2.015  1.00 15.62 ? 111 TRP A C   1 
ATOM   879  O O   . TRP A 1 107 ? 15.321  -0.325  -2.271  1.00 15.97 ? 111 TRP A O   1 
ATOM   880  C CB  . TRP A 1 107 ? 12.260  -1.329  -3.168  1.00 17.07 ? 111 TRP A CB  1 
ATOM   881  C CG  . TRP A 1 107 ? 12.205  0.158   -3.269  1.00 15.10 ? 111 TRP A CG  1 
ATOM   882  C CD1 . TRP A 1 107 ? 12.515  0.922   -4.358  1.00 16.19 ? 111 TRP A CD1 1 
ATOM   883  C CD2 . TRP A 1 107 ? 11.874  1.071   -2.216  1.00 15.25 ? 111 TRP A CD2 1 
ATOM   884  N NE1 . TRP A 1 107 ? 12.400  2.256   -4.044  1.00 16.35 ? 111 TRP A NE1 1 
ATOM   885  C CE2 . TRP A 1 107 ? 12.009  2.376   -2.736  1.00 16.11 ? 111 TRP A CE2 1 
ATOM   886  C CE3 . TRP A 1 107 ? 11.482  0.913   -0.879  1.00 16.13 ? 111 TRP A CE3 1 
ATOM   887  C CZ2 . TRP A 1 107 ? 11.764  3.518   -1.968  1.00 16.69 ? 111 TRP A CZ2 1 
ATOM   888  C CZ3 . TRP A 1 107 ? 11.239  2.050   -0.113  1.00 16.25 ? 111 TRP A CZ3 1 
ATOM   889  C CH2 . TRP A 1 107 ? 11.382  3.335   -0.662  1.00 16.79 ? 111 TRP A CH2 1 
ATOM   890  N N   . GLU A 1 108 ? 14.214  -1.583  -0.778  1.00 16.61 ? 112 GLU A N   1 
ATOM   891  C CA  . GLU A 1 108 ? 14.914  -0.999  0.361   1.00 15.64 ? 112 GLU A CA  1 
ATOM   892  C C   . GLU A 1 108 ? 16.415  -1.247  0.286   1.00 16.25 ? 112 GLU A C   1 
ATOM   893  O O   . GLU A 1 108 ? 17.214  -0.344  0.546   1.00 16.45 ? 112 GLU A O   1 
ATOM   894  C CB  . GLU A 1 108 ? 14.355  -1.558  1.676   1.00 18.00 ? 112 GLU A CB  1 
ATOM   895  C CG  . GLU A 1 108 ? 13.004  -0.972  2.048   1.00 20.93 ? 112 GLU A CG  1 
ATOM   896  C CD  . GLU A 1 108 ? 12.476  -1.476  3.378   1.00 22.76 ? 112 GLU A CD  1 
ATOM   897  O OE1 . GLU A 1 108 ? 13.249  -1.493  4.361   1.00 25.29 ? 112 GLU A OE1 1 
ATOM   898  O OE2 . GLU A 1 108 ? 11.280  -1.837  3.436   1.00 20.53 ? 112 GLU A OE2 1 
ATOM   899  N N   . ASP A 1 109 ? 16.808  -2.465  -0.079  1.00 17.22 ? 113 ASP A N   1 
ATOM   900  C CA  . ASP A 1 109 ? 18.230  -2.769  -0.163  1.00 16.49 ? 113 ASP A CA  1 
ATOM   901  C C   . ASP A 1 109 ? 18.919  -1.890  -1.202  1.00 16.24 ? 113 ASP A C   1 
ATOM   902  O O   . ASP A 1 109 ? 20.033  -1.405  -0.977  1.00 17.69 ? 113 ASP A O   1 
ATOM   903  C CB  . ASP A 1 109 ? 18.460  -4.250  -0.498  1.00 18.12 ? 113 ASP A CB  1 
ATOM   904  C CG  . ASP A 1 109 ? 18.024  -5.174  0.626   1.00 21.99 ? 113 ASP A CG  1 
ATOM   905  O OD1 . ASP A 1 109 ? 17.975  -4.715  1.782   1.00 23.82 ? 113 ASP A OD1 1 
ATOM   906  O OD2 . ASP A 1 109 ? 17.747  -6.360  0.355   1.00 25.86 ? 113 ASP A OD2 1 
ATOM   907  N N   . LEU A 1 110 ? 18.258  -1.686  -2.335  1.00 15.94 ? 114 LEU A N   1 
ATOM   908  C CA  . LEU A 1 110 ? 18.814  -0.842  -3.386  1.00 15.37 ? 114 LEU A CA  1 
ATOM   909  C C   . LEU A 1 110 ? 18.914  0.610   -2.917  1.00 14.83 ? 114 LEU A C   1 
ATOM   910  O O   . LEU A 1 110 ? 19.923  1.277   -3.133  1.00 14.62 ? 114 LEU A O   1 
ATOM   911  C CB  . LEU A 1 110 ? 17.941  -0.916  -4.642  1.00 17.53 ? 114 LEU A CB  1 
ATOM   912  C CG  . LEU A 1 110 ? 18.012  -2.200  -5.477  1.00 19.31 ? 114 LEU A CG  1 
ATOM   913  C CD1 . LEU A 1 110 ? 16.834  -2.247  -6.429  1.00 21.27 ? 114 LEU A CD1 1 
ATOM   914  C CD2 . LEU A 1 110 ? 19.321  -2.254  -6.245  1.00 22.10 ? 114 LEU A CD2 1 
ATOM   915  N N   . LEU A 1 111 ? 17.858  1.092   -2.275  1.00 15.54 ? 115 LEU A N   1 
ATOM   916  C CA  . LEU A 1 111 ? 17.824  2.464   -1.788  1.00 15.58 ? 115 LEU A CA  1 
ATOM   917  C C   . LEU A 1 111 ? 18.924  2.751   -0.763  1.00 14.18 ? 115 LEU A C   1 
ATOM   918  O O   . LEU A 1 111 ? 19.532  3.820   -0.771  1.00 15.35 ? 115 LEU A O   1 
ATOM   919  C CB  . LEU A 1 111 ? 16.462  2.749   -1.153  1.00 17.02 ? 115 LEU A CB  1 
ATOM   920  C CG  . LEU A 1 111 ? 16.121  4.232   -0.970  1.00 17.35 ? 115 LEU A CG  1 
ATOM   921  C CD1 . LEU A 1 111 ? 15.715  4.816   -2.311  1.00 17.76 ? 115 LEU A CD1 1 
ATOM   922  C CD2 . LEU A 1 111 ? 15.001  4.401   0.033   1.00 18.05 ? 115 LEU A CD2 1 
ATOM   923  N N   . PHE A 1 112 ? 19.171  1.784   0.116   1.00 15.01 ? 116 PHE A N   1 
ATOM   924  C CA  . PHE A 1 112 ? 20.166  1.923   1.179   1.00 15.27 ? 116 PHE A CA  1 
ATOM   925  C C   . PHE A 1 112 ? 21.575  1.432   0.858   1.00 15.29 ? 116 PHE A C   1 
ATOM   926  O O   . PHE A 1 112 ? 22.394  1.308   1.763   1.00 15.04 ? 116 PHE A O   1 
ATOM   927  C CB  . PHE A 1 112 ? 19.698  1.166   2.431   1.00 15.14 ? 116 PHE A CB  1 
ATOM   928  C CG  . PHE A 1 112 ? 18.602  1.852   3.204   1.00 17.41 ? 116 PHE A CG  1 
ATOM   929  C CD1 . PHE A 1 112 ? 18.815  3.092   3.793   1.00 15.87 ? 116 PHE A CD1 1 
ATOM   930  C CD2 . PHE A 1 112 ? 17.366  1.224   3.383   1.00 20.40 ? 116 PHE A CD2 1 
ATOM   931  C CE1 . PHE A 1 112 ? 17.809  3.701   4.559   1.00 17.29 ? 116 PHE A CE1 1 
ATOM   932  C CE2 . PHE A 1 112 ? 16.358  1.819   4.145   1.00 22.00 ? 116 PHE A CE2 1 
ATOM   933  C CZ  . PHE A 1 112 ? 16.583  3.061   4.734   1.00 23.13 ? 116 PHE A CZ  1 
ATOM   934  N N   . ARG A 1 113 ? 21.870  1.164   -0.407  1.00 15.78 ? 117 ARG A N   1 
ATOM   935  C CA  . ARG A 1 113 ? 23.199  0.665   -0.765  1.00 16.52 ? 117 ARG A CA  1 
ATOM   936  C C   . ARG A 1 113 ? 24.379  1.465   -0.217  1.00 18.18 ? 117 ARG A C   1 
ATOM   937  O O   . ARG A 1 113 ? 25.375  0.881   0.225   1.00 18.30 ? 117 ARG A O   1 
ATOM   938  C CB  . ARG A 1 113 ? 23.329  0.544   -2.288  1.00 18.70 ? 117 ARG A CB  1 
ATOM   939  C CG  . ARG A 1 113 ? 22.785  -0.763  -2.837  1.00 18.89 ? 117 ARG A CG  1 
ATOM   940  C CD  . ARG A 1 113 ? 22.833  -0.788  -4.354  1.00 20.58 ? 117 ARG A CD  1 
ATOM   941  N NE  . ARG A 1 113 ? 21.889  0.162   -4.932  1.00 20.08 ? 117 ARG A NE  1 
ATOM   942  C CZ  . ARG A 1 113 ? 21.676  0.303   -6.234  1.00 20.32 ? 117 ARG A CZ  1 
ATOM   943  N NH1 . ARG A 1 113 ? 22.345  -0.447  -7.100  1.00 23.59 ? 117 ARG A NH1 1 
ATOM   944  N NH2 . ARG A 1 113 ? 20.798  1.196   -6.672  1.00 23.69 ? 117 ARG A NH2 1 
ATOM   945  N N   . ASP A 1 114 ? 24.278  2.791   -0.237  1.00 18.25 ? 118 ASP A N   1 
ATOM   946  C CA  . ASP A 1 114 ? 25.371  3.630   0.241   1.00 19.97 ? 118 ASP A CA  1 
ATOM   947  C C   . ASP A 1 114 ? 25.231  4.041   1.707   1.00 20.16 ? 118 ASP A C   1 
ATOM   948  O O   . ASP A 1 114 ? 25.877  4.983   2.162   1.00 24.25 ? 118 ASP A O   1 
ATOM   949  C CB  . ASP A 1 114 ? 25.487  4.874   -0.638  1.00 20.01 ? 118 ASP A CB  1 
ATOM   950  C CG  . ASP A 1 114 ? 25.932  4.548   -2.051  1.00 22.19 ? 118 ASP A CG  1 
ATOM   951  O OD1 . ASP A 1 114 ? 25.827  5.432   -2.923  1.00 23.19 ? 118 ASP A OD1 1 
ATOM   952  O OD2 . ASP A 1 114 ? 26.393  3.410   -2.288  1.00 25.00 ? 118 ASP A OD2 1 
ATOM   953  N N   . PHE A 1 115 ? 24.387  3.329   2.438   1.00 18.18 ? 119 PHE A N   1 
ATOM   954  C CA  . PHE A 1 115 ? 24.174  3.607   3.856   1.00 17.10 ? 119 PHE A CA  1 
ATOM   955  C C   . PHE A 1 115 ? 24.834  2.527   4.697   1.00 17.84 ? 119 PHE A C   1 
ATOM   956  O O   . PHE A 1 115 ? 24.796  1.349   4.330   1.00 19.22 ? 119 PHE A O   1 
ATOM   957  C CB  . PHE A 1 115 ? 22.680  3.584   4.190   1.00 16.54 ? 119 PHE A CB  1 
ATOM   958  C CG  . PHE A 1 115 ? 22.002  4.921   4.110   1.00 16.67 ? 119 PHE A CG  1 
ATOM   959  C CD1 . PHE A 1 115 ? 22.095  5.700   2.966   1.00 18.46 ? 119 PHE A CD1 1 
ATOM   960  C CD2 . PHE A 1 115 ? 21.244  5.385   5.183   1.00 18.12 ? 119 PHE A CD2 1 
ATOM   961  C CE1 . PHE A 1 115 ? 21.441  6.928   2.885   1.00 18.69 ? 119 PHE A CE1 1 
ATOM   962  C CE2 . PHE A 1 115 ? 20.584  6.617   5.111   1.00 18.33 ? 119 PHE A CE2 1 
ATOM   963  C CZ  . PHE A 1 115 ? 20.683  7.385   3.963   1.00 18.11 ? 119 PHE A CZ  1 
ATOM   964  N N   . THR A 1 116 ? 25.440  2.906   5.815   1.00 15.75 ? 120 THR A N   1 
ATOM   965  C CA  . THR A 1 116 ? 26.002  1.883   6.682   1.00 16.87 ? 120 THR A CA  1 
ATOM   966  C C   . THR A 1 116 ? 24.773  1.320   7.380   1.00 16.33 ? 120 THR A C   1 
ATOM   967  O O   . THR A 1 116 ? 23.712  1.948   7.386   1.00 16.77 ? 120 THR A O   1 
ATOM   968  C CB  . THR A 1 116 ? 26.931  2.457   7.751   1.00 17.04 ? 120 THR A CB  1 
ATOM   969  O OG1 . THR A 1 116 ? 26.178  3.306   8.626   1.00 18.28 ? 120 THR A OG1 1 
ATOM   970  C CG2 . THR A 1 116 ? 28.053  3.245   7.113   1.00 19.57 ? 120 THR A CG2 1 
ATOM   971  N N   . GLU A 1 117 ? 24.901  0.144   7.975   1.00 16.41 ? 121 GLU A N   1 
ATOM   972  C CA  . GLU A 1 117 ? 23.764  -0.452  8.650   1.00 16.77 ? 121 GLU A CA  1 
ATOM   973  C C   . GLU A 1 117 ? 23.279  0.429   9.803   1.00 17.70 ? 121 GLU A C   1 
ATOM   974  O O   . GLU A 1 117 ? 22.074  0.523   10.053  1.00 17.58 ? 121 GLU A O   1 
ATOM   975  C CB  . GLU A 1 117 ? 24.131  -1.850  9.152   1.00 18.23 ? 121 GLU A CB  1 
ATOM   976  C CG  . GLU A 1 117 ? 22.928  -2.714  9.481   1.00 20.28 ? 121 GLU A CG  1 
ATOM   977  C CD  . GLU A 1 117 ? 22.001  -2.895  8.289   1.00 21.34 ? 121 GLU A CD  1 
ATOM   978  O OE1 . GLU A 1 117 ? 22.471  -3.338  7.217   1.00 22.29 ? 121 GLU A OE1 1 
ATOM   979  O OE2 . GLU A 1 117 ? 20.797  -2.599  8.420   1.00 23.17 ? 121 GLU A OE2 1 
ATOM   980  N N   . ASP A 1 118 ? 24.205  1.083   10.502  1.00 17.39 ? 122 ASP A N   1 
ATOM   981  C CA  . ASP A 1 118 ? 23.819  1.953   11.614  1.00 18.04 ? 122 ASP A CA  1 
ATOM   982  C C   . ASP A 1 118 ? 22.978  3.127   11.123  1.00 16.52 ? 122 ASP A C   1 
ATOM   983  O O   . ASP A 1 118 ? 22.044  3.552   11.805  1.00 16.30 ? 122 ASP A O   1 
ATOM   984  C CB  . ASP A 1 118 ? 25.046  2.488   12.359  1.00 21.42 ? 122 ASP A CB  1 
ATOM   985  C CG  . ASP A 1 118 ? 25.760  1.417   13.159  1.00 28.28 ? 122 ASP A CG  1 
ATOM   986  O OD1 . ASP A 1 118 ? 25.085  0.686   13.912  1.00 31.25 ? 122 ASP A OD1 1 
ATOM   987  O OD2 . ASP A 1 118 ? 26.998  1.313   13.045  1.00 33.17 ? 122 ASP A OD2 1 
ATOM   988  N N   . GLU A 1 119 ? 23.313  3.660   9.950   1.00 15.63 ? 123 GLU A N   1 
ATOM   989  C CA  . GLU A 1 119 ? 22.558  4.775   9.388   1.00 15.38 ? 123 GLU A CA  1 
ATOM   990  C C   . GLU A 1 119 ? 21.165  4.300   8.993   1.00 15.70 ? 123 GLU A C   1 
ATOM   991  O O   . GLU A 1 119 ? 20.182  4.997   9.214   1.00 14.47 ? 123 GLU A O   1 
ATOM   992  C CB  . GLU A 1 119 ? 23.264  5.354   8.158   1.00 15.62 ? 123 GLU A CB  1 
ATOM   993  C CG  . GLU A 1 119 ? 24.570  6.085   8.443   1.00 16.82 ? 123 GLU A CG  1 
ATOM   994  C CD  . GLU A 1 119 ? 25.206  6.629   7.179   1.00 16.25 ? 123 GLU A CD  1 
ATOM   995  O OE1 . GLU A 1 119 ? 25.330  5.866   6.195   1.00 17.47 ? 123 GLU A OE1 1 
ATOM   996  O OE2 . GLU A 1 119 ? 25.581  7.821   7.169   1.00 18.42 ? 123 GLU A OE2 1 
ATOM   997  N N   . ARG A 1 120 ? 21.075  3.112   8.407   1.00 15.65 ? 124 ARG A N   1 
ATOM   998  C CA  . ARG A 1 120 ? 19.780  2.579   8.001   1.00 13.97 ? 124 ARG A CA  1 
ATOM   999  C C   . ARG A 1 120 ? 18.890  2.370   9.225   1.00 15.89 ? 124 ARG A C   1 
ATOM   1000 O O   . ARG A 1 120 ? 17.693  2.661   9.196   1.00 15.85 ? 124 ARG A O   1 
ATOM   1001 C CB  . ARG A 1 120 ? 19.957  1.250   7.252   1.00 16.25 ? 124 ARG A CB  1 
ATOM   1002 C CG  . ARG A 1 120 ? 18.640  0.543   6.920   1.00 20.92 ? 124 ARG A CG  1 
ATOM   1003 C CD  . ARG A 1 120 ? 18.884  -0.912  6.553   1.00 28.09 ? 124 ARG A CD  1 
ATOM   1004 N NE  . ARG A 1 120 ? 17.640  -1.656  6.383   1.00 33.42 ? 124 ARG A NE  1 
ATOM   1005 C CZ  . ARG A 1 120 ? 17.578  -2.977  6.254   1.00 35.40 ? 124 ARG A CZ  1 
ATOM   1006 N NH1 . ARG A 1 120 ? 18.691  -3.696  6.277   1.00 35.35 ? 124 ARG A NH1 1 
ATOM   1007 N NH2 . ARG A 1 120 ? 16.406  -3.581  6.104   1.00 37.43 ? 124 ARG A NH2 1 
ATOM   1008 N N   . LYS A 1 121 ? 19.480  1.857   10.299  1.00 15.29 ? 125 LYS A N   1 
ATOM   1009 C CA  . LYS A 1 121 ? 18.744  1.620   11.535  1.00 17.20 ? 125 LYS A CA  1 
ATOM   1010 C C   . LYS A 1 121 ? 18.264  2.941   12.142  1.00 15.74 ? 125 LYS A C   1 
ATOM   1011 O O   . LYS A 1 121 ? 17.137  3.043   12.630  1.00 15.24 ? 125 LYS A O   1 
ATOM   1012 C CB  . LYS A 1 121 ? 19.642  0.883   12.531  1.00 19.32 ? 125 LYS A CB  1 
ATOM   1013 C CG  . LYS A 1 121 ? 18.951  0.453   13.814  1.00 25.30 ? 125 LYS A CG  1 
ATOM   1014 C CD  . LYS A 1 121 ? 19.900  -0.342  14.704  1.00 28.62 ? 125 LYS A CD  1 
ATOM   1015 C CE  . LYS A 1 121 ? 19.223  -0.778  15.992  1.00 30.07 ? 125 LYS A CE  1 
ATOM   1016 N NZ  . LYS A 1 121 ? 20.142  -1.586  16.836  1.00 31.27 ? 125 LYS A NZ  1 
ATOM   1017 N N   . LEU A 1 122 ? 19.126  3.954   12.127  1.00 15.06 ? 126 LEU A N   1 
ATOM   1018 C CA  . LEU A 1 122 ? 18.763  5.255   12.670  1.00 14.51 ? 126 LEU A CA  1 
ATOM   1019 C C   . LEU A 1 122 ? 17.660  5.888   11.834  1.00 15.93 ? 126 LEU A C   1 
ATOM   1020 O O   . LEU A 1 122 ? 16.728  6.479   12.378  1.00 16.96 ? 126 LEU A O   1 
ATOM   1021 C CB  . LEU A 1 122 ? 19.981  6.181   12.695  1.00 16.88 ? 126 LEU A CB  1 
ATOM   1022 C CG  . LEU A 1 122 ? 19.714  7.583   13.248  1.00 18.63 ? 126 LEU A CG  1 
ATOM   1023 C CD1 . LEU A 1 122 ? 19.212  7.496   14.680  1.00 19.97 ? 126 LEU A CD1 1 
ATOM   1024 C CD2 . LEU A 1 122 ? 20.994  8.400   13.187  1.00 20.54 ? 126 LEU A CD2 1 
ATOM   1025 N N   . PHE A 1 123 ? 17.763  5.772   10.515  1.00 13.41 ? 127 PHE A N   1 
ATOM   1026 C CA  . PHE A 1 123 ? 16.753  6.338   9.636   1.00 14.02 ? 127 PHE A CA  1 
ATOM   1027 C C   . PHE A 1 123 ? 15.410  5.696   9.927   1.00 15.20 ? 127 PHE A C   1 
ATOM   1028 O O   . PHE A 1 123 ? 14.402  6.387   10.058  1.00 14.52 ? 127 PHE A O   1 
ATOM   1029 C CB  . PHE A 1 123 ? 17.119  6.119   8.162   1.00 14.64 ? 127 PHE A CB  1 
ATOM   1030 C CG  . PHE A 1 123 ? 16.230  6.870   7.203   1.00 14.74 ? 127 PHE A CG  1 
ATOM   1031 C CD1 . PHE A 1 123 ? 16.347  8.253   7.067   1.00 13.90 ? 127 PHE A CD1 1 
ATOM   1032 C CD2 . PHE A 1 123 ? 15.242  6.214   6.481   1.00 14.97 ? 127 PHE A CD2 1 
ATOM   1033 C CE1 . PHE A 1 123 ? 15.488  8.970   6.229   1.00 16.30 ? 127 PHE A CE1 1 
ATOM   1034 C CE2 . PHE A 1 123 ? 14.379  6.923   5.643   1.00 14.73 ? 127 PHE A CE2 1 
ATOM   1035 C CZ  . PHE A 1 123 ? 14.505  8.310   5.519   1.00 15.99 ? 127 PHE A CZ  1 
ATOM   1036 N N   . ARG A 1 124 ? 15.394  4.370   10.035  1.00 15.88 ? 128 ARG A N   1 
ATOM   1037 C CA  . ARG A 1 124 ? 14.158  3.652   10.315  1.00 15.38 ? 128 ARG A CA  1 
ATOM   1038 C C   . ARG A 1 124 ? 13.556  4.083   11.652  1.00 14.43 ? 128 ARG A C   1 
ATOM   1039 O O   . ARG A 1 124 ? 12.342  4.282   11.760  1.00 15.15 ? 128 ARG A O   1 
ATOM   1040 C CB  . ARG A 1 124 ? 14.412  2.142   10.327  1.00 18.00 ? 128 ARG A CB  1 
ATOM   1041 C CG  . ARG A 1 124 ? 13.169  1.326   10.614  1.00 23.28 ? 128 ARG A CG  1 
ATOM   1042 C CD  . ARG A 1 124 ? 12.243  1.266   9.412   1.00 28.16 ? 128 ARG A CD  1 
ATOM   1043 N NE  . ARG A 1 124 ? 12.290  -0.043  8.762   1.00 34.24 ? 128 ARG A NE  1 
ATOM   1044 C CZ  . ARG A 1 124 ? 11.969  -1.185  9.362   1.00 35.36 ? 128 ARG A CZ  1 
ATOM   1045 N NH1 . ARG A 1 124 ? 11.575  -1.184  10.628  1.00 36.76 ? 128 ARG A NH1 1 
ATOM   1046 N NH2 . ARG A 1 124 ? 12.048  -2.330  8.699   1.00 37.80 ? 128 ARG A NH2 1 
ATOM   1047 N N   . LYS A 1 125 ? 14.403  4.228   12.668  1.00 14.55 ? 129 LYS A N   1 
ATOM   1048 C CA  . LYS A 1 125 ? 13.917  4.636   13.978  1.00 15.55 ? 129 LYS A CA  1 
ATOM   1049 C C   . LYS A 1 125 ? 13.313  6.029   13.930  1.00 15.00 ? 129 LYS A C   1 
ATOM   1050 O O   . LYS A 1 125 ? 12.293  6.292   14.576  1.00 15.37 ? 129 LYS A O   1 
ATOM   1051 C CB  . LYS A 1 125 ? 15.041  4.598   15.021  1.00 17.69 ? 129 LYS A CB  1 
ATOM   1052 C CG  . LYS A 1 125 ? 15.542  3.198   15.359  1.00 24.55 ? 129 LYS A CG  1 
ATOM   1053 C CD  . LYS A 1 125 ? 16.536  3.222   16.510  1.00 28.61 ? 129 LYS A CD  1 
ATOM   1054 C CE  . LYS A 1 125 ? 15.872  3.633   17.817  1.00 31.61 ? 129 LYS A CE  1 
ATOM   1055 N NZ  . LYS A 1 125 ? 14.875  2.625   18.274  1.00 34.18 ? 129 LYS A NZ  1 
ATOM   1056 N N   . MET A 1 126 ? 13.939  6.923   13.170  1.00 14.51 ? 130 MET A N   1 
ATOM   1057 C CA  . MET A 1 126 ? 13.425  8.277   13.058  1.00 14.49 ? 130 MET A CA  1 
ATOM   1058 C C   . MET A 1 126 ? 12.108  8.274   12.308  1.00 13.97 ? 130 MET A C   1 
ATOM   1059 O O   . MET A 1 126 ? 11.187  9.001   12.666  1.00 14.72 ? 130 MET A O   1 
ATOM   1060 C CB  . MET A 1 126 ? 14.438  9.190   12.366  1.00 15.23 ? 130 MET A CB  1 
ATOM   1061 C CG  . MET A 1 126 ? 15.640  9.493   13.239  1.00 16.72 ? 130 MET A CG  1 
ATOM   1062 S SD  . MET A 1 126 ? 16.683  10.779  12.540  1.00 17.85 ? 130 MET A SD  1 
ATOM   1063 C CE  . MET A 1 126 ? 17.518  9.896   11.257  1.00 21.36 ? 130 MET A CE  1 
ATOM   1064 N N   . CYS A 1 127 ? 11.995  7.446   11.277  1.00 12.97 ? 131 CYS A N   1 
ATOM   1065 C CA  . CYS A 1 127 ? 10.753  7.384   10.513  1.00 14.45 ? 131 CYS A CA  1 
ATOM   1066 C C   . CYS A 1 127 ? 9.620   6.874   11.379  1.00 14.60 ? 131 CYS A C   1 
ATOM   1067 O O   . CYS A 1 127 ? 8.487   7.336   11.263  1.00 14.70 ? 131 CYS A O   1 
ATOM   1068 C CB  . CYS A 1 127 ? 10.887  6.471   9.290   1.00 14.76 ? 131 CYS A CB  1 
ATOM   1069 S SG  . CYS A 1 127 ? 9.818   6.979   7.936   1.00 33.63 ? 131 CYS A SG  1 
ATOM   1070 N N   . ARG A 1 128 ? 9.918   5.898   12.232  1.00 14.89 ? 132 ARG A N   1 
ATOM   1071 C CA  . ARG A 1 128 ? 8.896   5.362   13.120  1.00 15.27 ? 132 ARG A CA  1 
ATOM   1072 C C   . ARG A 1 128 ? 8.420   6.474   14.047  1.00 14.71 ? 132 ARG A C   1 
ATOM   1073 O O   . ARG A 1 128 ? 7.222   6.631   14.258  1.00 15.22 ? 132 ARG A O   1 
ATOM   1074 C CB  . ARG A 1 128 ? 9.442   4.197   13.948  1.00 18.23 ? 132 ARG A CB  1 
ATOM   1075 C CG  . ARG A 1 128 ? 8.393   3.568   14.850  1.00 23.04 ? 132 ARG A CG  1 
ATOM   1076 C CD  . ARG A 1 128 ? 8.974   2.487   15.744  1.00 28.27 ? 132 ARG A CD  1 
ATOM   1077 N NE  . ARG A 1 128 ? 9.442   1.323   15.000  1.00 32.52 ? 132 ARG A NE  1 
ATOM   1078 C CZ  . ARG A 1 128 ? 9.860   0.197   15.571  1.00 35.15 ? 132 ARG A CZ  1 
ATOM   1079 N NH1 . ARG A 1 128 ? 9.871   0.087   16.895  1.00 36.51 ? 132 ARG A NH1 1 
ATOM   1080 N NH2 . ARG A 1 128 ? 10.266  -0.821  14.824  1.00 36.78 ? 132 ARG A NH2 1 
ATOM   1081 N N   . ARG A 1 129 ? 9.356   7.243   14.601  1.00 13.44 ? 133 ARG A N   1 
ATOM   1082 C CA  . ARG A 1 129 ? 8.993   8.351   15.481  1.00 13.87 ? 133 ARG A CA  1 
ATOM   1083 C C   . ARG A 1 129 ? 8.159   9.401   14.752  1.00 14.27 ? 133 ARG A C   1 
ATOM   1084 O O   . ARG A 1 129 ? 7.193   9.928   15.308  1.00 16.65 ? 133 ARG A O   1 
ATOM   1085 C CB  . ARG A 1 129 ? 10.246  9.002   16.055  1.00 13.99 ? 133 ARG A CB  1 
ATOM   1086 C CG  . ARG A 1 129 ? 10.941  8.149   17.088  1.00 16.46 ? 133 ARG A CG  1 
ATOM   1087 C CD  . ARG A 1 129 ? 12.329  8.673   17.373  1.00 18.28 ? 133 ARG A CD  1 
ATOM   1088 N NE  . ARG A 1 129 ? 12.314  10.039  17.883  1.00 16.60 ? 133 ARG A NE  1 
ATOM   1089 C CZ  . ARG A 1 129 ? 13.384  10.826  17.911  1.00 16.02 ? 133 ARG A CZ  1 
ATOM   1090 N NH1 . ARG A 1 129 ? 14.547  10.372  17.455  1.00 17.95 ? 133 ARG A NH1 1 
ATOM   1091 N NH2 . ARG A 1 129 ? 13.293  12.064  18.377  1.00 16.49 ? 133 ARG A NH2 1 
ATOM   1092 N N   . LEU A 1 130 ? 8.525   9.718   13.515  1.00 13.57 ? 134 LEU A N   1 
ATOM   1093 C CA  . LEU A 1 130 ? 7.770   10.702  12.752  1.00 14.31 ? 134 LEU A CA  1 
ATOM   1094 C C   . LEU A 1 130 ? 6.390   10.146  12.389  1.00 14.08 ? 134 LEU A C   1 
ATOM   1095 O O   . LEU A 1 130 ? 5.406   10.878  12.380  1.00 15.05 ? 134 LEU A O   1 
ATOM   1096 C CB  . LEU A 1 130 ? 8.540   11.095  11.494  1.00 14.95 ? 134 LEU A CB  1 
ATOM   1097 C CG  . LEU A 1 130 ? 9.862   11.813  11.772  1.00 13.31 ? 134 LEU A CG  1 
ATOM   1098 C CD1 . LEU A 1 130 ? 10.667  11.896  10.487  1.00 16.47 ? 134 LEU A CD1 1 
ATOM   1099 C CD2 . LEU A 1 130 ? 9.586   13.212  12.333  1.00 14.96 ? 134 LEU A CD2 1 
ATOM   1100 N N   . ALA A 1 131 ? 6.315   8.850   12.095  1.00 15.25 ? 135 ALA A N   1 
ATOM   1101 C CA  . ALA A 1 131 ? 5.035   8.235   11.756  1.00 14.93 ? 135 ALA A CA  1 
ATOM   1102 C C   . ALA A 1 131 ? 4.115   8.296   12.971  1.00 15.54 ? 135 ALA A C   1 
ATOM   1103 O O   . ALA A 1 131 ? 2.913   8.516   12.837  1.00 16.56 ? 135 ALA A O   1 
ATOM   1104 C CB  . ALA A 1 131 ? 5.239   6.785   11.325  1.00 15.17 ? 135 ALA A CB  1 
ATOM   1105 N N   . GLU A 1 132 ? 4.686   8.085   14.152  1.00 15.66 ? 136 GLU A N   1 
ATOM   1106 C CA  . GLU A 1 132 ? 3.902   8.142   15.383  1.00 17.42 ? 136 GLU A CA  1 
ATOM   1107 C C   . GLU A 1 132 ? 3.337   9.550   15.571  1.00 17.90 ? 136 GLU A C   1 
ATOM   1108 O O   . GLU A 1 132 ? 2.193   9.715   15.991  1.00 18.72 ? 136 GLU A O   1 
ATOM   1109 C CB  . GLU A 1 132 ? 4.769   7.738   16.578  1.00 18.83 ? 136 GLU A CB  1 
ATOM   1110 C CG  . GLU A 1 132 ? 5.310   6.316   16.469  1.00 24.14 ? 136 GLU A CG  1 
ATOM   1111 C CD  . GLU A 1 132 ? 6.278   5.968   17.580  1.00 25.85 ? 136 GLU A CD  1 
ATOM   1112 O OE1 . GLU A 1 132 ? 7.133   6.816   17.910  1.00 28.32 ? 136 GLU A OE1 1 
ATOM   1113 O OE2 . GLU A 1 132 ? 6.194   4.841   18.116  1.00 32.78 ? 136 GLU A OE2 1 
ATOM   1114 N N   . GLU A 1 133 ? 4.137   10.569  15.266  1.00 17.24 ? 137 GLU A N   1 
ATOM   1115 C CA  . GLU A 1 133 ? 3.675   11.949  15.376  1.00 17.27 ? 137 GLU A CA  1 
ATOM   1116 C C   . GLU A 1 133 ? 2.607   12.204  14.312  1.00 17.11 ? 137 GLU A C   1 
ATOM   1117 O O   . GLU A 1 133 ? 1.606   12.872  14.561  1.00 18.72 ? 137 GLU A O   1 
ATOM   1118 C CB  . GLU A 1 133 ? 4.838   12.917  15.162  1.00 19.09 ? 137 GLU A CB  1 
ATOM   1119 C CG  . GLU A 1 133 ? 4.452   14.386  15.295  1.00 22.30 ? 137 GLU A CG  1 
ATOM   1120 C CD  . GLU A 1 133 ? 4.174   14.794  16.729  1.00 24.65 ? 137 GLU A CD  1 
ATOM   1121 O OE1 . GLU A 1 133 ? 5.107   14.722  17.554  1.00 26.28 ? 137 GLU A OE1 1 
ATOM   1122 O OE2 . GLU A 1 133 ? 3.027   15.188  17.029  1.00 25.54 ? 137 GLU A OE2 1 
ATOM   1123 N N   . ALA A 1 134 ? 2.822   11.657  13.121  1.00 15.57 ? 138 ALA A N   1 
ATOM   1124 C CA  . ALA A 1 134 ? 1.883   11.828  12.022  1.00 16.83 ? 138 ALA A CA  1 
ATOM   1125 C C   . ALA A 1 134 ? 0.509   11.288  12.375  1.00 17.79 ? 138 ALA A C   1 
ATOM   1126 O O   . ALA A 1 134 ? -0.504  11.874  11.995  1.00 19.37 ? 138 ALA A O   1 
ATOM   1127 C CB  . ALA A 1 134 ? 2.415   11.135  10.763  1.00 16.34 ? 138 ALA A CB  1 
ATOM   1128 N N   . VAL A 1 135 ? 0.474   10.168  13.092  1.00 19.25 ? 139 VAL A N   1 
ATOM   1129 C CA  . VAL A 1 135 ? -0.797  9.584   13.497  1.00 22.08 ? 139 VAL A CA  1 
ATOM   1130 C C   . VAL A 1 135 ? -1.482  10.507  14.506  1.00 23.59 ? 139 VAL A C   1 
ATOM   1131 O O   . VAL A 1 135 ? -2.697  10.714  14.447  1.00 25.32 ? 139 VAL A O   1 
ATOM   1132 C CB  . VAL A 1 135 ? -0.595  8.183   14.123  1.00 21.84 ? 139 VAL A CB  1 
ATOM   1133 C CG1 . VAL A 1 135 ? -1.888  7.707   14.760  1.00 23.57 ? 139 VAL A CG1 1 
ATOM   1134 C CG2 . VAL A 1 135 ? -0.157  7.192   13.047  1.00 22.50 ? 139 VAL A CG2 1 
ATOM   1135 N N   . ARG A 1 136 ? -0.699  11.076  15.418  1.00 25.70 ? 140 ARG A N   1 
ATOM   1136 C CA  . ARG A 1 136 ? -1.248  11.979  16.425  1.00 28.52 ? 140 ARG A CA  1 
ATOM   1137 C C   . ARG A 1 136 ? -1.759  13.268  15.792  1.00 29.24 ? 140 ARG A C   1 
ATOM   1138 O O   . ARG A 1 136 ? -2.758  13.833  16.236  1.00 28.85 ? 140 ARG A O   1 
ATOM   1139 C CB  . ARG A 1 136 ? -0.193  12.318  17.483  1.00 30.46 ? 140 ARG A CB  1 
ATOM   1140 C CG  . ARG A 1 136 ? 0.180   11.166  18.403  1.00 31.67 ? 140 ARG A CG  1 
ATOM   1141 C CD  . ARG A 1 136 ? 1.004   11.662  19.583  1.00 33.94 ? 140 ARG A CD  1 
ATOM   1142 N NE  . ARG A 1 136 ? 2.320   12.157  19.184  1.00 36.48 ? 140 ARG A NE  1 
ATOM   1143 C CZ  . ARG A 1 136 ? 3.353   11.376  18.880  1.00 36.33 ? 140 ARG A CZ  1 
ATOM   1144 N NH1 . ARG A 1 136 ? 3.229   10.057  18.930  1.00 37.93 ? 140 ARG A NH1 1 
ATOM   1145 N NH2 . ARG A 1 136 ? 4.512   11.915  18.526  1.00 36.03 ? 140 ARG A NH2 1 
ATOM   1146 N N   . MET A 1 137 ? -1.063  13.734  14.760  1.00 29.81 ? 141 MET A N   1 
ATOM   1147 C CA  . MET A 1 137 ? -1.455  14.956  14.065  1.00 31.27 ? 141 MET A CA  1 
ATOM   1148 C C   . MET A 1 137 ? -2.769  14.773  13.312  1.00 32.65 ? 141 MET A C   1 
ATOM   1149 O O   . MET A 1 137 ? -3.560  15.710  13.194  1.00 32.87 ? 141 MET A O   1 
ATOM   1150 C CB  . MET A 1 137 ? -0.359  15.383  13.084  1.00 31.19 ? 141 MET A CB  1 
ATOM   1151 C CG  . MET A 1 137 ? 0.893   15.933  13.749  1.00 30.49 ? 141 MET A CG  1 
ATOM   1152 S SD  . MET A 1 137 ? 2.227   16.222  12.569  1.00 29.74 ? 141 MET A SD  1 
ATOM   1153 C CE  . MET A 1 137 ? 1.535   17.557  11.594  1.00 32.12 ? 141 MET A CE  1 
HETATM 1154 O O   . HOH B 2 .   ? 3.414   1.337   -9.288  1.00 16.49 ? 143 HOH A O   1 
HETATM 1155 O O   . HOH B 2 .   ? -18.243 1.338   1.571   1.00 18.87 ? 144 HOH A O   1 
HETATM 1156 O O   . HOH B 2 .   ? 22.138  4.622   -1.070  1.00 19.66 ? 145 HOH A O   1 
HETATM 1157 O O   . HOH B 2 .   ? -11.058 9.661   1.190   1.00 19.31 ? 146 HOH A O   1 
HETATM 1158 O O   . HOH B 2 .   ? 11.584  4.713   16.845  1.00 21.32 ? 147 HOH A O   1 
HETATM 1159 O O   . HOH B 2 .   ? -14.548 4.859   -3.460  1.00 21.86 ? 148 HOH A O   1 
HETATM 1160 O O   . HOH B 2 .   ? 9.530   -0.473  1.711   1.00 16.61 ? 149 HOH A O   1 
HETATM 1161 O O   . HOH B 2 .   ? 22.800  -5.862  6.088   1.00 20.71 ? 150 HOH A O   1 
HETATM 1162 O O   . HOH B 2 .   ? 2.514   0.528   -2.092  1.00 20.56 ? 151 HOH A O   1 
HETATM 1163 O O   . HOH B 2 .   ? -17.326 -5.725  7.594   1.00 19.25 ? 152 HOH A O   1 
HETATM 1164 O O   . HOH B 2 .   ? 22.030  -2.915  0.072   1.00 22.20 ? 153 HOH A O   1 
HETATM 1165 O O   . HOH B 2 .   ? 27.056  0.291   10.671  1.00 20.98 ? 154 HOH A O   1 
HETATM 1166 O O   . HOH B 2 .   ? 0.285   3.793   -8.255  1.00 24.30 ? 155 HOH A O   1 
HETATM 1167 O O   . HOH B 2 .   ? -10.908 -7.313  10.436  1.00 22.77 ? 156 HOH A O   1 
HETATM 1168 O O   . HOH B 2 .   ? -16.925 5.850   -4.716  1.00 25.86 ? 157 HOH A O   1 
HETATM 1169 O O   . HOH B 2 .   ? 5.984   16.696  -3.935  1.00 28.59 ? 158 HOH A O   1 
HETATM 1170 O O   . HOH B 2 .   ? -8.818  -16.572 -4.928  1.00 26.92 ? 159 HOH A O   1 
HETATM 1171 O O   . HOH B 2 .   ? -21.557 -4.050  8.700   1.00 24.47 ? 160 HOH A O   1 
HETATM 1172 O O   . HOH B 2 .   ? 7.341   1.024   -13.661 1.00 25.79 ? 161 HOH A O   1 
HETATM 1173 O O   . HOH B 2 .   ? -23.950 1.782   8.523   1.00 31.17 ? 162 HOH A O   1 
HETATM 1174 O O   . HOH B 2 .   ? 12.551  9.322   -7.953  1.00 24.58 ? 163 HOH A O   1 
HETATM 1175 O O   . HOH B 2 .   ? 22.089  3.412   14.512  1.00 26.42 ? 164 HOH A O   1 
HETATM 1176 O O   . HOH B 2 .   ? -1.386  1.746   -14.325 1.00 27.06 ? 165 HOH A O   1 
HETATM 1177 O O   . HOH B 2 .   ? -4.127  -5.992  -10.423 1.00 26.07 ? 166 HOH A O   1 
HETATM 1178 O O   . HOH B 2 .   ? -2.475  2.664   -9.798  1.00 26.60 ? 167 HOH A O   1 
HETATM 1179 O O   . HOH B 2 .   ? -8.719  -9.465  3.800   1.00 24.78 ? 168 HOH A O   1 
HETATM 1180 O O   . HOH B 2 .   ? 10.162  11.390  18.858  1.00 25.21 ? 169 HOH A O   1 
HETATM 1181 O O   . HOH B 2 .   ? 8.044   12.067  16.986  1.00 28.00 ? 170 HOH A O   1 
HETATM 1182 O O   . HOH B 2 .   ? -22.542 -0.403  8.296   1.00 29.30 ? 171 HOH A O   1 
HETATM 1183 O O   . HOH B 2 .   ? -15.671 5.989   6.250   1.00 28.33 ? 172 HOH A O   1 
HETATM 1184 O O   . HOH B 2 .   ? 25.380  9.625   9.234   1.00 28.06 ? 173 HOH A O   1 
HETATM 1185 O O   . HOH B 2 .   ? -13.966 5.880   -10.009 1.00 27.35 ? 174 HOH A O   1 
HETATM 1186 O O   . HOH B 2 .   ? -16.826 -1.867  9.953   1.00 28.04 ? 175 HOH A O   1 
HETATM 1187 O O   . HOH B 2 .   ? 1.099   7.608   17.596  1.00 29.79 ? 176 HOH A O   1 
HETATM 1188 O O   . HOH B 2 .   ? 12.601  14.088  -8.805  1.00 38.01 ? 177 HOH A O   1 
HETATM 1189 O O   . HOH B 2 .   ? -10.328 0.948   -12.997 1.00 24.74 ? 178 HOH A O   1 
HETATM 1190 O O   . HOH B 2 .   ? -0.760  -5.871  5.575   1.00 28.10 ? 179 HOH A O   1 
HETATM 1191 O O   . HOH B 2 .   ? -11.216 10.985  -8.776  1.00 28.11 ? 180 HOH A O   1 
HETATM 1192 O O   . HOH B 2 .   ? -14.632 0.263   -7.169  1.00 31.60 ? 181 HOH A O   1 
HETATM 1193 O O   . HOH B 2 .   ? 17.689  -8.412  2.262   1.00 33.44 ? 182 HOH A O   1 
HETATM 1194 O O   . HOH B 2 .   ? 8.177   18.574  -8.116  1.00 32.08 ? 183 HOH A O   1 
HETATM 1195 O O   . HOH B 2 .   ? 13.095  2.844   -8.945  1.00 29.27 ? 184 HOH A O   1 
HETATM 1196 O O   . HOH B 2 .   ? -4.743  3.466   -8.881  1.00 36.24 ? 185 HOH A O   1 
HETATM 1197 O O   . HOH B 2 .   ? 2.477   -4.946  -17.244 1.00 24.98 ? 186 HOH A O   1 
HETATM 1198 O O   . HOH B 2 .   ? 4.904   11.947  -6.331  1.00 28.54 ? 187 HOH A O   1 
HETATM 1199 O O   . HOH B 2 .   ? 9.125   4.760   17.860  1.00 32.20 ? 188 HOH A O   1 
HETATM 1200 O O   . HOH B 2 .   ? -15.818 -9.127  0.646   1.00 31.25 ? 189 HOH A O   1 
HETATM 1201 O O   . HOH B 2 .   ? 9.492   -9.535  -8.984  1.00 34.83 ? 190 HOH A O   1 
HETATM 1202 O O   . HOH B 2 .   ? -13.255 2.106   -13.458 1.00 33.15 ? 191 HOH A O   1 
HETATM 1203 O O   . HOH B 2 .   ? -7.137  13.850  -1.052  1.00 29.29 ? 192 HOH A O   1 
HETATM 1204 O O   . HOH B 2 .   ? -29.618 -5.304  8.223   1.00 37.02 ? 193 HOH A O   1 
HETATM 1205 O O   . HOH B 2 .   ? 27.691  5.377   9.642   1.00 33.00 ? 194 HOH A O   1 
HETATM 1206 O O   . HOH B 2 .   ? 16.866  -6.173  -7.027  1.00 35.24 ? 195 HOH A O   1 
HETATM 1207 O O   . HOH B 2 .   ? 5.825   8.722   21.080  1.00 58.43 ? 196 HOH A O   1 
HETATM 1208 O O   . HOH B 2 .   ? -0.741  -13.493 3.013   1.00 30.12 ? 197 HOH A O   1 
HETATM 1209 O O   . HOH B 2 .   ? -9.647  -14.959 -7.020  1.00 35.46 ? 198 HOH A O   1 
HETATM 1210 O O   . HOH B 2 .   ? 11.275  11.919  -9.037  1.00 38.91 ? 199 HOH A O   1 
HETATM 1211 O O   . HOH B 2 .   ? -4.980  -11.868 -11.853 1.00 33.85 ? 200 HOH A O   1 
HETATM 1212 O O   . HOH B 2 .   ? 3.898   11.939  -3.532  1.00 38.16 ? 201 HOH A O   1 
HETATM 1213 O O   . HOH B 2 .   ? -29.386 0.282   3.977   1.00 35.06 ? 202 HOH A O   1 
HETATM 1214 O O   . HOH B 2 .   ? -16.614 1.677   -6.027  1.00 35.22 ? 203 HOH A O   1 
HETATM 1215 O O   . HOH B 2 .   ? 27.915  7.464   5.633   1.00 29.19 ? 204 HOH A O   1 
HETATM 1216 O O   . HOH B 2 .   ? 2.442   -2.559  -13.190 1.00 32.78 ? 205 HOH A O   1 
HETATM 1217 O O   . HOH B 2 .   ? -10.378 -1.615  -13.021 1.00 53.68 ? 206 HOH A O   1 
HETATM 1218 O O   . HOH B 2 .   ? 15.598  0.842   13.591  1.00 34.57 ? 207 HOH A O   1 
HETATM 1219 O O   . HOH B 2 .   ? 28.890  2.482   10.962  1.00 36.89 ? 208 HOH A O   1 
HETATM 1220 O O   . HOH B 2 .   ? -1.573  -15.540 -6.331  1.00 30.83 ? 209 HOH A O   1 
HETATM 1221 O O   . HOH B 2 .   ? 13.606  -11.928 0.588   1.00 43.12 ? 210 HOH A O   1 
HETATM 1222 O O   . HOH B 2 .   ? -4.977  6.736   8.382   1.00 38.51 ? 211 HOH A O   1 
HETATM 1223 O O   . HOH B 2 .   ? -6.019  12.005  -6.836  1.00 44.97 ? 212 HOH A O   1 
HETATM 1224 O O   . HOH B 2 .   ? 17.554  -1.915  9.536   1.00 46.67 ? 213 HOH A O   1 
HETATM 1225 O O   . HOH B 2 .   ? 0.577   -13.177 -15.165 1.00 35.54 ? 214 HOH A O   1 
HETATM 1226 O O   . HOH B 2 .   ? -2.713  -10.306 -12.399 1.00 32.38 ? 215 HOH A O   1 
HETATM 1227 O O   . HOH B 2 .   ? 13.945  0.247   6.751   1.00 36.79 ? 216 HOH A O   1 
HETATM 1228 O O   . HOH B 2 .   ? 16.843  24.271  -0.286  1.00 35.71 ? 217 HOH A O   1 
HETATM 1229 O O   . HOH B 2 .   ? 25.286  0.074   16.485  1.00 45.05 ? 218 HOH A O   1 
HETATM 1230 O O   . HOH B 2 .   ? -18.964 5.376   -2.874  1.00 33.71 ? 219 HOH A O   1 
HETATM 1231 O O   . HOH B 2 .   ? -13.872 -9.791  8.992   1.00 41.54 ? 220 HOH A O   1 
HETATM 1232 O O   . HOH B 2 .   ? -10.765 4.575   8.373   1.00 30.25 ? 221 HOH A O   1 
HETATM 1233 O O   . HOH B 2 .   ? 5.742   9.930   -4.988  1.00 27.89 ? 222 HOH A O   1 
HETATM 1234 O O   . HOH B 2 .   ? 7.111   16.369  -6.929  1.00 33.62 ? 223 HOH A O   1 
HETATM 1235 O O   . HOH B 2 .   ? 6.920   -7.652  -13.876 1.00 29.57 ? 224 HOH A O   1 
HETATM 1236 O O   . HOH B 2 .   ? 18.215  -7.362  -2.129  1.00 31.68 ? 225 HOH A O   1 
HETATM 1237 O O   . HOH B 2 .   ? 4.091   -14.999 -2.996  1.00 40.27 ? 226 HOH A O   1 
HETATM 1238 O O   . HOH B 2 .   ? -9.033  14.320  -2.711  1.00 44.80 ? 227 HOH A O   1 
HETATM 1239 O O   . HOH B 2 .   ? 15.955  23.744  -2.742  1.00 44.39 ? 228 HOH A O   1 
HETATM 1240 O O   . HOH B 2 .   ? -28.305 6.252   -2.763  1.00 32.63 ? 229 HOH A O   1 
HETATM 1241 O O   . HOH B 2 .   ? -9.215  2.652   9.380   1.00 39.52 ? 230 HOH A O   1 
HETATM 1242 O O   . HOH B 2 .   ? 29.032  4.424   16.292  1.00 38.94 ? 231 HOH A O   1 
HETATM 1243 O O   . HOH B 2 .   ? -15.689 -2.523  -8.045  1.00 38.84 ? 232 HOH A O   1 
HETATM 1244 O O   . HOH B 2 .   ? 0.787   14.471  -8.412  1.00 46.44 ? 233 HOH A O   1 
HETATM 1245 O O   . HOH B 2 .   ? 13.337  1.306   20.650  1.00 39.99 ? 234 HOH A O   1 
HETATM 1246 O O   . HOH B 2 .   ? 0.476   4.434   -2.331  1.00 44.18 ? 235 HOH A O   1 
HETATM 1247 O O   . HOH B 2 .   ? -4.742  -10.440 8.873   1.00 42.58 ? 236 HOH A O   1 
HETATM 1248 O O   . HOH B 2 .   ? -4.544  1.079   -9.872  1.00 59.23 ? 237 HOH A O   1 
HETATM 1249 O O   . HOH B 2 .   ? -7.535  -16.880 4.387   1.00 51.18 ? 238 HOH A O   1 
HETATM 1250 O O   . HOH B 2 .   ? -24.714 -8.668  2.977   1.00 50.80 ? 239 HOH A O   1 
HETATM 1251 O O   . HOH B 2 .   ? -4.970  12.771  17.127  1.00 44.74 ? 240 HOH A O   1 
HETATM 1252 O O   . HOH B 2 .   ? -6.622  5.139   -9.433  1.00 32.93 ? 241 HOH A O   1 
HETATM 1253 O O   . HOH B 2 .   ? -13.386 -2.421  -6.970  1.00 41.68 ? 242 HOH A O   1 
HETATM 1254 O O   . HOH B 2 .   ? 8.671   -9.548  -12.985 1.00 48.76 ? 243 HOH A O   1 
HETATM 1255 O O   . HOH B 2 .   ? -7.517  -5.793  -13.490 1.00 39.60 ? 244 HOH A O   1 
HETATM 1256 O O   . HOH B 2 .   ? 17.905  -5.219  -3.919  1.00 29.90 ? 245 HOH A O   1 
HETATM 1257 O O   . HOH B 2 .   ? 29.205  3.202   -1.069  1.00 34.67 ? 246 HOH A O   1 
HETATM 1258 O O   . HOH B 2 .   ? -2.390  13.341  10.519  1.00 40.06 ? 247 HOH A O   1 
HETATM 1259 O O   . HOH B 2 .   ? 3.852   -1.147  -0.244  1.00 27.68 ? 248 HOH A O   1 
HETATM 1260 O O   . HOH B 2 .   ? 27.710  0.561   15.777  1.00 36.39 ? 249 HOH A O   1 
HETATM 1261 O O   . HOH B 2 .   ? 6.669   10.251  18.028  1.00 40.94 ? 250 HOH A O   1 
HETATM 1262 O O   . HOH B 2 .   ? -5.592  -8.151  -14.405 1.00 41.92 ? 251 HOH A O   1 
HETATM 1263 O O   . HOH B 2 .   ? 3.795   13.926  -5.204  1.00 36.03 ? 252 HOH A O   1 
HETATM 1264 O O   . HOH B 2 .   ? -10.504 -16.843 -1.855  1.00 31.62 ? 253 HOH A O   1 
HETATM 1265 O O   . HOH B 2 .   ? 8.659   4.201   -0.945  1.00 59.69 ? 254 HOH A O   1 
HETATM 1266 O O   . HOH B 2 .   ? 4.972   -3.067  -15.790 1.00 42.36 ? 255 HOH A O   1 
HETATM 1267 O O   . HOH B 2 .   ? -6.516  12.214  -4.114  1.00 36.99 ? 256 HOH A O   1 
HETATM 1268 O O   . HOH B 2 .   ? 6.001   -4.589  -2.894  1.00 37.51 ? 257 HOH A O   1 
HETATM 1269 O O   . HOH B 2 .   ? 10.350  16.367  -6.898  1.00 30.09 ? 258 HOH A O   1 
HETATM 1270 O O   . HOH B 2 .   ? -26.013 4.773   -2.504  1.00 43.64 ? 259 HOH A O   1 
HETATM 1271 O O   . HOH B 2 .   ? 8.833   15.474  -4.937  1.00 32.93 ? 260 HOH A O   1 
HETATM 1272 O O   . HOH B 2 .   ? -21.765 5.181   6.248   1.00 46.27 ? 261 HOH A O   1 
HETATM 1273 O O   . HOH B 2 .   ? 27.597  3.912   13.905  1.00 34.42 ? 262 HOH A O   1 
HETATM 1274 O O   . HOH B 2 .   ? -17.242 2.382   -16.108 1.00 39.10 ? 263 HOH A O   1 
HETATM 1275 O O   . HOH B 2 .   ? 2.913   2.292   -11.734 1.00 22.78 ? 264 HOH A O   1 
HETATM 1276 O O   . HOH B 2 .   ? -17.832 3.022   -0.725  1.00 25.54 ? 265 HOH A O   1 
HETATM 1277 O O   . HOH B 2 .   ? 12.576  2.078   17.011  1.00 33.31 ? 266 HOH A O   1 
HETATM 1278 O O   . HOH B 2 .   ? 1.884   -0.071  0.589   1.00 35.98 ? 267 HOH A O   1 
HETATM 1279 O O   . HOH B 2 .   ? -17.479 -10.726 5.665   1.00 34.37 ? 268 HOH A O   1 
HETATM 1280 O O   . HOH B 2 .   ? 21.131  -6.855  -0.783  1.00 30.62 ? 269 HOH A O   1 
HETATM 1281 O O   . HOH B 2 .   ? 30.889  4.095   10.241  1.00 30.93 ? 270 HOH A O   1 
HETATM 1282 O O   . HOH B 2 .   ? -3.304  3.534   -12.339 1.00 34.21 ? 271 HOH A O   1 
HETATM 1283 O O   . HOH B 2 .   ? -5.489  -11.697 3.811   1.00 34.61 ? 272 HOH A O   1 
HETATM 1284 O O   . HOH B 2 .   ? -15.105 -1.353  -5.290  1.00 32.86 ? 273 HOH A O   1 
HETATM 1285 O O   . HOH B 2 .   ? 13.529  1.072   -10.841 1.00 33.09 ? 274 HOH A O   1 
HETATM 1286 O O   . HOH B 2 .   ? 4.356   -6.836  -17.463 1.00 30.28 ? 275 HOH A O   1 
HETATM 1287 O O   . HOH B 2 .   ? 16.537  -3.783  -9.907  1.00 36.67 ? 276 HOH A O   1 
HETATM 1288 O O   . HOH B 2 .   ? 17.205  -4.887  -12.716 1.00 36.29 ? 277 HOH A O   1 
HETATM 1289 O O   . HOH B 2 .   ? 8.249   9.089   19.555  1.00 41.22 ? 278 HOH A O   1 
HETATM 1290 O O   . HOH B 2 .   ? 13.012  16.426  -8.214  1.00 35.49 ? 279 HOH A O   1 
HETATM 1291 O O   . HOH B 2 .   ? 14.971  15.732  -10.059 1.00 37.69 ? 280 HOH A O   1 
HETATM 1292 O O   . HOH B 2 .   ? -14.927 -9.645  4.956   1.00 38.40 ? 281 HOH A O   1 
HETATM 1293 O O   . HOH B 2 .   ? -12.903 -14.169 -6.547  1.00 37.69 ? 282 HOH A O   1 
HETATM 1294 O O   . HOH B 2 .   ? -29.006 3.473   5.065   1.00 34.79 ? 283 HOH A O   1 
HETATM 1295 O O   . HOH B 2 .   ? -19.230 0.699   -6.719  1.00 39.26 ? 284 HOH A O   1 
HETATM 1296 O O   . HOH B 2 .   ? -4.391  8.821   7.473   1.00 40.29 ? 285 HOH A O   1 
HETATM 1297 O O   . HOH B 2 .   ? -3.487  11.673  -6.534  1.00 31.12 ? 286 HOH A O   1 
HETATM 1298 O O   . HOH B 2 .   ? -9.314  6.537   9.319   1.00 34.52 ? 287 HOH A O   1 
HETATM 1299 O O   . HOH B 2 .   ? -10.023 1.012   11.045  1.00 37.73 ? 288 HOH A O   1 
HETATM 1300 O O   . HOH B 2 .   ? -0.299  12.766  -6.896  1.00 33.80 ? 289 HOH A O   1 
HETATM 1301 O O   . HOH B 2 .   ? 22.992  -0.522  -10.734 1.00 36.60 ? 290 HOH A O   1 
HETATM 1302 O O   . HOH B 2 .   ? -22.044 -9.500  -4.263  1.00 35.18 ? 291 HOH A O   1 
HETATM 1303 O O   . HOH B 2 .   ? -28.275 1.025   -3.687  1.00 38.55 ? 292 HOH A O   1 
# 
